data_3H4C
# 
_entry.id   3H4C 
# 
_audit_conform.dict_name       mmcif_pdbx.dic 
_audit_conform.dict_version    5.387 
_audit_conform.dict_location   http://mmcif.pdb.org/dictionaries/ascii/mmcif_pdbx.dic 
# 
loop_
_database_2.database_id 
_database_2.database_code 
_database_2.pdbx_database_accession 
_database_2.pdbx_DOI 
PDB   3H4C         pdb_00003h4c 10.2210/pdb3h4c/pdb 
RCSB  RCSB052675   ?            ?                   
WWPDB D_1000052675 ?            ?                   
# 
loop_
_pdbx_audit_revision_history.ordinal 
_pdbx_audit_revision_history.data_content_type 
_pdbx_audit_revision_history.major_revision 
_pdbx_audit_revision_history.minor_revision 
_pdbx_audit_revision_history.revision_date 
1 'Structure model' 1 0 2009-08-11 
2 'Structure model' 1 1 2011-07-13 
3 'Structure model' 1 2 2024-02-21 
# 
_pdbx_audit_revision_details.ordinal             1 
_pdbx_audit_revision_details.revision_ordinal    1 
_pdbx_audit_revision_details.data_content_type   'Structure model' 
_pdbx_audit_revision_details.provider            repository 
_pdbx_audit_revision_details.type                'Initial release' 
_pdbx_audit_revision_details.description         ? 
_pdbx_audit_revision_details.details             ? 
# 
loop_
_pdbx_audit_revision_group.ordinal 
_pdbx_audit_revision_group.revision_ordinal 
_pdbx_audit_revision_group.data_content_type 
_pdbx_audit_revision_group.group 
1 2 'Structure model' Advisory                    
2 2 'Structure model' 'Version format compliance' 
3 3 'Structure model' 'Data collection'           
4 3 'Structure model' 'Database references'       
5 3 'Structure model' 'Derived calculations'      
# 
loop_
_pdbx_audit_revision_category.ordinal 
_pdbx_audit_revision_category.revision_ordinal 
_pdbx_audit_revision_category.data_content_type 
_pdbx_audit_revision_category.category 
1 3 'Structure model' chem_comp_atom     
2 3 'Structure model' chem_comp_bond     
3 3 'Structure model' database_2         
4 3 'Structure model' struct_ref_seq_dif 
5 3 'Structure model' struct_site        
# 
loop_
_pdbx_audit_revision_item.ordinal 
_pdbx_audit_revision_item.revision_ordinal 
_pdbx_audit_revision_item.data_content_type 
_pdbx_audit_revision_item.item 
1 3 'Structure model' '_database_2.pdbx_DOI'                
2 3 'Structure model' '_database_2.pdbx_database_accession' 
3 3 'Structure model' '_struct_ref_seq_dif.details'         
4 3 'Structure model' '_struct_site.pdbx_auth_asym_id'      
5 3 'Structure model' '_struct_site.pdbx_auth_comp_id'      
6 3 'Structure model' '_struct_site.pdbx_auth_seq_id'       
# 
_pdbx_database_status.status_code                     REL 
_pdbx_database_status.entry_id                        3H4C 
_pdbx_database_status.recvd_initial_deposition_date   2009-04-18 
_pdbx_database_status.deposit_site                    RCSB 
_pdbx_database_status.process_site                    RCSB 
_pdbx_database_status.status_code_sf                  REL 
_pdbx_database_status.status_code_mr                  ? 
_pdbx_database_status.SG_entry                        ? 
_pdbx_database_status.pdb_format_compatible           Y 
_pdbx_database_status.status_code_cs                  ? 
_pdbx_database_status.status_code_nmr_data            ? 
_pdbx_database_status.methods_development_category    ? 
# 
loop_
_audit_author.name 
_audit_author.pdbx_ordinal 
'Syed Ibrahim, B.' 1 
'Kanneganti, N.'   2 
'Rieckhof, G.E.'   3 
'Das, A.'          4 
'Laurents, D.V.'   5 
'Palenchar, J.B.'  6 
'Bellofatto, V.'   7 
'Wah, D.A.'        8 
# 
_citation.id                        primary 
_citation.title                     'Structure of the C-terminal domain of transcription factor IIB from Trypanosoma brucei.' 
_citation.journal_abbrev            Proc.Natl.Acad.Sci.USA 
_citation.journal_volume            106 
_citation.page_first                13242 
_citation.page_last                 13247 
_citation.year                      2009 
_citation.journal_id_ASTM           PNASA6 
_citation.country                   US 
_citation.journal_id_ISSN           0027-8424 
_citation.journal_id_CSD            0040 
_citation.book_publisher            ? 
_citation.pdbx_database_id_PubMed   19666603 
_citation.pdbx_database_id_DOI      10.1073/pnas.0904309106 
# 
loop_
_citation_author.citation_id 
_citation_author.name 
_citation_author.ordinal 
_citation_author.identifier_ORCID 
primary 'Ibrahim, B.S.'   1 ? 
primary 'Kanneganti, N.'  2 ? 
primary 'Rieckhof, G.E.'  3 ? 
primary 'Das, A.'         4 ? 
primary 'Laurents, D.V.'  5 ? 
primary 'Palenchar, J.B.' 6 ? 
primary 'Bellofatto, V.'  7 ? 
primary 'Wah, D.A.'       8 ? 
# 
loop_
_entity.id 
_entity.type 
_entity.src_method 
_entity.pdbx_description 
_entity.formula_weight 
_entity.pdbx_number_of_molecules 
_entity.pdbx_ec 
_entity.pdbx_mutation 
_entity.pdbx_fragment 
_entity.details 
1 polymer     man 'Transcription factor TFIIB-like' 28609.207 1  ? ? 'C-terminal domain' ? 
2 non-polymer syn 1,2-ETHANEDIOL                    62.068    1  ? ? ?                   ? 
3 water       nat water                             18.015    56 ? ? ?                   ? 
# 
_entity_poly.entity_id                      1 
_entity_poly.type                           'polypeptide(L)' 
_entity_poly.nstd_linkage                   no 
_entity_poly.nstd_monomer                   no 
_entity_poly.pdbx_seq_one_letter_code       
;GMSSTSSKVVLHPTMLNCMRGLHKKAVLPEPVLDRGIELARAFVGGRRARGQRVERQPDVAAACLMIAAEEAQQPLPLAE
VRCLDSSLGDVELRRADIVRELHLEDSERRLRDTFADNLLVKYILKLGLQVSLYLPHCKRLLTALGRVEALAGLTVADRV
TTALLLARTAQTLSWEQGTHISKGKECDLGMEAIYANFSSKAHLEVTKVNKIMHLAVDVLPLIQAAFQDCGEPTAGKRKV
DKNSEPEASGGTKRVKREET
;
_entity_poly.pdbx_seq_one_letter_code_can   
;GMSSTSSKVVLHPTMLNCMRGLHKKAVLPEPVLDRGIELARAFVGGRRARGQRVERQPDVAAACLMIAAEEAQQPLPLAE
VRCLDSSLGDVELRRADIVRELHLEDSERRLRDTFADNLLVKYILKLGLQVSLYLPHCKRLLTALGRVEALAGLTVADRV
TTALLLARTAQTLSWEQGTHISKGKECDLGMEAIYANFSSKAHLEVTKVNKIMHLAVDVLPLIQAAFQDCGEPTAGKRKV
DKNSEPEASGGTKRVKREET
;
_entity_poly.pdbx_strand_id                 A 
_entity_poly.pdbx_target_identifier         ? 
# 
loop_
_pdbx_entity_nonpoly.entity_id 
_pdbx_entity_nonpoly.name 
_pdbx_entity_nonpoly.comp_id 
2 1,2-ETHANEDIOL EDO 
3 water          HOH 
# 
loop_
_entity_poly_seq.entity_id 
_entity_poly_seq.num 
_entity_poly_seq.mon_id 
_entity_poly_seq.hetero 
1 1   GLY n 
1 2   MET n 
1 3   SER n 
1 4   SER n 
1 5   THR n 
1 6   SER n 
1 7   SER n 
1 8   LYS n 
1 9   VAL n 
1 10  VAL n 
1 11  LEU n 
1 12  HIS n 
1 13  PRO n 
1 14  THR n 
1 15  MET n 
1 16  LEU n 
1 17  ASN n 
1 18  CYS n 
1 19  MET n 
1 20  ARG n 
1 21  GLY n 
1 22  LEU n 
1 23  HIS n 
1 24  LYS n 
1 25  LYS n 
1 26  ALA n 
1 27  VAL n 
1 28  LEU n 
1 29  PRO n 
1 30  GLU n 
1 31  PRO n 
1 32  VAL n 
1 33  LEU n 
1 34  ASP n 
1 35  ARG n 
1 36  GLY n 
1 37  ILE n 
1 38  GLU n 
1 39  LEU n 
1 40  ALA n 
1 41  ARG n 
1 42  ALA n 
1 43  PHE n 
1 44  VAL n 
1 45  GLY n 
1 46  GLY n 
1 47  ARG n 
1 48  ARG n 
1 49  ALA n 
1 50  ARG n 
1 51  GLY n 
1 52  GLN n 
1 53  ARG n 
1 54  VAL n 
1 55  GLU n 
1 56  ARG n 
1 57  GLN n 
1 58  PRO n 
1 59  ASP n 
1 60  VAL n 
1 61  ALA n 
1 62  ALA n 
1 63  ALA n 
1 64  CYS n 
1 65  LEU n 
1 66  MET n 
1 67  ILE n 
1 68  ALA n 
1 69  ALA n 
1 70  GLU n 
1 71  GLU n 
1 72  ALA n 
1 73  GLN n 
1 74  GLN n 
1 75  PRO n 
1 76  LEU n 
1 77  PRO n 
1 78  LEU n 
1 79  ALA n 
1 80  GLU n 
1 81  VAL n 
1 82  ARG n 
1 83  CYS n 
1 84  LEU n 
1 85  ASP n 
1 86  SER n 
1 87  SER n 
1 88  LEU n 
1 89  GLY n 
1 90  ASP n 
1 91  VAL n 
1 92  GLU n 
1 93  LEU n 
1 94  ARG n 
1 95  ARG n 
1 96  ALA n 
1 97  ASP n 
1 98  ILE n 
1 99  VAL n 
1 100 ARG n 
1 101 GLU n 
1 102 LEU n 
1 103 HIS n 
1 104 LEU n 
1 105 GLU n 
1 106 ASP n 
1 107 SER n 
1 108 GLU n 
1 109 ARG n 
1 110 ARG n 
1 111 LEU n 
1 112 ARG n 
1 113 ASP n 
1 114 THR n 
1 115 PHE n 
1 116 ALA n 
1 117 ASP n 
1 118 ASN n 
1 119 LEU n 
1 120 LEU n 
1 121 VAL n 
1 122 LYS n 
1 123 TYR n 
1 124 ILE n 
1 125 LEU n 
1 126 LYS n 
1 127 LEU n 
1 128 GLY n 
1 129 LEU n 
1 130 GLN n 
1 131 VAL n 
1 132 SER n 
1 133 LEU n 
1 134 TYR n 
1 135 LEU n 
1 136 PRO n 
1 137 HIS n 
1 138 CYS n 
1 139 LYS n 
1 140 ARG n 
1 141 LEU n 
1 142 LEU n 
1 143 THR n 
1 144 ALA n 
1 145 LEU n 
1 146 GLY n 
1 147 ARG n 
1 148 VAL n 
1 149 GLU n 
1 150 ALA n 
1 151 LEU n 
1 152 ALA n 
1 153 GLY n 
1 154 LEU n 
1 155 THR n 
1 156 VAL n 
1 157 ALA n 
1 158 ASP n 
1 159 ARG n 
1 160 VAL n 
1 161 THR n 
1 162 THR n 
1 163 ALA n 
1 164 LEU n 
1 165 LEU n 
1 166 LEU n 
1 167 ALA n 
1 168 ARG n 
1 169 THR n 
1 170 ALA n 
1 171 GLN n 
1 172 THR n 
1 173 LEU n 
1 174 SER n 
1 175 TRP n 
1 176 GLU n 
1 177 GLN n 
1 178 GLY n 
1 179 THR n 
1 180 HIS n 
1 181 ILE n 
1 182 SER n 
1 183 LYS n 
1 184 GLY n 
1 185 LYS n 
1 186 GLU n 
1 187 CYS n 
1 188 ASP n 
1 189 LEU n 
1 190 GLY n 
1 191 MET n 
1 192 GLU n 
1 193 ALA n 
1 194 ILE n 
1 195 TYR n 
1 196 ALA n 
1 197 ASN n 
1 198 PHE n 
1 199 SER n 
1 200 SER n 
1 201 LYS n 
1 202 ALA n 
1 203 HIS n 
1 204 LEU n 
1 205 GLU n 
1 206 VAL n 
1 207 THR n 
1 208 LYS n 
1 209 VAL n 
1 210 ASN n 
1 211 LYS n 
1 212 ILE n 
1 213 MET n 
1 214 HIS n 
1 215 LEU n 
1 216 ALA n 
1 217 VAL n 
1 218 ASP n 
1 219 VAL n 
1 220 LEU n 
1 221 PRO n 
1 222 LEU n 
1 223 ILE n 
1 224 GLN n 
1 225 ALA n 
1 226 ALA n 
1 227 PHE n 
1 228 GLN n 
1 229 ASP n 
1 230 CYS n 
1 231 GLY n 
1 232 GLU n 
1 233 PRO n 
1 234 THR n 
1 235 ALA n 
1 236 GLY n 
1 237 LYS n 
1 238 ARG n 
1 239 LYS n 
1 240 VAL n 
1 241 ASP n 
1 242 LYS n 
1 243 ASN n 
1 244 SER n 
1 245 GLU n 
1 246 PRO n 
1 247 GLU n 
1 248 ALA n 
1 249 SER n 
1 250 GLY n 
1 251 GLY n 
1 252 THR n 
1 253 LYS n 
1 254 ARG n 
1 255 VAL n 
1 256 LYS n 
1 257 ARG n 
1 258 GLU n 
1 259 GLU n 
1 260 THR n 
# 
_entity_src_gen.entity_id                          1 
_entity_src_gen.pdbx_src_id                        1 
_entity_src_gen.pdbx_alt_source_flag               sample 
_entity_src_gen.pdbx_seq_type                      ? 
_entity_src_gen.pdbx_beg_seq_num                   ? 
_entity_src_gen.pdbx_end_seq_num                   ? 
_entity_src_gen.gene_src_common_name               ? 
_entity_src_gen.gene_src_genus                     ? 
_entity_src_gen.pdbx_gene_src_gene                 TFIIB-like 
_entity_src_gen.gene_src_species                   ? 
_entity_src_gen.gene_src_strain                    427 
_entity_src_gen.gene_src_tissue                    ? 
_entity_src_gen.gene_src_tissue_fraction           ? 
_entity_src_gen.gene_src_details                   ? 
_entity_src_gen.pdbx_gene_src_fragment             ? 
_entity_src_gen.pdbx_gene_src_scientific_name      'Trypanosoma brucei brucei' 
_entity_src_gen.pdbx_gene_src_ncbi_taxonomy_id     5702 
_entity_src_gen.pdbx_gene_src_variant              ? 
_entity_src_gen.pdbx_gene_src_cell_line            ? 
_entity_src_gen.pdbx_gene_src_atcc                 ? 
_entity_src_gen.pdbx_gene_src_organ                ? 
_entity_src_gen.pdbx_gene_src_organelle            ? 
_entity_src_gen.pdbx_gene_src_cell                 ? 
_entity_src_gen.pdbx_gene_src_cellular_location    ? 
_entity_src_gen.host_org_common_name               ? 
_entity_src_gen.pdbx_host_org_scientific_name      'Escherichia coli' 
_entity_src_gen.pdbx_host_org_ncbi_taxonomy_id     562 
_entity_src_gen.host_org_genus                     ? 
_entity_src_gen.pdbx_host_org_gene                 ? 
_entity_src_gen.pdbx_host_org_organ                ? 
_entity_src_gen.host_org_species                   ? 
_entity_src_gen.pdbx_host_org_tissue               ? 
_entity_src_gen.pdbx_host_org_tissue_fraction      ? 
_entity_src_gen.pdbx_host_org_strain               ? 
_entity_src_gen.pdbx_host_org_variant              ? 
_entity_src_gen.pdbx_host_org_cell_line            ? 
_entity_src_gen.pdbx_host_org_atcc                 ? 
_entity_src_gen.pdbx_host_org_culture_collection   ? 
_entity_src_gen.pdbx_host_org_cell                 ? 
_entity_src_gen.pdbx_host_org_organelle            ? 
_entity_src_gen.pdbx_host_org_cellular_location    ? 
_entity_src_gen.pdbx_host_org_vector_type          ? 
_entity_src_gen.pdbx_host_org_vector               ? 
_entity_src_gen.host_org_details                   ? 
_entity_src_gen.expression_system_id               ? 
_entity_src_gen.plasmid_name                       ? 
_entity_src_gen.plasmid_details                    ? 
_entity_src_gen.pdbx_description                   ? 
# 
loop_
_chem_comp.id 
_chem_comp.type 
_chem_comp.mon_nstd_flag 
_chem_comp.name 
_chem_comp.pdbx_synonyms 
_chem_comp.formula 
_chem_comp.formula_weight 
ALA 'L-peptide linking' y ALANINE         ?                 'C3 H7 N O2'     89.093  
ARG 'L-peptide linking' y ARGININE        ?                 'C6 H15 N4 O2 1' 175.209 
ASN 'L-peptide linking' y ASPARAGINE      ?                 'C4 H8 N2 O3'    132.118 
ASP 'L-peptide linking' y 'ASPARTIC ACID' ?                 'C4 H7 N O4'     133.103 
CYS 'L-peptide linking' y CYSTEINE        ?                 'C3 H7 N O2 S'   121.158 
EDO non-polymer         . 1,2-ETHANEDIOL  'ETHYLENE GLYCOL' 'C2 H6 O2'       62.068  
GLN 'L-peptide linking' y GLUTAMINE       ?                 'C5 H10 N2 O3'   146.144 
GLU 'L-peptide linking' y 'GLUTAMIC ACID' ?                 'C5 H9 N O4'     147.129 
GLY 'peptide linking'   y GLYCINE         ?                 'C2 H5 N O2'     75.067  
HIS 'L-peptide linking' y HISTIDINE       ?                 'C6 H10 N3 O2 1' 156.162 
HOH non-polymer         . WATER           ?                 'H2 O'           18.015  
ILE 'L-peptide linking' y ISOLEUCINE      ?                 'C6 H13 N O2'    131.173 
LEU 'L-peptide linking' y LEUCINE         ?                 'C6 H13 N O2'    131.173 
LYS 'L-peptide linking' y LYSINE          ?                 'C6 H15 N2 O2 1' 147.195 
MET 'L-peptide linking' y METHIONINE      ?                 'C5 H11 N O2 S'  149.211 
PHE 'L-peptide linking' y PHENYLALANINE   ?                 'C9 H11 N O2'    165.189 
PRO 'L-peptide linking' y PROLINE         ?                 'C5 H9 N O2'     115.130 
SER 'L-peptide linking' y SERINE          ?                 'C3 H7 N O3'     105.093 
THR 'L-peptide linking' y THREONINE       ?                 'C4 H9 N O3'     119.119 
TRP 'L-peptide linking' y TRYPTOPHAN      ?                 'C11 H12 N2 O2'  204.225 
TYR 'L-peptide linking' y TYROSINE        ?                 'C9 H11 N O3'    181.189 
VAL 'L-peptide linking' y VALINE          ?                 'C5 H11 N O2'    117.146 
# 
loop_
_pdbx_poly_seq_scheme.asym_id 
_pdbx_poly_seq_scheme.entity_id 
_pdbx_poly_seq_scheme.seq_id 
_pdbx_poly_seq_scheme.mon_id 
_pdbx_poly_seq_scheme.ndb_seq_num 
_pdbx_poly_seq_scheme.pdb_seq_num 
_pdbx_poly_seq_scheme.auth_seq_num 
_pdbx_poly_seq_scheme.pdb_mon_id 
_pdbx_poly_seq_scheme.auth_mon_id 
_pdbx_poly_seq_scheme.pdb_strand_id 
_pdbx_poly_seq_scheme.pdb_ins_code 
_pdbx_poly_seq_scheme.hetero 
A 1 1   GLY 1   86  ?   ?   ?   A . n 
A 1 2   MET 2   87  ?   ?   ?   A . n 
A 1 3   SER 3   88  ?   ?   ?   A . n 
A 1 4   SER 4   89  ?   ?   ?   A . n 
A 1 5   THR 5   90  ?   ?   ?   A . n 
A 1 6   SER 6   91  ?   ?   ?   A . n 
A 1 7   SER 7   92  ?   ?   ?   A . n 
A 1 8   LYS 8   93  ?   ?   ?   A . n 
A 1 9   VAL 9   94  94  VAL VAL A . n 
A 1 10  VAL 10  95  95  VAL VAL A . n 
A 1 11  LEU 11  96  96  LEU LEU A . n 
A 1 12  HIS 12  97  97  HIS HIS A . n 
A 1 13  PRO 13  98  98  PRO PRO A . n 
A 1 14  THR 14  99  99  THR THR A . n 
A 1 15  MET 15  100 100 MET MET A . n 
A 1 16  LEU 16  101 101 LEU LEU A . n 
A 1 17  ASN 17  102 102 ASN ASN A . n 
A 1 18  CYS 18  103 103 CYS CYS A . n 
A 1 19  MET 19  104 104 MET MET A . n 
A 1 20  ARG 20  105 105 ARG ARG A . n 
A 1 21  GLY 21  106 106 GLY GLY A . n 
A 1 22  LEU 22  107 107 LEU LEU A . n 
A 1 23  HIS 23  108 108 HIS HIS A . n 
A 1 24  LYS 24  109 109 LYS LYS A . n 
A 1 25  LYS 25  110 110 LYS LYS A . n 
A 1 26  ALA 26  111 111 ALA ALA A . n 
A 1 27  VAL 27  112 112 VAL VAL A . n 
A 1 28  LEU 28  113 113 LEU LEU A . n 
A 1 29  PRO 29  114 114 PRO PRO A . n 
A 1 30  GLU 30  115 115 GLU GLU A . n 
A 1 31  PRO 31  116 116 PRO PRO A . n 
A 1 32  VAL 32  117 117 VAL VAL A . n 
A 1 33  LEU 33  118 118 LEU LEU A . n 
A 1 34  ASP 34  119 119 ASP ASP A . n 
A 1 35  ARG 35  120 120 ARG ARG A . n 
A 1 36  GLY 36  121 121 GLY GLY A . n 
A 1 37  ILE 37  122 122 ILE ILE A . n 
A 1 38  GLU 38  123 123 GLU GLU A . n 
A 1 39  LEU 39  124 124 LEU LEU A . n 
A 1 40  ALA 40  125 125 ALA ALA A . n 
A 1 41  ARG 41  126 126 ARG ARG A . n 
A 1 42  ALA 42  127 127 ALA ALA A . n 
A 1 43  PHE 43  128 128 PHE PHE A . n 
A 1 44  VAL 44  129 129 VAL VAL A . n 
A 1 45  GLY 45  130 130 GLY GLY A . n 
A 1 46  GLY 46  131 131 GLY GLY A . n 
A 1 47  ARG 47  132 132 ARG ARG A . n 
A 1 48  ARG 48  133 133 ARG ARG A . n 
A 1 49  ALA 49  134 134 ALA ALA A . n 
A 1 50  ARG 50  135 135 ARG ARG A . n 
A 1 51  GLY 51  136 136 GLY GLY A . n 
A 1 52  GLN 52  137 137 GLN GLN A . n 
A 1 53  ARG 53  138 138 ARG ARG A . n 
A 1 54  VAL 54  139 139 VAL VAL A . n 
A 1 55  GLU 55  140 140 GLU GLU A . n 
A 1 56  ARG 56  141 141 ARG ARG A . n 
A 1 57  GLN 57  142 142 GLN GLN A . n 
A 1 58  PRO 58  143 143 PRO PRO A . n 
A 1 59  ASP 59  144 144 ASP ASP A . n 
A 1 60  VAL 60  145 145 VAL VAL A . n 
A 1 61  ALA 61  146 146 ALA ALA A . n 
A 1 62  ALA 62  147 147 ALA ALA A . n 
A 1 63  ALA 63  148 148 ALA ALA A . n 
A 1 64  CYS 64  149 149 CYS CYS A . n 
A 1 65  LEU 65  150 150 LEU LEU A . n 
A 1 66  MET 66  151 151 MET MET A . n 
A 1 67  ILE 67  152 152 ILE ILE A . n 
A 1 68  ALA 68  153 153 ALA ALA A . n 
A 1 69  ALA 69  154 154 ALA ALA A . n 
A 1 70  GLU 70  155 155 GLU GLU A . n 
A 1 71  GLU 71  156 156 GLU GLU A . n 
A 1 72  ALA 72  157 157 ALA ALA A . n 
A 1 73  GLN 73  158 158 GLN GLN A . n 
A 1 74  GLN 74  159 159 GLN GLN A . n 
A 1 75  PRO 75  160 160 PRO PRO A . n 
A 1 76  LEU 76  161 161 LEU LEU A . n 
A 1 77  PRO 77  162 162 PRO PRO A . n 
A 1 78  LEU 78  163 163 LEU LEU A . n 
A 1 79  ALA 79  164 164 ALA ALA A . n 
A 1 80  GLU 80  165 165 GLU GLU A . n 
A 1 81  VAL 81  166 166 VAL VAL A . n 
A 1 82  ARG 82  167 167 ARG ARG A . n 
A 1 83  CYS 83  168 168 CYS CYS A . n 
A 1 84  LEU 84  169 169 LEU LEU A . n 
A 1 85  ASP 85  170 170 ASP ASP A . n 
A 1 86  SER 86  171 171 SER SER A . n 
A 1 87  SER 87  172 172 SER SER A . n 
A 1 88  LEU 88  173 173 LEU LEU A . n 
A 1 89  GLY 89  174 174 GLY GLY A . n 
A 1 90  ASP 90  175 175 ASP ASP A . n 
A 1 91  VAL 91  176 176 VAL VAL A . n 
A 1 92  GLU 92  177 177 GLU GLU A . n 
A 1 93  LEU 93  178 178 LEU LEU A . n 
A 1 94  ARG 94  179 179 ARG ARG A . n 
A 1 95  ARG 95  180 180 ARG ARG A . n 
A 1 96  ALA 96  181 181 ALA ALA A . n 
A 1 97  ASP 97  182 182 ASP ASP A . n 
A 1 98  ILE 98  183 183 ILE ILE A . n 
A 1 99  VAL 99  184 184 VAL VAL A . n 
A 1 100 ARG 100 185 185 ARG ARG A . n 
A 1 101 GLU 101 186 186 GLU GLU A . n 
A 1 102 LEU 102 187 187 LEU LEU A . n 
A 1 103 HIS 103 188 188 HIS HIS A . n 
A 1 104 LEU 104 189 189 LEU LEU A . n 
A 1 105 GLU 105 190 190 GLU GLU A . n 
A 1 106 ASP 106 191 191 ASP ASP A . n 
A 1 107 SER 107 192 192 SER SER A . n 
A 1 108 GLU 108 193 193 GLU GLU A . n 
A 1 109 ARG 109 194 194 ARG ARG A . n 
A 1 110 ARG 110 195 195 ARG ARG A . n 
A 1 111 LEU 111 196 196 LEU LEU A . n 
A 1 112 ARG 112 197 197 ARG ARG A . n 
A 1 113 ASP 113 198 198 ASP ASP A . n 
A 1 114 THR 114 199 199 THR THR A . n 
A 1 115 PHE 115 200 200 PHE PHE A . n 
A 1 116 ALA 116 201 201 ALA ALA A . n 
A 1 117 ASP 117 202 202 ASP ASP A . n 
A 1 118 ASN 118 203 203 ASN ASN A . n 
A 1 119 LEU 119 204 204 LEU LEU A . n 
A 1 120 LEU 120 205 205 LEU LEU A . n 
A 1 121 VAL 121 206 206 VAL VAL A . n 
A 1 122 LYS 122 207 207 LYS LYS A . n 
A 1 123 TYR 123 208 208 TYR TYR A . n 
A 1 124 ILE 124 209 209 ILE ILE A . n 
A 1 125 LEU 125 210 210 LEU LEU A . n 
A 1 126 LYS 126 211 211 LYS LYS A . n 
A 1 127 LEU 127 212 212 LEU LEU A . n 
A 1 128 GLY 128 213 213 GLY GLY A . n 
A 1 129 LEU 129 214 214 LEU LEU A . n 
A 1 130 GLN 130 215 215 GLN GLN A . n 
A 1 131 VAL 131 216 216 VAL VAL A . n 
A 1 132 SER 132 217 217 SER SER A . n 
A 1 133 LEU 133 218 218 LEU LEU A . n 
A 1 134 TYR 134 219 219 TYR TYR A . n 
A 1 135 LEU 135 220 220 LEU LEU A . n 
A 1 136 PRO 136 221 221 PRO PRO A . n 
A 1 137 HIS 137 222 222 HIS HIS A . n 
A 1 138 CYS 138 223 223 CYS CYS A . n 
A 1 139 LYS 139 224 224 LYS LYS A . n 
A 1 140 ARG 140 225 225 ARG ARG A . n 
A 1 141 LEU 141 226 226 LEU LEU A . n 
A 1 142 LEU 142 227 227 LEU LEU A . n 
A 1 143 THR 143 228 228 THR THR A . n 
A 1 144 ALA 144 229 229 ALA ALA A . n 
A 1 145 LEU 145 230 230 LEU LEU A . n 
A 1 146 GLY 146 231 231 GLY GLY A . n 
A 1 147 ARG 147 232 232 ARG ARG A . n 
A 1 148 VAL 148 233 233 VAL VAL A . n 
A 1 149 GLU 149 234 234 GLU GLU A . n 
A 1 150 ALA 150 235 235 ALA ALA A . n 
A 1 151 LEU 151 236 236 LEU LEU A . n 
A 1 152 ALA 152 237 237 ALA ALA A . n 
A 1 153 GLY 153 238 238 GLY GLY A . n 
A 1 154 LEU 154 239 239 LEU LEU A . n 
A 1 155 THR 155 240 240 THR THR A . n 
A 1 156 VAL 156 241 241 VAL VAL A . n 
A 1 157 ALA 157 242 242 ALA ALA A . n 
A 1 158 ASP 158 243 243 ASP ASP A . n 
A 1 159 ARG 159 244 244 ARG ARG A . n 
A 1 160 VAL 160 245 245 VAL VAL A . n 
A 1 161 THR 161 246 246 THR THR A . n 
A 1 162 THR 162 247 247 THR THR A . n 
A 1 163 ALA 163 248 248 ALA ALA A . n 
A 1 164 LEU 164 249 249 LEU LEU A . n 
A 1 165 LEU 165 250 250 LEU LEU A . n 
A 1 166 LEU 166 251 251 LEU LEU A . n 
A 1 167 ALA 167 252 252 ALA ALA A . n 
A 1 168 ARG 168 253 253 ARG ARG A . n 
A 1 169 THR 169 254 254 THR THR A . n 
A 1 170 ALA 170 255 255 ALA ALA A . n 
A 1 171 GLN 171 256 256 GLN GLN A . n 
A 1 172 THR 172 257 257 THR THR A . n 
A 1 173 LEU 173 258 258 LEU LEU A . n 
A 1 174 SER 174 259 259 SER SER A . n 
A 1 175 TRP 175 260 260 TRP TRP A . n 
A 1 176 GLU 176 261 261 GLU GLU A . n 
A 1 177 GLN 177 262 ?   ?   ?   A . n 
A 1 178 GLY 178 263 ?   ?   ?   A . n 
A 1 179 THR 179 264 ?   ?   ?   A . n 
A 1 180 HIS 180 265 ?   ?   ?   A . n 
A 1 181 ILE 181 266 ?   ?   ?   A . n 
A 1 182 SER 182 267 ?   ?   ?   A . n 
A 1 183 LYS 183 268 ?   ?   ?   A . n 
A 1 184 GLY 184 269 ?   ?   ?   A . n 
A 1 185 LYS 185 270 ?   ?   ?   A . n 
A 1 186 GLU 186 271 ?   ?   ?   A . n 
A 1 187 CYS 187 272 ?   ?   ?   A . n 
A 1 188 ASP 188 273 ?   ?   ?   A . n 
A 1 189 LEU 189 274 ?   ?   ?   A . n 
A 1 190 GLY 190 275 275 GLY GLY A . n 
A 1 191 MET 191 276 276 MET MET A . n 
A 1 192 GLU 192 277 277 GLU GLU A . n 
A 1 193 ALA 193 278 278 ALA ALA A . n 
A 1 194 ILE 194 279 279 ILE ILE A . n 
A 1 195 TYR 195 280 280 TYR TYR A . n 
A 1 196 ALA 196 281 281 ALA ALA A . n 
A 1 197 ASN 197 282 282 ASN ASN A . n 
A 1 198 PHE 198 283 283 PHE PHE A . n 
A 1 199 SER 199 284 284 SER SER A . n 
A 1 200 SER 200 285 285 SER SER A . n 
A 1 201 LYS 201 286 286 LYS LYS A . n 
A 1 202 ALA 202 287 287 ALA ALA A . n 
A 1 203 HIS 203 288 288 HIS HIS A . n 
A 1 204 LEU 204 289 289 LEU LEU A . n 
A 1 205 GLU 205 290 290 GLU GLU A . n 
A 1 206 VAL 206 291 291 VAL VAL A . n 
A 1 207 THR 207 292 292 THR THR A . n 
A 1 208 LYS 208 293 293 LYS LYS A . n 
A 1 209 VAL 209 294 294 VAL VAL A . n 
A 1 210 ASN 210 295 295 ASN ASN A . n 
A 1 211 LYS 211 296 296 LYS LYS A . n 
A 1 212 ILE 212 297 297 ILE ILE A . n 
A 1 213 MET 213 298 298 MET MET A . n 
A 1 214 HIS 214 299 299 HIS HIS A . n 
A 1 215 LEU 215 300 300 LEU LEU A . n 
A 1 216 ALA 216 301 301 ALA ALA A . n 
A 1 217 VAL 217 302 302 VAL VAL A . n 
A 1 218 ASP 218 303 303 ASP ASP A . n 
A 1 219 VAL 219 304 304 VAL VAL A . n 
A 1 220 LEU 220 305 305 LEU LEU A . n 
A 1 221 PRO 221 306 306 PRO PRO A . n 
A 1 222 LEU 222 307 307 LEU LEU A . n 
A 1 223 ILE 223 308 308 ILE ILE A . n 
A 1 224 GLN 224 309 309 GLN GLN A . n 
A 1 225 ALA 225 310 310 ALA ALA A . n 
A 1 226 ALA 226 311 311 ALA ALA A . n 
A 1 227 PHE 227 312 312 PHE PHE A . n 
A 1 228 GLN 228 313 313 GLN GLN A . n 
A 1 229 ASP 229 314 ?   ?   ?   A . n 
A 1 230 CYS 230 315 ?   ?   ?   A . n 
A 1 231 GLY 231 316 ?   ?   ?   A . n 
A 1 232 GLU 232 317 ?   ?   ?   A . n 
A 1 233 PRO 233 318 ?   ?   ?   A . n 
A 1 234 THR 234 319 ?   ?   ?   A . n 
A 1 235 ALA 235 320 ?   ?   ?   A . n 
A 1 236 GLY 236 321 ?   ?   ?   A . n 
A 1 237 LYS 237 322 ?   ?   ?   A . n 
A 1 238 ARG 238 323 ?   ?   ?   A . n 
A 1 239 LYS 239 324 ?   ?   ?   A . n 
A 1 240 VAL 240 325 ?   ?   ?   A . n 
A 1 241 ASP 241 326 ?   ?   ?   A . n 
A 1 242 LYS 242 327 ?   ?   ?   A . n 
A 1 243 ASN 243 328 ?   ?   ?   A . n 
A 1 244 SER 244 329 ?   ?   ?   A . n 
A 1 245 GLU 245 330 ?   ?   ?   A . n 
A 1 246 PRO 246 331 ?   ?   ?   A . n 
A 1 247 GLU 247 332 ?   ?   ?   A . n 
A 1 248 ALA 248 333 ?   ?   ?   A . n 
A 1 249 SER 249 334 ?   ?   ?   A . n 
A 1 250 GLY 250 335 ?   ?   ?   A . n 
A 1 251 GLY 251 336 ?   ?   ?   A . n 
A 1 252 THR 252 337 ?   ?   ?   A . n 
A 1 253 LYS 253 338 ?   ?   ?   A . n 
A 1 254 ARG 254 339 ?   ?   ?   A . n 
A 1 255 VAL 255 340 ?   ?   ?   A . n 
A 1 256 LYS 256 341 ?   ?   ?   A . n 
A 1 257 ARG 257 342 ?   ?   ?   A . n 
A 1 258 GLU 258 343 ?   ?   ?   A . n 
A 1 259 GLU 259 344 ?   ?   ?   A . n 
A 1 260 THR 260 345 ?   ?   ?   A . n 
# 
loop_
_pdbx_nonpoly_scheme.asym_id 
_pdbx_nonpoly_scheme.entity_id 
_pdbx_nonpoly_scheme.mon_id 
_pdbx_nonpoly_scheme.ndb_seq_num 
_pdbx_nonpoly_scheme.pdb_seq_num 
_pdbx_nonpoly_scheme.auth_seq_num 
_pdbx_nonpoly_scheme.pdb_mon_id 
_pdbx_nonpoly_scheme.auth_mon_id 
_pdbx_nonpoly_scheme.pdb_strand_id 
_pdbx_nonpoly_scheme.pdb_ins_code 
B 2 EDO 1  1000 1000 EDO EDO A . 
C 3 HOH 1  1    1    HOH HOH A . 
C 3 HOH 2  2    2    HOH HOH A . 
C 3 HOH 3  3    3    HOH HOH A . 
C 3 HOH 4  4    4    HOH HOH A . 
C 3 HOH 5  5    5    HOH HOH A . 
C 3 HOH 6  6    6    HOH HOH A . 
C 3 HOH 7  7    7    HOH HOH A . 
C 3 HOH 8  8    8    HOH HOH A . 
C 3 HOH 9  9    9    HOH HOH A . 
C 3 HOH 10 10   10   HOH HOH A . 
C 3 HOH 11 11   11   HOH HOH A . 
C 3 HOH 12 12   12   HOH HOH A . 
C 3 HOH 13 13   13   HOH HOH A . 
C 3 HOH 14 14   14   HOH HOH A . 
C 3 HOH 15 15   15   HOH HOH A . 
C 3 HOH 16 16   16   HOH HOH A . 
C 3 HOH 17 17   17   HOH HOH A . 
C 3 HOH 18 18   18   HOH HOH A . 
C 3 HOH 19 19   19   HOH HOH A . 
C 3 HOH 20 20   20   HOH HOH A . 
C 3 HOH 21 21   21   HOH HOH A . 
C 3 HOH 22 22   22   HOH HOH A . 
C 3 HOH 23 23   23   HOH HOH A . 
C 3 HOH 24 24   24   HOH HOH A . 
C 3 HOH 25 25   25   HOH HOH A . 
C 3 HOH 26 26   26   HOH HOH A . 
C 3 HOH 27 27   27   HOH HOH A . 
C 3 HOH 28 28   28   HOH HOH A . 
C 3 HOH 29 29   29   HOH HOH A . 
C 3 HOH 30 30   30   HOH HOH A . 
C 3 HOH 31 31   31   HOH HOH A . 
C 3 HOH 32 32   32   HOH HOH A . 
C 3 HOH 33 33   33   HOH HOH A . 
C 3 HOH 34 34   34   HOH HOH A . 
C 3 HOH 35 35   35   HOH HOH A . 
C 3 HOH 36 36   36   HOH HOH A . 
C 3 HOH 37 37   37   HOH HOH A . 
C 3 HOH 38 38   38   HOH HOH A . 
C 3 HOH 39 39   39   HOH HOH A . 
C 3 HOH 40 40   40   HOH HOH A . 
C 3 HOH 41 41   41   HOH HOH A . 
C 3 HOH 42 42   42   HOH HOH A . 
C 3 HOH 43 43   43   HOH HOH A . 
C 3 HOH 44 44   44   HOH HOH A . 
C 3 HOH 45 45   45   HOH HOH A . 
C 3 HOH 46 46   46   HOH HOH A . 
C 3 HOH 47 47   47   HOH HOH A . 
C 3 HOH 48 48   48   HOH HOH A . 
C 3 HOH 49 49   49   HOH HOH A . 
C 3 HOH 50 50   50   HOH HOH A . 
C 3 HOH 51 51   51   HOH HOH A . 
C 3 HOH 52 52   52   HOH HOH A . 
C 3 HOH 53 53   53   HOH HOH A . 
C 3 HOH 54 54   54   HOH HOH A . 
C 3 HOH 55 55   55   HOH HOH A . 
C 3 HOH 56 56   56   HOH HOH A . 
# 
loop_
_software.name 
_software.classification 
_software.version 
_software.citation_id 
_software.pdbx_ordinal 
ADSC      'data collection' Quantum  ? 1 
SOLVE     phasing           .        ? 2 
REFMAC    refinement        5.5.0036 ? 3 
HKL-2000  'data reduction'  .        ? 4 
SCALEPACK 'data scaling'    .        ? 5 
# 
_cell.entry_id           3H4C 
_cell.length_a           109.233 
_cell.length_b           109.233 
_cell.length_c           51.123 
_cell.angle_alpha        90.00 
_cell.angle_beta         90.00 
_cell.angle_gamma        90.00 
_cell.Z_PDB              8 
_cell.pdbx_unique_axis   ? 
_cell.length_a_esd       ? 
_cell.length_b_esd       ? 
_cell.length_c_esd       ? 
_cell.angle_alpha_esd    ? 
_cell.angle_beta_esd     ? 
_cell.angle_gamma_esd    ? 
# 
_symmetry.entry_id                         3H4C 
_symmetry.space_group_name_H-M             'P 43 21 2' 
_symmetry.pdbx_full_space_group_name_H-M   ? 
_symmetry.cell_setting                     ? 
_symmetry.Int_Tables_number                96 
_symmetry.space_group_name_Hall            ? 
# 
_exptl.entry_id          3H4C 
_exptl.method            'X-RAY DIFFRACTION' 
_exptl.crystals_number   2 
# 
_exptl_crystal.id                    1 
_exptl_crystal.density_meas          ? 
_exptl_crystal.density_Matthews      2.67 
_exptl_crystal.density_percent_sol   53.85 
_exptl_crystal.description           ? 
_exptl_crystal.F_000                 ? 
_exptl_crystal.preparation           ? 
# 
_exptl_crystal_grow.crystal_id      1 
_exptl_crystal_grow.method          'VAPOR DIFFUSION, SITTING DROP' 
_exptl_crystal_grow.temp            298.0 
_exptl_crystal_grow.temp_details    ? 
_exptl_crystal_grow.pH              5.5 
_exptl_crystal_grow.pdbx_details    
;24% PEG 3350, 0.2M sodium chloride, 0.1M Bis-tris (2-Bis(2-hydroxyethyl)amino-2-(hydroxymethyl)-1,3-propanediol), pH 5.5, VAPOR DIFFUSION, SITTING DROP, temperature 298.0K
;
_exptl_crystal_grow.pdbx_pH_range   ? 
# 
loop_
_diffrn.id 
_diffrn.ambient_temp 
_diffrn.ambient_temp_details 
_diffrn.crystal_id 
1   110 ? 1 
2   110 ? 1 
1,2 ?   ? 1 
# 
loop_
_diffrn_detector.diffrn_id 
_diffrn_detector.detector 
_diffrn_detector.type 
_diffrn_detector.pdbx_collection_date 
_diffrn_detector.details 
1 'IMAGE PLATE' 'RIGAKU RAXIS IV++' 2008-06-10 VariMax 
2 CCD           'ADSC QUANTUM 315r' 2008-08-11 mirrors 
# 
loop_
_diffrn_radiation.diffrn_id 
_diffrn_radiation.wavelength_id 
_diffrn_radiation.pdbx_monochromatic_or_laue_m_l 
_diffrn_radiation.monochromator 
_diffrn_radiation.pdbx_diffrn_protocol 
_diffrn_radiation.pdbx_scattering_type 
1 1 M 'VariMax optic' 'SINGLE WAVELENGTH' x-ray 
2 1 M 'Si(111)'       MAD                 x-ray 
# 
loop_
_diffrn_radiation_wavelength.id 
_diffrn_radiation_wavelength.wavelength 
_diffrn_radiation_wavelength.wt 
1 1.5418 1.0 
2 0.9791 1.0 
3 0.9793 1.0 
4 0.9700 1.0 
# 
loop_
_diffrn_source.diffrn_id 
_diffrn_source.source 
_diffrn_source.type 
_diffrn_source.pdbx_synchrotron_site 
_diffrn_source.pdbx_synchrotron_beamline 
_diffrn_source.pdbx_wavelength 
_diffrn_source.pdbx_wavelength_list 
1 'ROTATING ANODE' 'RIGAKU MICROMAX-007 HF' ?    ?    ? 1.5418               
2 SYNCHROTRON      'NSLS BEAMLINE X29A'     NSLS X29A ? 0.9791,0.9793,0.9700 
# 
_reflns.entry_id                     3H4C 
_reflns.observed_criterion_sigma_I   0.0 
_reflns.observed_criterion_sigma_F   0.0 
_reflns.d_resolution_low             50.00 
_reflns.d_resolution_high            2.300 
_reflns.number_obs                   13573 
_reflns.number_all                   13573 
_reflns.percent_possible_obs         94.8 
_reflns.pdbx_Rmerge_I_obs            ? 
_reflns.pdbx_Rsym_value              ? 
_reflns.pdbx_netI_over_sigmaI        ? 
_reflns.B_iso_Wilson_estimate        ? 
_reflns.pdbx_redundancy              ? 
_reflns.R_free_details               ? 
_reflns.limit_h_max                  ? 
_reflns.limit_h_min                  ? 
_reflns.limit_k_max                  ? 
_reflns.limit_k_min                  ? 
_reflns.limit_l_max                  ? 
_reflns.limit_l_min                  ? 
_reflns.observed_criterion_F_max     ? 
_reflns.observed_criterion_F_min     ? 
_reflns.pdbx_chi_squared             ? 
_reflns.pdbx_scaling_rejects         ? 
_reflns.pdbx_ordinal                 1 
_reflns.pdbx_diffrn_id               1,2 
# 
_reflns_shell.d_res_high             2.30 
_reflns_shell.d_res_low              2.38 
_reflns_shell.percent_possible_all   94.3 
_reflns_shell.Rmerge_I_obs           ? 
_reflns_shell.pdbx_Rsym_value        ? 
_reflns_shell.meanI_over_sigI_obs    ? 
_reflns_shell.pdbx_redundancy        ? 
_reflns_shell.percent_possible_obs   ? 
_reflns_shell.number_unique_all      ? 
_reflns_shell.number_measured_all    ? 
_reflns_shell.number_measured_obs    ? 
_reflns_shell.number_unique_obs      ? 
_reflns_shell.pdbx_chi_squared       ? 
_reflns_shell.pdbx_ordinal           1 
_reflns_shell.pdbx_diffrn_id         1,2 
# 
_refine.entry_id                                 3H4C 
_refine.ls_number_reflns_obs                     11861 
_refine.ls_number_reflns_all                     13203 
_refine.pdbx_ls_sigma_I                          ? 
_refine.pdbx_ls_sigma_F                          0.0 
_refine.pdbx_data_cutoff_high_absF               ? 
_refine.pdbx_data_cutoff_low_absF                ? 
_refine.pdbx_data_cutoff_high_rms_absF           ? 
_refine.ls_d_res_low                             7.99 
_refine.ls_d_res_high                            2.30 
_refine.ls_percent_reflns_obs                    95.20 
_refine.ls_R_factor_obs                          0.20831 
_refine.ls_R_factor_all                          0.20831 
_refine.ls_R_factor_R_work                       0.20370 
_refine.ls_R_factor_R_free                       0.24938 
_refine.ls_R_factor_R_free_error                 ? 
_refine.ls_R_factor_R_free_error_details         ? 
_refine.ls_percent_reflns_R_free                 10.2 
_refine.ls_number_reflns_R_free                  1342 
_refine.ls_number_parameters                     ? 
_refine.ls_number_restraints                     ? 
_refine.occupancy_min                            ? 
_refine.occupancy_max                            ? 
_refine.correlation_coeff_Fo_to_Fc               0.942 
_refine.correlation_coeff_Fo_to_Fc_free          0.904 
_refine.B_iso_mean                               19.700 
_refine.aniso_B[1][1]                            0.00 
_refine.aniso_B[2][2]                            0.00 
_refine.aniso_B[3][3]                            0.00 
_refine.aniso_B[1][2]                            0.00 
_refine.aniso_B[1][3]                            0.00 
_refine.aniso_B[2][3]                            0.00 
_refine.solvent_model_details                    MASK 
_refine.solvent_model_param_ksol                 ? 
_refine.solvent_model_param_bsol                 ? 
_refine.pdbx_solvent_vdw_probe_radii             1.40 
_refine.pdbx_solvent_ion_probe_radii             0.80 
_refine.pdbx_solvent_shrinkage_radii             0.80 
_refine.pdbx_ls_cross_valid_method               THROUGHOUT 
_refine.details                                  'HYDROGENS HAVE BEEN ADDED IN THE RIDING POSITIONS' 
_refine.pdbx_starting_model                      ? 
_refine.pdbx_method_to_determine_struct          MAD 
_refine.pdbx_isotropic_thermal_model             ? 
_refine.pdbx_stereochemistry_target_values       'MAXIMUM LIKELIHOOD' 
_refine.pdbx_stereochem_target_val_spec_case     ? 
_refine.pdbx_R_Free_selection_details            RANDOM 
_refine.pdbx_overall_ESU_R                       0.282 
_refine.pdbx_overall_ESU_R_Free                  0.227 
_refine.overall_SU_ML                            0.147 
_refine.overall_SU_B                             13.455 
_refine.ls_redundancy_reflns_obs                 ? 
_refine.B_iso_min                                ? 
_refine.B_iso_max                                ? 
_refine.overall_SU_R_Cruickshank_DPI             ? 
_refine.overall_SU_R_free                        ? 
_refine.ls_wR_factor_R_free                      ? 
_refine.ls_wR_factor_R_work                      ? 
_refine.overall_FOM_free_R_set                   ? 
_refine.overall_FOM_work_R_set                   ? 
_refine.pdbx_overall_phase_error                 ? 
_refine.pdbx_refine_id                           'X-RAY DIFFRACTION' 
_refine.pdbx_TLS_residual_ADP_flag               'LIKELY RESIDUAL' 
_refine.pdbx_diffrn_id                           1 
_refine.pdbx_overall_SU_R_free_Cruickshank_DPI   ? 
_refine.pdbx_overall_SU_R_Blow_DPI               ? 
_refine.pdbx_overall_SU_R_free_Blow_DPI          ? 
# 
_refine_hist.pdbx_refine_id                   'X-RAY DIFFRACTION' 
_refine_hist.cycle_id                         LAST 
_refine_hist.pdbx_number_atoms_protein        1609 
_refine_hist.pdbx_number_atoms_nucleic_acid   0 
_refine_hist.pdbx_number_atoms_ligand         4 
_refine_hist.number_atoms_solvent             56 
_refine_hist.number_atoms_total               1669 
_refine_hist.d_res_high                       2.30 
_refine_hist.d_res_low                        7.99 
# 
loop_
_refine_ls_restr.type 
_refine_ls_restr.dev_ideal 
_refine_ls_restr.dev_ideal_target 
_refine_ls_restr.weight 
_refine_ls_restr.number 
_refine_ls_restr.pdbx_refine_id 
_refine_ls_restr.pdbx_restraint_function 
r_bond_refined_d       0.008  0.022  ? 1640 'X-RAY DIFFRACTION' ? 
r_angle_refined_deg    1.065  1.992  ? 2218 'X-RAY DIFFRACTION' ? 
r_dihedral_angle_1_deg 3.806  5.000  ? 207  'X-RAY DIFFRACTION' ? 
r_dihedral_angle_2_deg 30.402 22.464 ? 69   'X-RAY DIFFRACTION' ? 
r_dihedral_angle_3_deg 13.031 15.000 ? 300  'X-RAY DIFFRACTION' ? 
r_dihedral_angle_4_deg 16.282 15.000 ? 19   'X-RAY DIFFRACTION' ? 
r_chiral_restr         0.063  0.200  ? 268  'X-RAY DIFFRACTION' ? 
r_gen_planes_refined   0.004  0.021  ? 1197 'X-RAY DIFFRACTION' ? 
r_mcbond_it            0.299  1.500  ? 1037 'X-RAY DIFFRACTION' ? 
r_mcangle_it           0.590  2.000  ? 1664 'X-RAY DIFFRACTION' ? 
r_scbond_it            1.115  3.000  ? 603  'X-RAY DIFFRACTION' ? 
r_scangle_it           1.895  4.500  ? 554  'X-RAY DIFFRACTION' ? 
# 
_refine_ls_shell.pdbx_total_number_of_bins_used   20 
_refine_ls_shell.d_res_high                       2.300 
_refine_ls_shell.d_res_low                        2.355 
_refine_ls_shell.number_reflns_R_work             794 
_refine_ls_shell.R_factor_R_work                  0.240 
_refine_ls_shell.percent_reflns_obs               93.93 
_refine_ls_shell.R_factor_R_free                  0.294 
_refine_ls_shell.R_factor_R_free_error            ? 
_refine_ls_shell.percent_reflns_R_free            ? 
_refine_ls_shell.number_reflns_R_free             103 
_refine_ls_shell.number_reflns_all                ? 
_refine_ls_shell.R_factor_all                     ? 
_refine_ls_shell.number_reflns_obs                ? 
_refine_ls_shell.redundancy_reflns_obs            ? 
_refine_ls_shell.pdbx_refine_id                   'X-RAY DIFFRACTION' 
# 
_struct.entry_id                  3H4C 
_struct.title                     'Structure of the C-terminal Domain of Transcription Factor IIB from Trypanosoma brucei' 
_struct.pdbx_model_details        ? 
_struct.pdbx_CASP_flag            ? 
_struct.pdbx_model_type_details   ? 
# 
_struct_keywords.entry_id        3H4C 
_struct_keywords.pdbx_keywords   TRANSCRIPTION 
_struct_keywords.text            'cyclin, Transcription Factor TFIIB repeat, TRANSCRIPTION' 
# 
loop_
_struct_asym.id 
_struct_asym.pdbx_blank_PDB_chainid_flag 
_struct_asym.pdbx_modified 
_struct_asym.entity_id 
_struct_asym.details 
A N N 1 ? 
B N N 2 ? 
C N N 3 ? 
# 
_struct_ref.id                         1 
_struct_ref.db_name                    UNP 
_struct_ref.db_code                    Q257B3_TRYBB 
_struct_ref.pdbx_db_accession          Q257B3 
_struct_ref.entity_id                  1 
_struct_ref.pdbx_seq_one_letter_code   
;MSSTSSKVVLHPTMLNCMRGLHKKAVLPEPVLDRGIELARAFVGGRRARGQRVERQPDVAAACLMIAAEEAQQPLPLAEV
RCLDSSLGDVELRRADIVRELHLEDSERRLRDTFADNLLVKYILKLGLQVSLYLPHCKRLLTALGRVEALAGLTVADRVT
TALLLARTAQTLSWEQGTHISKGKECDLGMEAIYANFSSKAHLEVTKVNKIMHLAVDVLPLIQAAFQDCGEPTAGKRKVD
KNSEPEASGGTKRVKREET
;
_struct_ref.pdbx_align_begin           87 
_struct_ref.pdbx_db_isoform            ? 
# 
_struct_ref_seq.align_id                      1 
_struct_ref_seq.ref_id                        1 
_struct_ref_seq.pdbx_PDB_id_code              3H4C 
_struct_ref_seq.pdbx_strand_id                A 
_struct_ref_seq.seq_align_beg                 2 
_struct_ref_seq.pdbx_seq_align_beg_ins_code   ? 
_struct_ref_seq.seq_align_end                 260 
_struct_ref_seq.pdbx_seq_align_end_ins_code   ? 
_struct_ref_seq.pdbx_db_accession             Q257B3 
_struct_ref_seq.db_align_beg                  87 
_struct_ref_seq.pdbx_db_align_beg_ins_code    ? 
_struct_ref_seq.db_align_end                  345 
_struct_ref_seq.pdbx_db_align_end_ins_code    ? 
_struct_ref_seq.pdbx_auth_seq_align_beg       87 
_struct_ref_seq.pdbx_auth_seq_align_end       345 
# 
_struct_ref_seq_dif.align_id                     1 
_struct_ref_seq_dif.pdbx_pdb_id_code             3H4C 
_struct_ref_seq_dif.mon_id                       GLY 
_struct_ref_seq_dif.pdbx_pdb_strand_id           A 
_struct_ref_seq_dif.seq_num                      1 
_struct_ref_seq_dif.pdbx_pdb_ins_code            ? 
_struct_ref_seq_dif.pdbx_seq_db_name             UNP 
_struct_ref_seq_dif.pdbx_seq_db_accession_code   Q257B3 
_struct_ref_seq_dif.db_mon_id                    ? 
_struct_ref_seq_dif.pdbx_seq_db_seq_num          ? 
_struct_ref_seq_dif.details                      'expression tag' 
_struct_ref_seq_dif.pdbx_auth_seq_num            86 
_struct_ref_seq_dif.pdbx_ordinal                 1 
# 
_pdbx_struct_assembly.id                   1 
_pdbx_struct_assembly.details              author_and_software_defined_assembly 
_pdbx_struct_assembly.method_details       PISA 
_pdbx_struct_assembly.oligomeric_details   monomeric 
_pdbx_struct_assembly.oligomeric_count     1 
# 
_pdbx_struct_assembly_gen.assembly_id       1 
_pdbx_struct_assembly_gen.oper_expression   1 
_pdbx_struct_assembly_gen.asym_id_list      A,B,C 
# 
_pdbx_struct_oper_list.id                   1 
_pdbx_struct_oper_list.type                 'identity operation' 
_pdbx_struct_oper_list.name                 1_555 
_pdbx_struct_oper_list.symmetry_operation   x,y,z 
_pdbx_struct_oper_list.matrix[1][1]         1.0000000000 
_pdbx_struct_oper_list.matrix[1][2]         0.0000000000 
_pdbx_struct_oper_list.matrix[1][3]         0.0000000000 
_pdbx_struct_oper_list.vector[1]            0.0000000000 
_pdbx_struct_oper_list.matrix[2][1]         0.0000000000 
_pdbx_struct_oper_list.matrix[2][2]         1.0000000000 
_pdbx_struct_oper_list.matrix[2][3]         0.0000000000 
_pdbx_struct_oper_list.vector[2]            0.0000000000 
_pdbx_struct_oper_list.matrix[3][1]         0.0000000000 
_pdbx_struct_oper_list.matrix[3][2]         0.0000000000 
_pdbx_struct_oper_list.matrix[3][3]         1.0000000000 
_pdbx_struct_oper_list.vector[3]            0.0000000000 
# 
_struct_biol.id        1 
_struct_biol.details   ? 
# 
loop_
_struct_conf.conf_type_id 
_struct_conf.id 
_struct_conf.pdbx_PDB_helix_id 
_struct_conf.beg_label_comp_id 
_struct_conf.beg_label_asym_id 
_struct_conf.beg_label_seq_id 
_struct_conf.pdbx_beg_PDB_ins_code 
_struct_conf.end_label_comp_id 
_struct_conf.end_label_asym_id 
_struct_conf.end_label_seq_id 
_struct_conf.pdbx_end_PDB_ins_code 
_struct_conf.beg_auth_comp_id 
_struct_conf.beg_auth_asym_id 
_struct_conf.beg_auth_seq_id 
_struct_conf.end_auth_comp_id 
_struct_conf.end_auth_asym_id 
_struct_conf.end_auth_seq_id 
_struct_conf.pdbx_PDB_helix_class 
_struct_conf.details 
_struct_conf.pdbx_PDB_helix_length 
HELX_P HELX_P1  1  HIS A 12  ? ALA A 26  ? HIS A 97  ALA A 111 1 ? 15 
HELX_P HELX_P2  2  PRO A 29  ? ARG A 50  ? PRO A 114 ARG A 135 1 ? 22 
HELX_P HELX_P3  3  ARG A 56  ? ALA A 72  ? ARG A 141 ALA A 157 1 ? 17 
HELX_P HELX_P4  4  PRO A 77  ? ASP A 85  ? PRO A 162 ASP A 170 1 ? 9  
HELX_P HELX_P5  5  ASP A 90  ? LEU A 102 ? ASP A 175 LEU A 187 1 ? 13 
HELX_P HELX_P6  6  LEU A 104 ? LEU A 127 ? LEU A 189 LEU A 212 1 ? 24 
HELX_P HELX_P7  7  GLN A 130 ? ARG A 147 ? GLN A 215 ARG A 232 1 ? 18 
HELX_P HELX_P8  8  VAL A 148 ? ALA A 152 ? VAL A 233 ALA A 237 5 ? 5  
HELX_P HELX_P9  9  THR A 155 ? ALA A 170 ? THR A 240 ALA A 255 1 ? 16 
HELX_P HELX_P10 10 GLN A 171 ? GLU A 176 ? GLN A 256 GLU A 261 5 ? 6  
HELX_P HELX_P11 11 GLY A 190 ? HIS A 203 ? GLY A 275 HIS A 288 1 ? 14 
HELX_P HELX_P12 12 GLU A 205 ? VAL A 219 ? GLU A 290 VAL A 304 1 ? 15 
HELX_P HELX_P13 13 VAL A 219 ? GLN A 228 ? VAL A 304 GLN A 313 1 ? 10 
# 
_struct_conf_type.id          HELX_P 
_struct_conf_type.criteria    ? 
_struct_conf_type.reference   ? 
# 
_struct_site.id                   AC1 
_struct_site.pdbx_evidence_code   Software 
_struct_site.pdbx_auth_asym_id    A 
_struct_site.pdbx_auth_comp_id    EDO 
_struct_site.pdbx_auth_seq_id     1000 
_struct_site.pdbx_auth_ins_code   ? 
_struct_site.pdbx_num_residues    2 
_struct_site.details              'BINDING SITE FOR RESIDUE EDO A 1000' 
# 
loop_
_struct_site_gen.id 
_struct_site_gen.site_id 
_struct_site_gen.pdbx_num_res 
_struct_site_gen.label_comp_id 
_struct_site_gen.label_asym_id 
_struct_site_gen.label_seq_id 
_struct_site_gen.pdbx_auth_ins_code 
_struct_site_gen.auth_comp_id 
_struct_site_gen.auth_asym_id 
_struct_site_gen.auth_seq_id 
_struct_site_gen.label_atom_id 
_struct_site_gen.label_alt_id 
_struct_site_gen.symmetry 
_struct_site_gen.details 
1 AC1 2 ASP A 158 ? ASP A 243 . ? 1_555 ? 
2 AC1 2 THR A 161 ? THR A 246 . ? 1_555 ? 
# 
_pdbx_struct_special_symmetry.id              1 
_pdbx_struct_special_symmetry.PDB_model_num   1 
_pdbx_struct_special_symmetry.auth_asym_id    A 
_pdbx_struct_special_symmetry.auth_comp_id    HOH 
_pdbx_struct_special_symmetry.auth_seq_id     16 
_pdbx_struct_special_symmetry.PDB_ins_code    ? 
_pdbx_struct_special_symmetry.label_asym_id   C 
_pdbx_struct_special_symmetry.label_comp_id   HOH 
_pdbx_struct_special_symmetry.label_seq_id    . 
# 
loop_
_pdbx_refine_tls.id 
_pdbx_refine_tls.details 
_pdbx_refine_tls.method 
_pdbx_refine_tls.origin_x 
_pdbx_refine_tls.origin_y 
_pdbx_refine_tls.origin_z 
_pdbx_refine_tls.T[1][1] 
_pdbx_refine_tls.T[2][2] 
_pdbx_refine_tls.T[3][3] 
_pdbx_refine_tls.T[1][2] 
_pdbx_refine_tls.T[1][3] 
_pdbx_refine_tls.T[2][3] 
_pdbx_refine_tls.L[1][1] 
_pdbx_refine_tls.L[2][2] 
_pdbx_refine_tls.L[3][3] 
_pdbx_refine_tls.L[1][2] 
_pdbx_refine_tls.L[1][3] 
_pdbx_refine_tls.L[2][3] 
_pdbx_refine_tls.S[1][1] 
_pdbx_refine_tls.S[1][2] 
_pdbx_refine_tls.S[1][3] 
_pdbx_refine_tls.S[2][1] 
_pdbx_refine_tls.S[2][2] 
_pdbx_refine_tls.S[2][3] 
_pdbx_refine_tls.S[3][1] 
_pdbx_refine_tls.S[3][2] 
_pdbx_refine_tls.S[3][3] 
_pdbx_refine_tls.pdbx_refine_id 
1  ? refined 6.5786   -19.4580 -7.6939  0.2184 0.1354 0.2261 0.0686  -0.0130 -0.0646 15.0116 3.3648  1.0870  -5.7443 -3.6426 0.9152  -0.0005 0.2909  -0.8153 -0.2713 -0.2284 0.3065  0.1367  -0.0219 0.2289  'X-RAY DIFFRACTION' 
2  ? refined 4.9709   -10.2322 -10.5220 0.1422 0.1520 0.1343 0.0642  -0.0279 -0.0678 5.4529  2.4342  2.2130  -0.9233 1.2674  -0.8867 0.1156  0.6116  -0.2312 -0.3394 -0.0154 0.1525  0.2417  0.0099  -0.1003 'X-RAY DIFFRACTION' 
3  ? refined 17.9265  -17.8768 -0.2876  0.1808 0.1953 0.2270 0.1120  -0.0522 -0.0123 12.6468 2.8020  3.6883  -1.7697 -4.6609 1.8674  0.0158  -0.7725 0.0442  0.1090  0.0748  -0.3125 0.0181  0.5688  -0.0907 'X-RAY DIFFRACTION' 
4  ? refined 3.0263   -5.1873  -3.0873  0.1413 0.1647 0.1810 0.0437  -0.0161 -0.0353 1.0046  3.2102  2.2100  -0.6464 -0.0121 -1.1139 0.1818  0.1567  -0.1561 -0.0571 -0.0048 0.2049  0.0501  0.1036  -0.1769 'X-RAY DIFFRACTION' 
5  ? refined 6.7427   -9.7032  3.3017   0.1145 0.1878 0.1775 0.0803  0.0058  -0.0139 15.4966 3.4481  3.4884  -2.9287 2.5970  -1.7034 -0.2764 -1.1205 -0.7630 0.0145  0.1026  0.1904  0.0178  0.0101  0.1737  'X-RAY DIFFRACTION' 
6  ? refined 17.0035  0.1162   -3.3199  0.1380 0.2167 0.2789 -0.0793 0.0137  0.0230  10.5321 7.9481  5.3206  -5.3809 2.7600  1.2883  0.0523  -0.1787 0.7956  0.1922  -0.1180 -1.1048 -0.3215 0.4660  0.0657  'X-RAY DIFFRACTION' 
7  ? refined -3.7017  7.0707   -4.7552  0.2052 0.1291 0.1339 0.0605  0.0415  0.0094  14.3680 3.3773  6.2708  -0.5890 2.4580  -0.8521 -0.1323 -0.1495 -0.2234 0.0905  0.2086  -0.0816 -0.2761 -0.2190 -0.0762 'X-RAY DIFFRACTION' 
8  ? refined -3.3352  14.1758  4.5979   0.1592 0.1371 0.1008 0.0427  0.0344  -0.0217 1.5603  2.1765  10.6495 -0.1979 2.2422  -0.4421 -0.0583 -0.1811 0.1960  -0.1255 0.0224  -0.1952 -0.7061 0.1570  0.0358  'X-RAY DIFFRACTION' 
9  ? refined -9.3298  9.3575   4.3355   0.1584 0.1449 0.1094 0.0459  0.0278  -0.0336 11.1277 9.0299  2.4522  -4.0429 -0.8965 1.0694  0.2529  0.0265  0.0369  -0.0136 -0.2591 0.3578  -0.0005 -0.2339 0.0062  'X-RAY DIFFRACTION' 
10 ? refined -15.7828 9.6971   3.6153   0.2307 0.3716 0.2431 0.2515  0.0141  0.0212  4.3866  12.4182 4.0214  -0.2368 -0.5715 3.5602  -0.1145 -0.3933 0.0549  0.1365  0.0964  1.0928  -0.6516 -0.8415 0.0182  'X-RAY DIFFRACTION' 
11 ? refined -9.8458  8.1400   10.0872  0.0995 0.2127 0.0490 0.1036  0.0103  -0.0086 3.3851  8.7686  4.0712  0.1570  -0.2415 3.2648  -0.0306 -0.3204 0.0412  0.2634  0.2022  0.1004  -0.0520 -0.1782 -0.1716 'X-RAY DIFFRACTION' 
# 
loop_
_pdbx_refine_tls_group.pdbx_refine_id 
_pdbx_refine_tls_group.id 
_pdbx_refine_tls_group.refine_tls_id 
_pdbx_refine_tls_group.beg_auth_asym_id 
_pdbx_refine_tls_group.beg_auth_seq_id 
_pdbx_refine_tls_group.end_auth_asym_id 
_pdbx_refine_tls_group.end_auth_seq_id 
_pdbx_refine_tls_group.selection_details 
_pdbx_refine_tls_group.beg_label_asym_id 
_pdbx_refine_tls_group.beg_label_seq_id 
_pdbx_refine_tls_group.end_label_asym_id 
_pdbx_refine_tls_group.end_label_seq_id 
_pdbx_refine_tls_group.selection 
'X-RAY DIFFRACTION' 1  1  A 94  A 105 ? . . . . ? 
'X-RAY DIFFRACTION' 2  2  A 106 A 129 ? . . . . ? 
'X-RAY DIFFRACTION' 3  3  A 130 A 142 ? . . . . ? 
'X-RAY DIFFRACTION' 4  4  A 143 A 168 ? . . . . ? 
'X-RAY DIFFRACTION' 5  5  A 169 A 183 ? . . . . ? 
'X-RAY DIFFRACTION' 6  6  A 184 A 196 ? . . . . ? 
'X-RAY DIFFRACTION' 7  7  A 197 A 215 ? . . . . ? 
'X-RAY DIFFRACTION' 8  8  A 216 A 241 ? . . . . ? 
'X-RAY DIFFRACTION' 9  9  A 242 A 255 ? . . . . ? 
'X-RAY DIFFRACTION' 10 10 A 256 A 285 ? . . . . ? 
'X-RAY DIFFRACTION' 11 11 A 286 A 313 ? . . . . ? 
# 
loop_
_pdbx_unobs_or_zero_occ_residues.id 
_pdbx_unobs_or_zero_occ_residues.PDB_model_num 
_pdbx_unobs_or_zero_occ_residues.polymer_flag 
_pdbx_unobs_or_zero_occ_residues.occupancy_flag 
_pdbx_unobs_or_zero_occ_residues.auth_asym_id 
_pdbx_unobs_or_zero_occ_residues.auth_comp_id 
_pdbx_unobs_or_zero_occ_residues.auth_seq_id 
_pdbx_unobs_or_zero_occ_residues.PDB_ins_code 
_pdbx_unobs_or_zero_occ_residues.label_asym_id 
_pdbx_unobs_or_zero_occ_residues.label_comp_id 
_pdbx_unobs_or_zero_occ_residues.label_seq_id 
1  1 Y 1 A GLY 86  ? A GLY 1   
2  1 Y 1 A MET 87  ? A MET 2   
3  1 Y 1 A SER 88  ? A SER 3   
4  1 Y 1 A SER 89  ? A SER 4   
5  1 Y 1 A THR 90  ? A THR 5   
6  1 Y 1 A SER 91  ? A SER 6   
7  1 Y 1 A SER 92  ? A SER 7   
8  1 Y 1 A LYS 93  ? A LYS 8   
9  1 Y 1 A GLN 262 ? A GLN 177 
10 1 Y 1 A GLY 263 ? A GLY 178 
11 1 Y 1 A THR 264 ? A THR 179 
12 1 Y 1 A HIS 265 ? A HIS 180 
13 1 Y 1 A ILE 266 ? A ILE 181 
14 1 Y 1 A SER 267 ? A SER 182 
15 1 Y 1 A LYS 268 ? A LYS 183 
16 1 Y 1 A GLY 269 ? A GLY 184 
17 1 Y 1 A LYS 270 ? A LYS 185 
18 1 Y 1 A GLU 271 ? A GLU 186 
19 1 Y 1 A CYS 272 ? A CYS 187 
20 1 Y 1 A ASP 273 ? A ASP 188 
21 1 Y 1 A LEU 274 ? A LEU 189 
22 1 Y 1 A ASP 314 ? A ASP 229 
23 1 Y 1 A CYS 315 ? A CYS 230 
24 1 Y 1 A GLY 316 ? A GLY 231 
25 1 Y 1 A GLU 317 ? A GLU 232 
26 1 Y 1 A PRO 318 ? A PRO 233 
27 1 Y 1 A THR 319 ? A THR 234 
28 1 Y 1 A ALA 320 ? A ALA 235 
29 1 Y 1 A GLY 321 ? A GLY 236 
30 1 Y 1 A LYS 322 ? A LYS 237 
31 1 Y 1 A ARG 323 ? A ARG 238 
32 1 Y 1 A LYS 324 ? A LYS 239 
33 1 Y 1 A VAL 325 ? A VAL 240 
34 1 Y 1 A ASP 326 ? A ASP 241 
35 1 Y 1 A LYS 327 ? A LYS 242 
36 1 Y 1 A ASN 328 ? A ASN 243 
37 1 Y 1 A SER 329 ? A SER 244 
38 1 Y 1 A GLU 330 ? A GLU 245 
39 1 Y 1 A PRO 331 ? A PRO 246 
40 1 Y 1 A GLU 332 ? A GLU 247 
41 1 Y 1 A ALA 333 ? A ALA 248 
42 1 Y 1 A SER 334 ? A SER 249 
43 1 Y 1 A GLY 335 ? A GLY 250 
44 1 Y 1 A GLY 336 ? A GLY 251 
45 1 Y 1 A THR 337 ? A THR 252 
46 1 Y 1 A LYS 338 ? A LYS 253 
47 1 Y 1 A ARG 339 ? A ARG 254 
48 1 Y 1 A VAL 340 ? A VAL 255 
49 1 Y 1 A LYS 341 ? A LYS 256 
50 1 Y 1 A ARG 342 ? A ARG 257 
51 1 Y 1 A GLU 343 ? A GLU 258 
52 1 Y 1 A GLU 344 ? A GLU 259 
53 1 Y 1 A THR 345 ? A THR 260 
# 
loop_
_chem_comp_atom.comp_id 
_chem_comp_atom.atom_id 
_chem_comp_atom.type_symbol 
_chem_comp_atom.pdbx_aromatic_flag 
_chem_comp_atom.pdbx_stereo_config 
_chem_comp_atom.pdbx_ordinal 
ALA N    N N N 1   
ALA CA   C N S 2   
ALA C    C N N 3   
ALA O    O N N 4   
ALA CB   C N N 5   
ALA OXT  O N N 6   
ALA H    H N N 7   
ALA H2   H N N 8   
ALA HA   H N N 9   
ALA HB1  H N N 10  
ALA HB2  H N N 11  
ALA HB3  H N N 12  
ALA HXT  H N N 13  
ARG N    N N N 14  
ARG CA   C N S 15  
ARG C    C N N 16  
ARG O    O N N 17  
ARG CB   C N N 18  
ARG CG   C N N 19  
ARG CD   C N N 20  
ARG NE   N N N 21  
ARG CZ   C N N 22  
ARG NH1  N N N 23  
ARG NH2  N N N 24  
ARG OXT  O N N 25  
ARG H    H N N 26  
ARG H2   H N N 27  
ARG HA   H N N 28  
ARG HB2  H N N 29  
ARG HB3  H N N 30  
ARG HG2  H N N 31  
ARG HG3  H N N 32  
ARG HD2  H N N 33  
ARG HD3  H N N 34  
ARG HE   H N N 35  
ARG HH11 H N N 36  
ARG HH12 H N N 37  
ARG HH21 H N N 38  
ARG HH22 H N N 39  
ARG HXT  H N N 40  
ASN N    N N N 41  
ASN CA   C N S 42  
ASN C    C N N 43  
ASN O    O N N 44  
ASN CB   C N N 45  
ASN CG   C N N 46  
ASN OD1  O N N 47  
ASN ND2  N N N 48  
ASN OXT  O N N 49  
ASN H    H N N 50  
ASN H2   H N N 51  
ASN HA   H N N 52  
ASN HB2  H N N 53  
ASN HB3  H N N 54  
ASN HD21 H N N 55  
ASN HD22 H N N 56  
ASN HXT  H N N 57  
ASP N    N N N 58  
ASP CA   C N S 59  
ASP C    C N N 60  
ASP O    O N N 61  
ASP CB   C N N 62  
ASP CG   C N N 63  
ASP OD1  O N N 64  
ASP OD2  O N N 65  
ASP OXT  O N N 66  
ASP H    H N N 67  
ASP H2   H N N 68  
ASP HA   H N N 69  
ASP HB2  H N N 70  
ASP HB3  H N N 71  
ASP HD2  H N N 72  
ASP HXT  H N N 73  
CYS N    N N N 74  
CYS CA   C N R 75  
CYS C    C N N 76  
CYS O    O N N 77  
CYS CB   C N N 78  
CYS SG   S N N 79  
CYS OXT  O N N 80  
CYS H    H N N 81  
CYS H2   H N N 82  
CYS HA   H N N 83  
CYS HB2  H N N 84  
CYS HB3  H N N 85  
CYS HG   H N N 86  
CYS HXT  H N N 87  
EDO C1   C N N 88  
EDO O1   O N N 89  
EDO C2   C N N 90  
EDO O2   O N N 91  
EDO H11  H N N 92  
EDO H12  H N N 93  
EDO HO1  H N N 94  
EDO H21  H N N 95  
EDO H22  H N N 96  
EDO HO2  H N N 97  
GLN N    N N N 98  
GLN CA   C N S 99  
GLN C    C N N 100 
GLN O    O N N 101 
GLN CB   C N N 102 
GLN CG   C N N 103 
GLN CD   C N N 104 
GLN OE1  O N N 105 
GLN NE2  N N N 106 
GLN OXT  O N N 107 
GLN H    H N N 108 
GLN H2   H N N 109 
GLN HA   H N N 110 
GLN HB2  H N N 111 
GLN HB3  H N N 112 
GLN HG2  H N N 113 
GLN HG3  H N N 114 
GLN HE21 H N N 115 
GLN HE22 H N N 116 
GLN HXT  H N N 117 
GLU N    N N N 118 
GLU CA   C N S 119 
GLU C    C N N 120 
GLU O    O N N 121 
GLU CB   C N N 122 
GLU CG   C N N 123 
GLU CD   C N N 124 
GLU OE1  O N N 125 
GLU OE2  O N N 126 
GLU OXT  O N N 127 
GLU H    H N N 128 
GLU H2   H N N 129 
GLU HA   H N N 130 
GLU HB2  H N N 131 
GLU HB3  H N N 132 
GLU HG2  H N N 133 
GLU HG3  H N N 134 
GLU HE2  H N N 135 
GLU HXT  H N N 136 
GLY N    N N N 137 
GLY CA   C N N 138 
GLY C    C N N 139 
GLY O    O N N 140 
GLY OXT  O N N 141 
GLY H    H N N 142 
GLY H2   H N N 143 
GLY HA2  H N N 144 
GLY HA3  H N N 145 
GLY HXT  H N N 146 
HIS N    N N N 147 
HIS CA   C N S 148 
HIS C    C N N 149 
HIS O    O N N 150 
HIS CB   C N N 151 
HIS CG   C Y N 152 
HIS ND1  N Y N 153 
HIS CD2  C Y N 154 
HIS CE1  C Y N 155 
HIS NE2  N Y N 156 
HIS OXT  O N N 157 
HIS H    H N N 158 
HIS H2   H N N 159 
HIS HA   H N N 160 
HIS HB2  H N N 161 
HIS HB3  H N N 162 
HIS HD1  H N N 163 
HIS HD2  H N N 164 
HIS HE1  H N N 165 
HIS HE2  H N N 166 
HIS HXT  H N N 167 
HOH O    O N N 168 
HOH H1   H N N 169 
HOH H2   H N N 170 
ILE N    N N N 171 
ILE CA   C N S 172 
ILE C    C N N 173 
ILE O    O N N 174 
ILE CB   C N S 175 
ILE CG1  C N N 176 
ILE CG2  C N N 177 
ILE CD1  C N N 178 
ILE OXT  O N N 179 
ILE H    H N N 180 
ILE H2   H N N 181 
ILE HA   H N N 182 
ILE HB   H N N 183 
ILE HG12 H N N 184 
ILE HG13 H N N 185 
ILE HG21 H N N 186 
ILE HG22 H N N 187 
ILE HG23 H N N 188 
ILE HD11 H N N 189 
ILE HD12 H N N 190 
ILE HD13 H N N 191 
ILE HXT  H N N 192 
LEU N    N N N 193 
LEU CA   C N S 194 
LEU C    C N N 195 
LEU O    O N N 196 
LEU CB   C N N 197 
LEU CG   C N N 198 
LEU CD1  C N N 199 
LEU CD2  C N N 200 
LEU OXT  O N N 201 
LEU H    H N N 202 
LEU H2   H N N 203 
LEU HA   H N N 204 
LEU HB2  H N N 205 
LEU HB3  H N N 206 
LEU HG   H N N 207 
LEU HD11 H N N 208 
LEU HD12 H N N 209 
LEU HD13 H N N 210 
LEU HD21 H N N 211 
LEU HD22 H N N 212 
LEU HD23 H N N 213 
LEU HXT  H N N 214 
LYS N    N N N 215 
LYS CA   C N S 216 
LYS C    C N N 217 
LYS O    O N N 218 
LYS CB   C N N 219 
LYS CG   C N N 220 
LYS CD   C N N 221 
LYS CE   C N N 222 
LYS NZ   N N N 223 
LYS OXT  O N N 224 
LYS H    H N N 225 
LYS H2   H N N 226 
LYS HA   H N N 227 
LYS HB2  H N N 228 
LYS HB3  H N N 229 
LYS HG2  H N N 230 
LYS HG3  H N N 231 
LYS HD2  H N N 232 
LYS HD3  H N N 233 
LYS HE2  H N N 234 
LYS HE3  H N N 235 
LYS HZ1  H N N 236 
LYS HZ2  H N N 237 
LYS HZ3  H N N 238 
LYS HXT  H N N 239 
MET N    N N N 240 
MET CA   C N S 241 
MET C    C N N 242 
MET O    O N N 243 
MET CB   C N N 244 
MET CG   C N N 245 
MET SD   S N N 246 
MET CE   C N N 247 
MET OXT  O N N 248 
MET H    H N N 249 
MET H2   H N N 250 
MET HA   H N N 251 
MET HB2  H N N 252 
MET HB3  H N N 253 
MET HG2  H N N 254 
MET HG3  H N N 255 
MET HE1  H N N 256 
MET HE2  H N N 257 
MET HE3  H N N 258 
MET HXT  H N N 259 
PHE N    N N N 260 
PHE CA   C N S 261 
PHE C    C N N 262 
PHE O    O N N 263 
PHE CB   C N N 264 
PHE CG   C Y N 265 
PHE CD1  C Y N 266 
PHE CD2  C Y N 267 
PHE CE1  C Y N 268 
PHE CE2  C Y N 269 
PHE CZ   C Y N 270 
PHE OXT  O N N 271 
PHE H    H N N 272 
PHE H2   H N N 273 
PHE HA   H N N 274 
PHE HB2  H N N 275 
PHE HB3  H N N 276 
PHE HD1  H N N 277 
PHE HD2  H N N 278 
PHE HE1  H N N 279 
PHE HE2  H N N 280 
PHE HZ   H N N 281 
PHE HXT  H N N 282 
PRO N    N N N 283 
PRO CA   C N S 284 
PRO C    C N N 285 
PRO O    O N N 286 
PRO CB   C N N 287 
PRO CG   C N N 288 
PRO CD   C N N 289 
PRO OXT  O N N 290 
PRO H    H N N 291 
PRO HA   H N N 292 
PRO HB2  H N N 293 
PRO HB3  H N N 294 
PRO HG2  H N N 295 
PRO HG3  H N N 296 
PRO HD2  H N N 297 
PRO HD3  H N N 298 
PRO HXT  H N N 299 
SER N    N N N 300 
SER CA   C N S 301 
SER C    C N N 302 
SER O    O N N 303 
SER CB   C N N 304 
SER OG   O N N 305 
SER OXT  O N N 306 
SER H    H N N 307 
SER H2   H N N 308 
SER HA   H N N 309 
SER HB2  H N N 310 
SER HB3  H N N 311 
SER HG   H N N 312 
SER HXT  H N N 313 
THR N    N N N 314 
THR CA   C N S 315 
THR C    C N N 316 
THR O    O N N 317 
THR CB   C N R 318 
THR OG1  O N N 319 
THR CG2  C N N 320 
THR OXT  O N N 321 
THR H    H N N 322 
THR H2   H N N 323 
THR HA   H N N 324 
THR HB   H N N 325 
THR HG1  H N N 326 
THR HG21 H N N 327 
THR HG22 H N N 328 
THR HG23 H N N 329 
THR HXT  H N N 330 
TRP N    N N N 331 
TRP CA   C N S 332 
TRP C    C N N 333 
TRP O    O N N 334 
TRP CB   C N N 335 
TRP CG   C Y N 336 
TRP CD1  C Y N 337 
TRP CD2  C Y N 338 
TRP NE1  N Y N 339 
TRP CE2  C Y N 340 
TRP CE3  C Y N 341 
TRP CZ2  C Y N 342 
TRP CZ3  C Y N 343 
TRP CH2  C Y N 344 
TRP OXT  O N N 345 
TRP H    H N N 346 
TRP H2   H N N 347 
TRP HA   H N N 348 
TRP HB2  H N N 349 
TRP HB3  H N N 350 
TRP HD1  H N N 351 
TRP HE1  H N N 352 
TRP HE3  H N N 353 
TRP HZ2  H N N 354 
TRP HZ3  H N N 355 
TRP HH2  H N N 356 
TRP HXT  H N N 357 
TYR N    N N N 358 
TYR CA   C N S 359 
TYR C    C N N 360 
TYR O    O N N 361 
TYR CB   C N N 362 
TYR CG   C Y N 363 
TYR CD1  C Y N 364 
TYR CD2  C Y N 365 
TYR CE1  C Y N 366 
TYR CE2  C Y N 367 
TYR CZ   C Y N 368 
TYR OH   O N N 369 
TYR OXT  O N N 370 
TYR H    H N N 371 
TYR H2   H N N 372 
TYR HA   H N N 373 
TYR HB2  H N N 374 
TYR HB3  H N N 375 
TYR HD1  H N N 376 
TYR HD2  H N N 377 
TYR HE1  H N N 378 
TYR HE2  H N N 379 
TYR HH   H N N 380 
TYR HXT  H N N 381 
VAL N    N N N 382 
VAL CA   C N S 383 
VAL C    C N N 384 
VAL O    O N N 385 
VAL CB   C N N 386 
VAL CG1  C N N 387 
VAL CG2  C N N 388 
VAL OXT  O N N 389 
VAL H    H N N 390 
VAL H2   H N N 391 
VAL HA   H N N 392 
VAL HB   H N N 393 
VAL HG11 H N N 394 
VAL HG12 H N N 395 
VAL HG13 H N N 396 
VAL HG21 H N N 397 
VAL HG22 H N N 398 
VAL HG23 H N N 399 
VAL HXT  H N N 400 
# 
loop_
_chem_comp_bond.comp_id 
_chem_comp_bond.atom_id_1 
_chem_comp_bond.atom_id_2 
_chem_comp_bond.value_order 
_chem_comp_bond.pdbx_aromatic_flag 
_chem_comp_bond.pdbx_stereo_config 
_chem_comp_bond.pdbx_ordinal 
ALA N   CA   sing N N 1   
ALA N   H    sing N N 2   
ALA N   H2   sing N N 3   
ALA CA  C    sing N N 4   
ALA CA  CB   sing N N 5   
ALA CA  HA   sing N N 6   
ALA C   O    doub N N 7   
ALA C   OXT  sing N N 8   
ALA CB  HB1  sing N N 9   
ALA CB  HB2  sing N N 10  
ALA CB  HB3  sing N N 11  
ALA OXT HXT  sing N N 12  
ARG N   CA   sing N N 13  
ARG N   H    sing N N 14  
ARG N   H2   sing N N 15  
ARG CA  C    sing N N 16  
ARG CA  CB   sing N N 17  
ARG CA  HA   sing N N 18  
ARG C   O    doub N N 19  
ARG C   OXT  sing N N 20  
ARG CB  CG   sing N N 21  
ARG CB  HB2  sing N N 22  
ARG CB  HB3  sing N N 23  
ARG CG  CD   sing N N 24  
ARG CG  HG2  sing N N 25  
ARG CG  HG3  sing N N 26  
ARG CD  NE   sing N N 27  
ARG CD  HD2  sing N N 28  
ARG CD  HD3  sing N N 29  
ARG NE  CZ   sing N N 30  
ARG NE  HE   sing N N 31  
ARG CZ  NH1  sing N N 32  
ARG CZ  NH2  doub N N 33  
ARG NH1 HH11 sing N N 34  
ARG NH1 HH12 sing N N 35  
ARG NH2 HH21 sing N N 36  
ARG NH2 HH22 sing N N 37  
ARG OXT HXT  sing N N 38  
ASN N   CA   sing N N 39  
ASN N   H    sing N N 40  
ASN N   H2   sing N N 41  
ASN CA  C    sing N N 42  
ASN CA  CB   sing N N 43  
ASN CA  HA   sing N N 44  
ASN C   O    doub N N 45  
ASN C   OXT  sing N N 46  
ASN CB  CG   sing N N 47  
ASN CB  HB2  sing N N 48  
ASN CB  HB3  sing N N 49  
ASN CG  OD1  doub N N 50  
ASN CG  ND2  sing N N 51  
ASN ND2 HD21 sing N N 52  
ASN ND2 HD22 sing N N 53  
ASN OXT HXT  sing N N 54  
ASP N   CA   sing N N 55  
ASP N   H    sing N N 56  
ASP N   H2   sing N N 57  
ASP CA  C    sing N N 58  
ASP CA  CB   sing N N 59  
ASP CA  HA   sing N N 60  
ASP C   O    doub N N 61  
ASP C   OXT  sing N N 62  
ASP CB  CG   sing N N 63  
ASP CB  HB2  sing N N 64  
ASP CB  HB3  sing N N 65  
ASP CG  OD1  doub N N 66  
ASP CG  OD2  sing N N 67  
ASP OD2 HD2  sing N N 68  
ASP OXT HXT  sing N N 69  
CYS N   CA   sing N N 70  
CYS N   H    sing N N 71  
CYS N   H2   sing N N 72  
CYS CA  C    sing N N 73  
CYS CA  CB   sing N N 74  
CYS CA  HA   sing N N 75  
CYS C   O    doub N N 76  
CYS C   OXT  sing N N 77  
CYS CB  SG   sing N N 78  
CYS CB  HB2  sing N N 79  
CYS CB  HB3  sing N N 80  
CYS SG  HG   sing N N 81  
CYS OXT HXT  sing N N 82  
EDO C1  O1   sing N N 83  
EDO C1  C2   sing N N 84  
EDO C1  H11  sing N N 85  
EDO C1  H12  sing N N 86  
EDO O1  HO1  sing N N 87  
EDO C2  O2   sing N N 88  
EDO C2  H21  sing N N 89  
EDO C2  H22  sing N N 90  
EDO O2  HO2  sing N N 91  
GLN N   CA   sing N N 92  
GLN N   H    sing N N 93  
GLN N   H2   sing N N 94  
GLN CA  C    sing N N 95  
GLN CA  CB   sing N N 96  
GLN CA  HA   sing N N 97  
GLN C   O    doub N N 98  
GLN C   OXT  sing N N 99  
GLN CB  CG   sing N N 100 
GLN CB  HB2  sing N N 101 
GLN CB  HB3  sing N N 102 
GLN CG  CD   sing N N 103 
GLN CG  HG2  sing N N 104 
GLN CG  HG3  sing N N 105 
GLN CD  OE1  doub N N 106 
GLN CD  NE2  sing N N 107 
GLN NE2 HE21 sing N N 108 
GLN NE2 HE22 sing N N 109 
GLN OXT HXT  sing N N 110 
GLU N   CA   sing N N 111 
GLU N   H    sing N N 112 
GLU N   H2   sing N N 113 
GLU CA  C    sing N N 114 
GLU CA  CB   sing N N 115 
GLU CA  HA   sing N N 116 
GLU C   O    doub N N 117 
GLU C   OXT  sing N N 118 
GLU CB  CG   sing N N 119 
GLU CB  HB2  sing N N 120 
GLU CB  HB3  sing N N 121 
GLU CG  CD   sing N N 122 
GLU CG  HG2  sing N N 123 
GLU CG  HG3  sing N N 124 
GLU CD  OE1  doub N N 125 
GLU CD  OE2  sing N N 126 
GLU OE2 HE2  sing N N 127 
GLU OXT HXT  sing N N 128 
GLY N   CA   sing N N 129 
GLY N   H    sing N N 130 
GLY N   H2   sing N N 131 
GLY CA  C    sing N N 132 
GLY CA  HA2  sing N N 133 
GLY CA  HA3  sing N N 134 
GLY C   O    doub N N 135 
GLY C   OXT  sing N N 136 
GLY OXT HXT  sing N N 137 
HIS N   CA   sing N N 138 
HIS N   H    sing N N 139 
HIS N   H2   sing N N 140 
HIS CA  C    sing N N 141 
HIS CA  CB   sing N N 142 
HIS CA  HA   sing N N 143 
HIS C   O    doub N N 144 
HIS C   OXT  sing N N 145 
HIS CB  CG   sing N N 146 
HIS CB  HB2  sing N N 147 
HIS CB  HB3  sing N N 148 
HIS CG  ND1  sing Y N 149 
HIS CG  CD2  doub Y N 150 
HIS ND1 CE1  doub Y N 151 
HIS ND1 HD1  sing N N 152 
HIS CD2 NE2  sing Y N 153 
HIS CD2 HD2  sing N N 154 
HIS CE1 NE2  sing Y N 155 
HIS CE1 HE1  sing N N 156 
HIS NE2 HE2  sing N N 157 
HIS OXT HXT  sing N N 158 
HOH O   H1   sing N N 159 
HOH O   H2   sing N N 160 
ILE N   CA   sing N N 161 
ILE N   H    sing N N 162 
ILE N   H2   sing N N 163 
ILE CA  C    sing N N 164 
ILE CA  CB   sing N N 165 
ILE CA  HA   sing N N 166 
ILE C   O    doub N N 167 
ILE C   OXT  sing N N 168 
ILE CB  CG1  sing N N 169 
ILE CB  CG2  sing N N 170 
ILE CB  HB   sing N N 171 
ILE CG1 CD1  sing N N 172 
ILE CG1 HG12 sing N N 173 
ILE CG1 HG13 sing N N 174 
ILE CG2 HG21 sing N N 175 
ILE CG2 HG22 sing N N 176 
ILE CG2 HG23 sing N N 177 
ILE CD1 HD11 sing N N 178 
ILE CD1 HD12 sing N N 179 
ILE CD1 HD13 sing N N 180 
ILE OXT HXT  sing N N 181 
LEU N   CA   sing N N 182 
LEU N   H    sing N N 183 
LEU N   H2   sing N N 184 
LEU CA  C    sing N N 185 
LEU CA  CB   sing N N 186 
LEU CA  HA   sing N N 187 
LEU C   O    doub N N 188 
LEU C   OXT  sing N N 189 
LEU CB  CG   sing N N 190 
LEU CB  HB2  sing N N 191 
LEU CB  HB3  sing N N 192 
LEU CG  CD1  sing N N 193 
LEU CG  CD2  sing N N 194 
LEU CG  HG   sing N N 195 
LEU CD1 HD11 sing N N 196 
LEU CD1 HD12 sing N N 197 
LEU CD1 HD13 sing N N 198 
LEU CD2 HD21 sing N N 199 
LEU CD2 HD22 sing N N 200 
LEU CD2 HD23 sing N N 201 
LEU OXT HXT  sing N N 202 
LYS N   CA   sing N N 203 
LYS N   H    sing N N 204 
LYS N   H2   sing N N 205 
LYS CA  C    sing N N 206 
LYS CA  CB   sing N N 207 
LYS CA  HA   sing N N 208 
LYS C   O    doub N N 209 
LYS C   OXT  sing N N 210 
LYS CB  CG   sing N N 211 
LYS CB  HB2  sing N N 212 
LYS CB  HB3  sing N N 213 
LYS CG  CD   sing N N 214 
LYS CG  HG2  sing N N 215 
LYS CG  HG3  sing N N 216 
LYS CD  CE   sing N N 217 
LYS CD  HD2  sing N N 218 
LYS CD  HD3  sing N N 219 
LYS CE  NZ   sing N N 220 
LYS CE  HE2  sing N N 221 
LYS CE  HE3  sing N N 222 
LYS NZ  HZ1  sing N N 223 
LYS NZ  HZ2  sing N N 224 
LYS NZ  HZ3  sing N N 225 
LYS OXT HXT  sing N N 226 
MET N   CA   sing N N 227 
MET N   H    sing N N 228 
MET N   H2   sing N N 229 
MET CA  C    sing N N 230 
MET CA  CB   sing N N 231 
MET CA  HA   sing N N 232 
MET C   O    doub N N 233 
MET C   OXT  sing N N 234 
MET CB  CG   sing N N 235 
MET CB  HB2  sing N N 236 
MET CB  HB3  sing N N 237 
MET CG  SD   sing N N 238 
MET CG  HG2  sing N N 239 
MET CG  HG3  sing N N 240 
MET SD  CE   sing N N 241 
MET CE  HE1  sing N N 242 
MET CE  HE2  sing N N 243 
MET CE  HE3  sing N N 244 
MET OXT HXT  sing N N 245 
PHE N   CA   sing N N 246 
PHE N   H    sing N N 247 
PHE N   H2   sing N N 248 
PHE CA  C    sing N N 249 
PHE CA  CB   sing N N 250 
PHE CA  HA   sing N N 251 
PHE C   O    doub N N 252 
PHE C   OXT  sing N N 253 
PHE CB  CG   sing N N 254 
PHE CB  HB2  sing N N 255 
PHE CB  HB3  sing N N 256 
PHE CG  CD1  doub Y N 257 
PHE CG  CD2  sing Y N 258 
PHE CD1 CE1  sing Y N 259 
PHE CD1 HD1  sing N N 260 
PHE CD2 CE2  doub Y N 261 
PHE CD2 HD2  sing N N 262 
PHE CE1 CZ   doub Y N 263 
PHE CE1 HE1  sing N N 264 
PHE CE2 CZ   sing Y N 265 
PHE CE2 HE2  sing N N 266 
PHE CZ  HZ   sing N N 267 
PHE OXT HXT  sing N N 268 
PRO N   CA   sing N N 269 
PRO N   CD   sing N N 270 
PRO N   H    sing N N 271 
PRO CA  C    sing N N 272 
PRO CA  CB   sing N N 273 
PRO CA  HA   sing N N 274 
PRO C   O    doub N N 275 
PRO C   OXT  sing N N 276 
PRO CB  CG   sing N N 277 
PRO CB  HB2  sing N N 278 
PRO CB  HB3  sing N N 279 
PRO CG  CD   sing N N 280 
PRO CG  HG2  sing N N 281 
PRO CG  HG3  sing N N 282 
PRO CD  HD2  sing N N 283 
PRO CD  HD3  sing N N 284 
PRO OXT HXT  sing N N 285 
SER N   CA   sing N N 286 
SER N   H    sing N N 287 
SER N   H2   sing N N 288 
SER CA  C    sing N N 289 
SER CA  CB   sing N N 290 
SER CA  HA   sing N N 291 
SER C   O    doub N N 292 
SER C   OXT  sing N N 293 
SER CB  OG   sing N N 294 
SER CB  HB2  sing N N 295 
SER CB  HB3  sing N N 296 
SER OG  HG   sing N N 297 
SER OXT HXT  sing N N 298 
THR N   CA   sing N N 299 
THR N   H    sing N N 300 
THR N   H2   sing N N 301 
THR CA  C    sing N N 302 
THR CA  CB   sing N N 303 
THR CA  HA   sing N N 304 
THR C   O    doub N N 305 
THR C   OXT  sing N N 306 
THR CB  OG1  sing N N 307 
THR CB  CG2  sing N N 308 
THR CB  HB   sing N N 309 
THR OG1 HG1  sing N N 310 
THR CG2 HG21 sing N N 311 
THR CG2 HG22 sing N N 312 
THR CG2 HG23 sing N N 313 
THR OXT HXT  sing N N 314 
TRP N   CA   sing N N 315 
TRP N   H    sing N N 316 
TRP N   H2   sing N N 317 
TRP CA  C    sing N N 318 
TRP CA  CB   sing N N 319 
TRP CA  HA   sing N N 320 
TRP C   O    doub N N 321 
TRP C   OXT  sing N N 322 
TRP CB  CG   sing N N 323 
TRP CB  HB2  sing N N 324 
TRP CB  HB3  sing N N 325 
TRP CG  CD1  doub Y N 326 
TRP CG  CD2  sing Y N 327 
TRP CD1 NE1  sing Y N 328 
TRP CD1 HD1  sing N N 329 
TRP CD2 CE2  doub Y N 330 
TRP CD2 CE3  sing Y N 331 
TRP NE1 CE2  sing Y N 332 
TRP NE1 HE1  sing N N 333 
TRP CE2 CZ2  sing Y N 334 
TRP CE3 CZ3  doub Y N 335 
TRP CE3 HE3  sing N N 336 
TRP CZ2 CH2  doub Y N 337 
TRP CZ2 HZ2  sing N N 338 
TRP CZ3 CH2  sing Y N 339 
TRP CZ3 HZ3  sing N N 340 
TRP CH2 HH2  sing N N 341 
TRP OXT HXT  sing N N 342 
TYR N   CA   sing N N 343 
TYR N   H    sing N N 344 
TYR N   H2   sing N N 345 
TYR CA  C    sing N N 346 
TYR CA  CB   sing N N 347 
TYR CA  HA   sing N N 348 
TYR C   O    doub N N 349 
TYR C   OXT  sing N N 350 
TYR CB  CG   sing N N 351 
TYR CB  HB2  sing N N 352 
TYR CB  HB3  sing N N 353 
TYR CG  CD1  doub Y N 354 
TYR CG  CD2  sing Y N 355 
TYR CD1 CE1  sing Y N 356 
TYR CD1 HD1  sing N N 357 
TYR CD2 CE2  doub Y N 358 
TYR CD2 HD2  sing N N 359 
TYR CE1 CZ   doub Y N 360 
TYR CE1 HE1  sing N N 361 
TYR CE2 CZ   sing Y N 362 
TYR CE2 HE2  sing N N 363 
TYR CZ  OH   sing N N 364 
TYR OH  HH   sing N N 365 
TYR OXT HXT  sing N N 366 
VAL N   CA   sing N N 367 
VAL N   H    sing N N 368 
VAL N   H2   sing N N 369 
VAL CA  C    sing N N 370 
VAL CA  CB   sing N N 371 
VAL CA  HA   sing N N 372 
VAL C   O    doub N N 373 
VAL C   OXT  sing N N 374 
VAL CB  CG1  sing N N 375 
VAL CB  CG2  sing N N 376 
VAL CB  HB   sing N N 377 
VAL CG1 HG11 sing N N 378 
VAL CG1 HG12 sing N N 379 
VAL CG1 HG13 sing N N 380 
VAL CG2 HG21 sing N N 381 
VAL CG2 HG22 sing N N 382 
VAL CG2 HG23 sing N N 383 
VAL OXT HXT  sing N N 384 
# 
_atom_sites.entry_id                    3H4C 
_atom_sites.fract_transf_matrix[1][1]   0.00650726 
_atom_sites.fract_transf_matrix[1][2]   0.00643362 
_atom_sites.fract_transf_matrix[1][3]   -0.00027958 
_atom_sites.fract_transf_matrix[2][1]   -0.00587927 
_atom_sites.fract_transf_matrix[2][2]   0.00609753 
_atom_sites.fract_transf_matrix[2][3]   0.00347396 
_atom_sites.fract_transf_matrix[3][1]   0.00561407 
_atom_sites.fract_transf_matrix[3][2]   -0.00489227 
_atom_sites.fract_transf_matrix[3][3]   0.01808814 
_atom_sites.fract_transf_vector[1]      0.264534 
_atom_sites.fract_transf_vector[2]      0.256348 
_atom_sites.fract_transf_vector[3]      0.272875 
# 
loop_
_atom_type.symbol 
C 
N 
O 
S 
# 
loop_
_atom_site.group_PDB 
_atom_site.id 
_atom_site.type_symbol 
_atom_site.label_atom_id 
_atom_site.label_alt_id 
_atom_site.label_comp_id 
_atom_site.label_asym_id 
_atom_site.label_entity_id 
_atom_site.label_seq_id 
_atom_site.pdbx_PDB_ins_code 
_atom_site.Cartn_x 
_atom_site.Cartn_y 
_atom_site.Cartn_z 
_atom_site.occupancy 
_atom_site.B_iso_or_equiv 
_atom_site.pdbx_formal_charge 
_atom_site.auth_seq_id 
_atom_site.auth_comp_id 
_atom_site.auth_asym_id 
_atom_site.auth_atom_id 
_atom_site.pdbx_PDB_model_num 
ATOM   1    N N   . VAL A 1 9   ? 17.121  -19.340 -13.986 1.00 20.02 ? 94   VAL A N   1 
ATOM   2    C CA  . VAL A 1 9   ? 16.758  -19.589 -12.557 1.00 19.96 ? 94   VAL A CA  1 
ATOM   3    C C   . VAL A 1 9   ? 15.319  -20.084 -12.459 1.00 20.05 ? 94   VAL A C   1 
ATOM   4    O O   . VAL A 1 9   ? 14.389  -19.363 -12.810 1.00 20.43 ? 94   VAL A O   1 
ATOM   5    C CB  . VAL A 1 9   ? 16.917  -18.321 -11.687 1.00 19.88 ? 94   VAL A CB  1 
ATOM   6    C CG1 . VAL A 1 9   ? 16.603  -18.633 -10.223 1.00 20.02 ? 94   VAL A CG1 1 
ATOM   7    C CG2 . VAL A 1 9   ? 18.314  -17.740 -11.821 1.00 19.70 ? 94   VAL A CG2 1 
ATOM   8    N N   . VAL A 1 10  ? 15.141  -21.314 -11.987 1.00 19.94 ? 95   VAL A N   1 
ATOM   9    C CA  . VAL A 1 10  ? 13.807  -21.881 -11.783 1.00 19.70 ? 95   VAL A CA  1 
ATOM   10   C C   . VAL A 1 10  ? 13.351  -21.571 -10.360 1.00 19.79 ? 95   VAL A C   1 
ATOM   11   O O   . VAL A 1 10  ? 14.037  -21.916 -9.396  1.00 19.70 ? 95   VAL A O   1 
ATOM   12   C CB  . VAL A 1 10  ? 13.790  -23.416 -12.010 1.00 19.88 ? 95   VAL A CB  1 
ATOM   13   C CG1 . VAL A 1 10  ? 12.394  -23.998 -11.738 1.00 19.25 ? 95   VAL A CG1 1 
ATOM   14   C CG2 . VAL A 1 10  ? 14.275  -23.766 -13.429 1.00 19.36 ? 95   VAL A CG2 1 
ATOM   15   N N   . LEU A 1 11  ? 12.197  -20.919 -10.239 1.00 19.55 ? 96   LEU A N   1 
ATOM   16   C CA  . LEU A 1 11  ? 11.622  -20.587 -8.941  1.00 19.36 ? 96   LEU A CA  1 
ATOM   17   C C   . LEU A 1 11  ? 10.795  -21.749 -8.403  1.00 19.77 ? 96   LEU A C   1 
ATOM   18   O O   . LEU A 1 11  ? 10.206  -22.514 -9.175  1.00 19.54 ? 96   LEU A O   1 
ATOM   19   C CB  . LEU A 1 11  ? 10.756  -19.323 -9.039  1.00 19.35 ? 96   LEU A CB  1 
ATOM   20   C CG  . LEU A 1 11  ? 11.432  -18.049 -9.565  1.00 18.38 ? 96   LEU A CG  1 
ATOM   21   C CD1 . LEU A 1 11  ? 10.385  -16.988 -9.901  1.00 18.09 ? 96   LEU A CD1 1 
ATOM   22   C CD2 . LEU A 1 11  ? 12.468  -17.515 -8.582  1.00 16.76 ? 96   LEU A CD2 1 
ATOM   23   N N   . HIS A 1 12  ? 10.762  -21.878 -7.081  1.00 20.15 ? 97   HIS A N   1 
ATOM   24   C CA  . HIS A 1 12  ? 9.941   -22.890 -6.436  1.00 21.06 ? 97   HIS A CA  1 
ATOM   25   C C   . HIS A 1 12  ? 8.461   -22.648 -6.754  1.00 21.66 ? 97   HIS A C   1 
ATOM   26   O O   . HIS A 1 12  ? 8.009   -21.506 -6.727  1.00 21.19 ? 97   HIS A O   1 
ATOM   27   C CB  . HIS A 1 12  ? 10.179  -22.892 -4.923  1.00 21.10 ? 97   HIS A CB  1 
ATOM   28   C CG  . HIS A 1 12  ? 9.723   -24.147 -4.245  1.00 22.09 ? 97   HIS A CG  1 
ATOM   29   N ND1 . HIS A 1 12  ? 8.447   -24.304 -3.748  1.00 23.01 ? 97   HIS A ND1 1 
ATOM   30   C CD2 . HIS A 1 12  ? 10.372  -25.308 -3.990  1.00 22.61 ? 97   HIS A CD2 1 
ATOM   31   C CE1 . HIS A 1 12  ? 8.329   -25.506 -3.213  1.00 22.68 ? 97   HIS A CE1 1 
ATOM   32   N NE2 . HIS A 1 12  ? 9.481   -26.138 -3.351  1.00 23.14 ? 97   HIS A NE2 1 
ATOM   33   N N   . PRO A 1 13  ? 7.711   -23.722 -7.080  1.00 22.47 ? 98   PRO A N   1 
ATOM   34   C CA  . PRO A 1 13  ? 6.280   -23.616 -7.401  1.00 23.10 ? 98   PRO A CA  1 
ATOM   35   C C   . PRO A 1 13  ? 5.473   -22.753 -6.422  1.00 23.92 ? 98   PRO A C   1 
ATOM   36   O O   . PRO A 1 13  ? 4.607   -21.994 -6.860  1.00 24.11 ? 98   PRO A O   1 
ATOM   37   C CB  . PRO A 1 13  ? 5.803   -25.067 -7.344  1.00 23.05 ? 98   PRO A CB  1 
ATOM   38   C CG  . PRO A 1 13  ? 7.006   -25.859 -7.750  1.00 22.76 ? 98   PRO A CG  1 
ATOM   39   C CD  . PRO A 1 13  ? 8.226   -25.085 -7.319  1.00 22.17 ? 98   PRO A CD  1 
ATOM   40   N N   . THR A 1 14  ? 5.759   -22.861 -5.122  1.00 24.53 ? 99   THR A N   1 
ATOM   41   C CA  . THR A 1 14  ? 5.053   -22.072 -4.110  1.00 25.37 ? 99   THR A CA  1 
ATOM   42   C C   . THR A 1 14  ? 5.312   -20.576 -4.295  1.00 25.67 ? 99   THR A C   1 
ATOM   43   O O   . THR A 1 14  ? 4.402   -19.761 -4.156  1.00 26.17 ? 99   THR A O   1 
ATOM   44   C CB  . THR A 1 14  ? 5.421   -22.493 -2.667  1.00 25.43 ? 99   THR A CB  1 
ATOM   45   O OG1 . THR A 1 14  ? 6.835   -22.356 -2.471  1.00 26.73 ? 99   THR A OG1 1 
ATOM   46   C CG2 . THR A 1 14  ? 5.007   -23.938 -2.395  1.00 25.35 ? 99   THR A CG2 1 
ATOM   47   N N   . MET A 1 15  ? 6.551   -20.224 -4.617  1.00 25.88 ? 100  MET A N   1 
ATOM   48   C CA  . MET A 1 15  ? 6.911   -18.846 -4.948  1.00 26.23 ? 100  MET A CA  1 
ATOM   49   C C   . MET A 1 15  ? 6.066   -18.310 -6.119  1.00 26.01 ? 100  MET A C   1 
ATOM   50   O O   . MET A 1 15  ? 5.444   -17.249 -6.001  1.00 25.59 ? 100  MET A O   1 
ATOM   51   C CB  . MET A 1 15  ? 8.416   -18.770 -5.238  1.00 26.39 ? 100  MET A CB  1 
ATOM   52   C CG  . MET A 1 15  ? 8.891   -17.604 -6.063  1.00 27.71 ? 100  MET A CG  1 
ATOM   53   S SD  . MET A 1 15  ? 9.409   -16.196 -5.073  1.00 33.68 ? 100  MET A SD  1 
ATOM   54   C CE  . MET A 1 15  ? 10.870  -16.791 -4.239  1.00 29.74 ? 100  MET A CE  1 
ATOM   55   N N   . LEU A 1 16  ? 6.038   -19.052 -7.230  1.00 25.80 ? 101  LEU A N   1 
ATOM   56   C CA  . LEU A 1 16  ? 5.267   -18.650 -8.419  1.00 25.76 ? 101  LEU A CA  1 
ATOM   57   C C   . LEU A 1 16  ? 3.753   -18.631 -8.195  1.00 25.17 ? 101  LEU A C   1 
ATOM   58   O O   . LEU A 1 16  ? 3.087   -17.659 -8.551  1.00 25.13 ? 101  LEU A O   1 
ATOM   59   C CB  . LEU A 1 16  ? 5.592   -19.540 -9.623  1.00 26.04 ? 101  LEU A CB  1 
ATOM   60   C CG  . LEU A 1 16  ? 6.778   -19.156 -10.510 1.00 27.14 ? 101  LEU A CG  1 
ATOM   61   C CD1 . LEU A 1 16  ? 7.026   -20.239 -11.572 1.00 27.41 ? 101  LEU A CD1 1 
ATOM   62   C CD2 . LEU A 1 16  ? 6.556   -17.804 -11.163 1.00 27.18 ? 101  LEU A CD2 1 
ATOM   63   N N   . ASN A 1 17  ? 3.219   -19.706 -7.615  1.00 24.49 ? 102  ASN A N   1 
ATOM   64   C CA  . ASN A 1 17  ? 1.782   -19.811 -7.354  1.00 23.88 ? 102  ASN A CA  1 
ATOM   65   C C   . ASN A 1 17  ? 1.281   -18.679 -6.463  1.00 23.21 ? 102  ASN A C   1 
ATOM   66   O O   . ASN A 1 17  ? 0.209   -18.125 -6.715  1.00 22.98 ? 102  ASN A O   1 
ATOM   67   C CB  . ASN A 1 17  ? 1.411   -21.168 -6.742  1.00 23.96 ? 102  ASN A CB  1 
ATOM   68   C CG  . ASN A 1 17  ? 1.671   -22.339 -7.685  1.00 25.35 ? 102  ASN A CG  1 
ATOM   69   O OD1 . ASN A 1 17  ? 1.543   -22.218 -8.907  1.00 27.04 ? 102  ASN A OD1 1 
ATOM   70   N ND2 . ASN A 1 17  ? 2.042   -23.483 -7.114  1.00 24.63 ? 102  ASN A ND2 1 
ATOM   71   N N   A CYS A 1 18  ? 2.062   -18.334 -5.441  0.30 22.75 ? 103  CYS A N   1 
ATOM   72   N N   B CYS A 1 18  ? 2.059   -18.347 -5.428  0.70 22.81 ? 103  CYS A N   1 
ATOM   73   C CA  A CYS A 1 18  ? 1.690   -17.269 -4.514  0.30 22.33 ? 103  CYS A CA  1 
ATOM   74   C CA  B CYS A 1 18  ? 1.716   -17.253 -4.522  0.70 22.65 ? 103  CYS A CA  1 
ATOM   75   C C   A CYS A 1 18  ? 1.776   -15.881 -5.149  0.30 22.13 ? 103  CYS A C   1 
ATOM   76   C C   B CYS A 1 18  ? 1.675   -15.946 -5.287  0.70 22.23 ? 103  CYS A C   1 
ATOM   77   O O   A CYS A 1 18  ? 0.981   -15.000 -4.813  0.30 22.15 ? 103  CYS A O   1 
ATOM   78   O O   B CYS A 1 18  ? 0.705   -15.191 -5.180  0.70 22.19 ? 103  CYS A O   1 
ATOM   79   C CB  A CYS A 1 18  ? 2.523   -17.345 -3.231  0.30 22.27 ? 103  CYS A CB  1 
ATOM   80   C CB  B CYS A 1 18  ? 2.711   -17.141 -3.359  0.70 22.49 ? 103  CYS A CB  1 
ATOM   81   S SG  A CYS A 1 18  ? 2.163   -18.811 -2.222  0.30 21.78 ? 103  CYS A SG  1 
ATOM   82   S SG  B CYS A 1 18  ? 2.358   -15.774 -2.200  0.70 23.86 ? 103  CYS A SG  1 
ATOM   83   N N   . MET A 1 19  ? 2.724   -15.692 -6.068  1.00 21.84 ? 104  MET A N   1 
ATOM   84   C CA  . MET A 1 19  ? 2.824   -14.444 -6.811  1.00 21.41 ? 104  MET A CA  1 
ATOM   85   C C   . MET A 1 19  ? 1.682   -14.288 -7.812  1.00 21.49 ? 104  MET A C   1 
ATOM   86   O O   . MET A 1 19  ? 1.095   -13.213 -7.904  1.00 21.50 ? 104  MET A O   1 
ATOM   87   C CB  . MET A 1 19  ? 4.169   -14.268 -7.510  1.00 20.96 ? 104  MET A CB  1 
ATOM   88   C CG  . MET A 1 19  ? 4.405   -12.798 -7.866  1.00 19.79 ? 104  MET A CG  1 
ATOM   89   S SD  . MET A 1 19  ? 5.940   -12.415 -8.712  1.00 17.10 ? 104  MET A SD  1 
ATOM   90   C CE  . MET A 1 19  ? 7.139   -13.082 -7.558  1.00 15.57 ? 104  MET A CE  1 
ATOM   91   N N   . ARG A 1 20  ? 1.372   -15.361 -8.546  1.00 21.28 ? 105  ARG A N   1 
ATOM   92   C CA  . ARG A 1 20  ? 0.295   -15.326 -9.534  1.00 21.32 ? 105  ARG A CA  1 
ATOM   93   C C   . ARG A 1 20  ? -1.048  -15.093 -8.861  1.00 20.67 ? 105  ARG A C   1 
ATOM   94   O O   . ARG A 1 20  ? -1.834  -14.277 -9.328  1.00 20.88 ? 105  ARG A O   1 
ATOM   95   C CB  . ARG A 1 20  ? 0.234   -16.613 -10.351 1.00 21.52 ? 105  ARG A CB  1 
ATOM   96   C CG  . ARG A 1 20  ? 1.474   -16.932 -11.173 1.00 23.45 ? 105  ARG A CG  1 
ATOM   97   C CD  . ARG A 1 20  ? 1.234   -18.220 -11.966 1.00 25.50 ? 105  ARG A CD  1 
ATOM   98   N NE  . ARG A 1 20  ? 2.439   -18.755 -12.600 1.00 27.97 ? 105  ARG A NE  1 
ATOM   99   C CZ  . ARG A 1 20  ? 2.948   -18.324 -13.755 1.00 28.87 ? 105  ARG A CZ  1 
ATOM   100  N NH1 . ARG A 1 20  ? 2.377   -17.322 -14.419 1.00 29.63 ? 105  ARG A NH1 1 
ATOM   101  N NH2 . ARG A 1 20  ? 4.039   -18.896 -14.247 1.00 28.51 ? 105  ARG A NH2 1 
ATOM   102  N N   . GLY A 1 21  ? -1.294  -15.807 -7.765  1.00 20.15 ? 106  GLY A N   1 
ATOM   103  C CA  . GLY A 1 21  ? -2.550  -15.709 -7.017  1.00 19.93 ? 106  GLY A CA  1 
ATOM   104  C C   . GLY A 1 21  ? -2.797  -14.324 -6.441  1.00 19.76 ? 106  GLY A C   1 
ATOM   105  O O   . GLY A 1 21  ? -3.886  -13.766 -6.583  1.00 19.91 ? 106  GLY A O   1 
ATOM   106  N N   . LEU A 1 22  ? -1.776  -13.771 -5.796  1.00 19.35 ? 107  LEU A N   1 
ATOM   107  C CA  . LEU A 1 22  ? -1.842  -12.436 -5.218  1.00 19.08 ? 107  LEU A CA  1 
ATOM   108  C C   . LEU A 1 22  ? -1.968  -11.357 -6.289  1.00 19.09 ? 107  LEU A C   1 
ATOM   109  O O   . LEU A 1 22  ? -2.723  -10.390 -6.115  1.00 18.74 ? 107  LEU A O   1 
ATOM   110  C CB  . LEU A 1 22  ? -0.606  -12.181 -4.362  1.00 18.68 ? 107  LEU A CB  1 
ATOM   111  C CG  . LEU A 1 22  ? -0.486  -10.846 -3.641  1.00 19.22 ? 107  LEU A CG  1 
ATOM   112  C CD1 . LEU A 1 22  ? -1.600  -10.663 -2.611  1.00 18.47 ? 107  LEU A CD1 1 
ATOM   113  C CD2 . LEU A 1 22  ? 0.902   -10.768 -2.991  1.00 19.08 ? 107  LEU A CD2 1 
ATOM   114  N N   . HIS A 1 23  ? -1.228  -11.524 -7.387  1.00 18.99 ? 108  HIS A N   1 
ATOM   115  C CA  . HIS A 1 23  ? -1.301  -10.589 -8.509  1.00 19.19 ? 108  HIS A CA  1 
ATOM   116  C C   . HIS A 1 23  ? -2.708  -10.566 -9.117  1.00 19.46 ? 108  HIS A C   1 
ATOM   117  O O   . HIS A 1 23  ? -3.232  -9.496  -9.461  1.00 19.29 ? 108  HIS A O   1 
ATOM   118  C CB  . HIS A 1 23  ? -0.258  -10.916 -9.583  1.00 18.79 ? 108  HIS A CB  1 
ATOM   119  C CG  . HIS A 1 23  ? -0.384  -10.072 -10.809 1.00 19.06 ? 108  HIS A CG  1 
ATOM   120  N ND1 . HIS A 1 23  ? -1.193  -10.418 -11.871 1.00 19.08 ? 108  HIS A ND1 1 
ATOM   121  C CD2 . HIS A 1 23  ? 0.161   -8.874  -11.124 1.00 18.66 ? 108  HIS A CD2 1 
ATOM   122  C CE1 . HIS A 1 23  ? -1.112  -9.487  -12.804 1.00 19.39 ? 108  HIS A CE1 1 
ATOM   123  N NE2 . HIS A 1 23  ? -0.300  -8.536  -12.373 1.00 19.39 ? 108  HIS A NE2 1 
ATOM   124  N N   . LYS A 1 24  ? -3.308  -11.750 -9.239  1.00 19.79 ? 109  LYS A N   1 
ATOM   125  C CA  . LYS A 1 24  ? -4.676  -11.880 -9.751  1.00 20.58 ? 109  LYS A CA  1 
ATOM   126  C C   . LYS A 1 24  ? -5.679  -11.150 -8.847  1.00 20.37 ? 109  LYS A C   1 
ATOM   127  O O   . LYS A 1 24  ? -6.421  -10.288 -9.321  1.00 20.25 ? 109  LYS A O   1 
ATOM   128  C CB  . LYS A 1 24  ? -5.059  -13.360 -9.935  1.00 20.48 ? 109  LYS A CB  1 
ATOM   129  C CG  . LYS A 1 24  ? -6.398  -13.580 -10.630 1.00 21.86 ? 109  LYS A CG  1 
ATOM   130  C CD  . LYS A 1 24  ? -6.634  -15.061 -10.913 1.00 24.49 ? 109  LYS A CD  1 
ATOM   131  C CE  . LYS A 1 24  ? -8.108  -15.366 -11.213 1.00 25.97 ? 109  LYS A CE  1 
ATOM   132  N NZ  . LYS A 1 24  ? -8.593  -14.728 -12.475 1.00 27.03 ? 109  LYS A NZ  1 
ATOM   133  N N   . LYS A 1 25  ? -5.665  -11.473 -7.552  1.00 20.36 ? 110  LYS A N   1 
ATOM   134  C CA  . LYS A 1 25  ? -6.607  -10.889 -6.579  1.00 20.70 ? 110  LYS A CA  1 
ATOM   135  C C   . LYS A 1 25  ? -6.439  -9.373  -6.406  1.00 20.62 ? 110  LYS A C   1 
ATOM   136  O O   . LYS A 1 25  ? -7.380  -8.673  -6.037  1.00 20.51 ? 110  LYS A O   1 
ATOM   137  C CB  . LYS A 1 25  ? -6.465  -11.577 -5.218  1.00 20.87 ? 110  LYS A CB  1 
ATOM   138  C CG  . LYS A 1 25  ? -6.960  -13.014 -5.159  1.00 21.66 ? 110  LYS A CG  1 
ATOM   139  C CD  . LYS A 1 25  ? -6.373  -13.711 -3.944  1.00 23.38 ? 110  LYS A CD  1 
ATOM   140  C CE  . LYS A 1 25  ? -6.815  -15.161 -3.838  1.00 24.08 ? 110  LYS A CE  1 
ATOM   141  N NZ  . LYS A 1 25  ? -5.925  -15.895 -2.888  1.00 26.08 ? 110  LYS A NZ  1 
ATOM   142  N N   . ALA A 1 26  ? -5.229  -8.882  -6.665  1.00 20.73 ? 111  ALA A N   1 
ATOM   143  C CA  . ALA A 1 26  ? -4.923  -7.460  -6.553  1.00 20.58 ? 111  ALA A CA  1 
ATOM   144  C C   . ALA A 1 26  ? -5.420  -6.703  -7.772  1.00 20.44 ? 111  ALA A C   1 
ATOM   145  O O   . ALA A 1 26  ? -5.470  -5.474  -7.760  1.00 20.39 ? 111  ALA A O   1 
ATOM   146  C CB  . ALA A 1 26  ? -3.422  -7.249  -6.364  1.00 20.37 ? 111  ALA A CB  1 
ATOM   147  N N   . VAL A 1 27  ? -5.791  -7.443  -8.816  1.00 20.60 ? 112  VAL A N   1 
ATOM   148  C CA  . VAL A 1 27  ? -6.266  -6.863  -10.088 1.00 20.76 ? 112  VAL A CA  1 
ATOM   149  C C   . VAL A 1 27  ? -5.183  -5.953  -10.715 1.00 20.77 ? 112  VAL A C   1 
ATOM   150  O O   . VAL A 1 27  ? -5.477  -4.919  -11.325 1.00 20.98 ? 112  VAL A O   1 
ATOM   151  C CB  . VAL A 1 27  ? -7.657  -6.143  -9.938  1.00 20.85 ? 112  VAL A CB  1 
ATOM   152  C CG1 . VAL A 1 27  ? -8.322  -5.981  -11.289 1.00 21.18 ? 112  VAL A CG1 1 
ATOM   153  C CG2 . VAL A 1 27  ? -8.593  -6.934  -9.014  1.00 20.39 ? 112  VAL A CG2 1 
ATOM   154  N N   . LEU A 1 28  ? -3.930  -6.363  -10.556 1.00 20.51 ? 113  LEU A N   1 
ATOM   155  C CA  . LEU A 1 28  ? -2.781  -5.612  -11.066 1.00 20.80 ? 113  LEU A CA  1 
ATOM   156  C C   . LEU A 1 28  ? -2.534  -5.883  -12.550 1.00 20.23 ? 113  LEU A C   1 
ATOM   157  O O   . LEU A 1 28  ? -2.888  -6.945  -13.047 1.00 20.41 ? 113  LEU A O   1 
ATOM   158  C CB  . LEU A 1 28  ? -1.526  -5.956  -10.253 1.00 20.55 ? 113  LEU A CB  1 
ATOM   159  C CG  . LEU A 1 28  ? -1.337  -5.273  -8.895  1.00 22.21 ? 113  LEU A CG  1 
ATOM   160  C CD1 . LEU A 1 28  ? -0.311  -6.040  -8.055  1.00 22.98 ? 113  LEU A CD1 1 
ATOM   161  C CD2 . LEU A 1 28  ? -0.924  -3.800  -9.051  1.00 22.44 ? 113  LEU A CD2 1 
ATOM   162  N N   . PRO A 1 29  ? -1.920  -4.923  -13.262 1.00 20.11 ? 114  PRO A N   1 
ATOM   163  C CA  . PRO A 1 29  ? -1.619  -5.104  -14.681 1.00 20.08 ? 114  PRO A CA  1 
ATOM   164  C C   . PRO A 1 29  ? -0.604  -6.220  -14.924 1.00 20.13 ? 114  PRO A C   1 
ATOM   165  O O   . PRO A 1 29  ? 0.320   -6.396  -14.129 1.00 20.00 ? 114  PRO A O   1 
ATOM   166  C CB  . PRO A 1 29  ? -1.008  -3.755  -15.083 1.00 20.26 ? 114  PRO A CB  1 
ATOM   167  C CG  . PRO A 1 29  ? -1.509  -2.784  -14.062 1.00 20.39 ? 114  PRO A CG  1 
ATOM   168  C CD  . PRO A 1 29  ? -1.541  -3.578  -12.795 1.00 20.13 ? 114  PRO A CD  1 
ATOM   169  N N   . GLU A 1 30  ? -0.779  -6.958  -16.020 1.00 20.30 ? 115  GLU A N   1 
ATOM   170  C CA  . GLU A 1 30  ? 0.148   -8.029  -16.409 1.00 20.54 ? 115  GLU A CA  1 
ATOM   171  C C   . GLU A 1 30  ? 1.659   -7.707  -16.274 1.00 20.16 ? 115  GLU A C   1 
ATOM   172  O O   . GLU A 1 30  ? 2.366   -8.451  -15.596 1.00 20.26 ? 115  GLU A O   1 
ATOM   173  C CB  . GLU A 1 30  ? -0.187  -8.576  -17.807 1.00 20.71 ? 115  GLU A CB  1 
ATOM   174  C CG  . GLU A 1 30  ? 0.634   -9.812  -18.231 1.00 22.57 ? 115  GLU A CG  1 
ATOM   175  C CD  . GLU A 1 30  ? 0.293   -11.077 -17.435 1.00 24.90 ? 115  GLU A CD  1 
ATOM   176  O OE1 . GLU A 1 30  ? -0.766  -11.112 -16.766 1.00 26.64 ? 115  GLU A OE1 1 
ATOM   177  O OE2 . GLU A 1 30  ? 1.082   -12.044 -17.489 1.00 25.08 ? 115  GLU A OE2 1 
ATOM   178  N N   . PRO A 1 31  ? 2.158   -6.606  -16.890 1.00 19.88 ? 116  PRO A N   1 
ATOM   179  C CA  . PRO A 1 31  ? 3.621   -6.397  -16.829 1.00 19.82 ? 116  PRO A CA  1 
ATOM   180  C C   . PRO A 1 31  ? 4.169   -6.222  -15.405 1.00 19.82 ? 116  PRO A C   1 
ATOM   181  O O   . PRO A 1 31  ? 5.381   -6.301  -15.198 1.00 20.01 ? 116  PRO A O   1 
ATOM   182  C CB  . PRO A 1 31  ? 3.842   -5.120  -17.656 1.00 19.68 ? 116  PRO A CB  1 
ATOM   183  C CG  . PRO A 1 31  ? 2.601   -4.973  -18.485 1.00 19.88 ? 116  PRO A CG  1 
ATOM   184  C CD  . PRO A 1 31  ? 1.495   -5.523  -17.637 1.00 19.77 ? 116  PRO A CD  1 
ATOM   185  N N   . VAL A 1 32  ? 3.280   -5.997  -14.439 1.00 19.70 ? 117  VAL A N   1 
ATOM   186  C CA  . VAL A 1 32  ? 3.661   -5.945  -13.025 1.00 19.31 ? 117  VAL A CA  1 
ATOM   187  C C   . VAL A 1 32  ? 4.041   -7.341  -12.524 1.00 19.27 ? 117  VAL A C   1 
ATOM   188  O O   . VAL A 1 32  ? 5.020   -7.496  -11.787 1.00 19.32 ? 117  VAL A O   1 
ATOM   189  C CB  . VAL A 1 32  ? 2.543   -5.306  -12.151 1.00 19.28 ? 117  VAL A CB  1 
ATOM   190  C CG1 . VAL A 1 32  ? 2.837   -5.465  -10.661 1.00 18.70 ? 117  VAL A CG1 1 
ATOM   191  C CG2 . VAL A 1 32  ? 2.362   -3.828  -12.515 1.00 19.16 ? 117  VAL A CG2 1 
ATOM   192  N N   . LEU A 1 33  ? 3.276   -8.352  -12.926 1.00 18.95 ? 118  LEU A N   1 
ATOM   193  C CA  . LEU A 1 33  ? 3.629   -9.736  -12.627 1.00 19.20 ? 118  LEU A CA  1 
ATOM   194  C C   . LEU A 1 33  ? 4.997   -10.107 -13.217 1.00 19.44 ? 118  LEU A C   1 
ATOM   195  O O   . LEU A 1 33  ? 5.834   -10.693 -12.534 1.00 19.31 ? 118  LEU A O   1 
ATOM   196  C CB  . LEU A 1 33  ? 2.560   -10.717 -13.137 1.00 18.82 ? 118  LEU A CB  1 
ATOM   197  C CG  . LEU A 1 33  ? 2.887   -12.211 -12.969 1.00 18.21 ? 118  LEU A CG  1 
ATOM   198  C CD1 . LEU A 1 33  ? 3.086   -12.587 -11.488 1.00 14.98 ? 118  LEU A CD1 1 
ATOM   199  C CD2 . LEU A 1 33  ? 1.813   -13.085 -13.623 1.00 17.22 ? 118  LEU A CD2 1 
ATOM   200  N N   . ASP A 1 34  ? 5.204   -9.757  -14.482 1.00 19.81 ? 119  ASP A N   1 
ATOM   201  C CA  . ASP A 1 34  ? 6.458   -10.043 -15.176 1.00 20.49 ? 119  ASP A CA  1 
ATOM   202  C C   . ASP A 1 34  ? 7.640   -9.418  -14.442 1.00 20.50 ? 119  ASP A C   1 
ATOM   203  O O   . ASP A 1 34  ? 8.674   -10.049 -14.285 1.00 20.36 ? 119  ASP A O   1 
ATOM   204  C CB  . ASP A 1 34  ? 6.407   -9.529  -16.620 1.00 20.57 ? 119  ASP A CB  1 
ATOM   205  C CG  . ASP A 1 34  ? 5.402   -10.281 -17.485 1.00 21.17 ? 119  ASP A CG  1 
ATOM   206  O OD1 . ASP A 1 34  ? 5.071   -11.448 -17.176 1.00 22.39 ? 119  ASP A OD1 1 
ATOM   207  O OD2 . ASP A 1 34  ? 4.957   -9.701  -18.497 1.00 21.27 ? 119  ASP A OD2 1 
ATOM   208  N N   . ARG A 1 35  ? 7.466   -8.178  -13.989 1.00 20.72 ? 120  ARG A N   1 
ATOM   209  C CA  . ARG A 1 35  ? 8.497   -7.484  -13.214 1.00 20.84 ? 120  ARG A CA  1 
ATOM   210  C C   . ARG A 1 35  ? 8.741   -8.175  -11.866 1.00 20.69 ? 120  ARG A C   1 
ATOM   211  O O   . ARG A 1 35  ? 9.890   -8.324  -11.430 1.00 20.73 ? 120  ARG A O   1 
ATOM   212  C CB  . ARG A 1 35  ? 8.139   -6.000  -13.040 1.00 20.52 ? 120  ARG A CB  1 
ATOM   213  C CG  . ARG A 1 35  ? 9.122   -5.174  -12.198 1.00 20.64 ? 120  ARG A CG  1 
ATOM   214  C CD  . ARG A 1 35  ? 10.572  -5.215  -12.694 1.00 20.24 ? 120  ARG A CD  1 
ATOM   215  N NE  . ARG A 1 35  ? 11.407  -4.337  -11.875 1.00 19.83 ? 120  ARG A NE  1 
ATOM   216  C CZ  . ARG A 1 35  ? 12.728  -4.424  -11.747 1.00 19.26 ? 120  ARG A CZ  1 
ATOM   217  N NH1 . ARG A 1 35  ? 13.407  -5.366  -12.386 1.00 18.55 ? 120  ARG A NH1 1 
ATOM   218  N NH2 . ARG A 1 35  ? 13.372  -3.564  -10.963 1.00 18.49 ? 120  ARG A NH2 1 
ATOM   219  N N   . GLY A 1 36  ? 7.655   -8.608  -11.234 1.00 20.75 ? 121  GLY A N   1 
ATOM   220  C CA  . GLY A 1 36  ? 7.719   -9.397  -10.009 1.00 20.92 ? 121  GLY A CA  1 
ATOM   221  C C   . GLY A 1 36  ? 8.500   -10.692 -10.169 1.00 20.97 ? 121  GLY A C   1 
ATOM   222  O O   . GLY A 1 36  ? 9.261   -11.062 -9.275  1.00 21.06 ? 121  GLY A O   1 
ATOM   223  N N   . ILE A 1 37  ? 8.310   -11.378 -11.301 1.00 21.02 ? 122  ILE A N   1 
ATOM   224  C CA  . ILE A 1 37  ? 9.048   -12.609 -11.611 1.00 21.26 ? 122  ILE A CA  1 
ATOM   225  C C   . ILE A 1 37  ? 10.544  -12.313 -11.780 1.00 21.23 ? 122  ILE A C   1 
ATOM   226  O O   . ILE A 1 37  ? 11.390  -13.041 -11.251 1.00 20.87 ? 122  ILE A O   1 
ATOM   227  C CB  . ILE A 1 37  ? 8.522   -13.320 -12.896 1.00 21.43 ? 122  ILE A CB  1 
ATOM   228  C CG1 . ILE A 1 37  ? 7.016   -13.586 -12.828 1.00 22.38 ? 122  ILE A CG1 1 
ATOM   229  C CG2 . ILE A 1 37  ? 9.274   -14.627 -13.160 1.00 21.26 ? 122  ILE A CG2 1 
ATOM   230  C CD1 . ILE A 1 37  ? 6.567   -14.412 -11.645 1.00 24.29 ? 122  ILE A CD1 1 
ATOM   231  N N   . GLU A 1 38  ? 10.850  -11.246 -12.520 1.00 21.06 ? 123  GLU A N   1 
ATOM   232  C CA  . GLU A 1 38  ? 12.229  -10.823 -12.763 1.00 21.31 ? 123  GLU A CA  1 
ATOM   233  C C   . GLU A 1 38  ? 12.979  -10.532 -11.460 1.00 21.02 ? 123  GLU A C   1 
ATOM   234  O O   . GLU A 1 38  ? 14.110  -10.976 -11.282 1.00 21.25 ? 123  GLU A O   1 
ATOM   235  C CB  . GLU A 1 38  ? 12.276  -9.609  -13.704 1.00 21.54 ? 123  GLU A CB  1 
ATOM   236  C CG  . GLU A 1 38  ? 13.694  -9.117  -14.013 1.00 22.33 ? 123  GLU A CG  1 
ATOM   237  C CD  . GLU A 1 38  ? 13.728  -7.878  -14.894 1.00 24.45 ? 123  GLU A CD  1 
ATOM   238  O OE1 . GLU A 1 38  ? 12.954  -6.930  -14.643 1.00 24.83 ? 123  GLU A OE1 1 
ATOM   239  O OE2 . GLU A 1 38  ? 14.550  -7.848  -15.836 1.00 25.83 ? 123  GLU A OE2 1 
ATOM   240  N N   . LEU A 1 39  ? 12.342  -9.799  -10.548 1.00 21.05 ? 124  LEU A N   1 
ATOM   241  C CA  . LEU A 1 39  ? 12.959  -9.466  -9.258  1.00 20.50 ? 124  LEU A CA  1 
ATOM   242  C C   . LEU A 1 39  ? 13.212  -10.697 -8.396  1.00 20.26 ? 124  LEU A C   1 
ATOM   243  O O   . LEU A 1 39  ? 14.242  -10.791 -7.739  1.00 20.24 ? 124  LEU A O   1 
ATOM   244  C CB  . LEU A 1 39  ? 12.109  -8.447  -8.492  1.00 20.30 ? 124  LEU A CB  1 
ATOM   245  C CG  . LEU A 1 39  ? 12.255  -6.988  -8.922  1.00 20.10 ? 124  LEU A CG  1 
ATOM   246  C CD1 . LEU A 1 39  ? 11.078  -6.177  -8.394  1.00 19.46 ? 124  LEU A CD1 1 
ATOM   247  C CD2 . LEU A 1 39  ? 13.595  -6.385  -8.479  1.00 18.72 ? 124  LEU A CD2 1 
ATOM   248  N N   . ALA A 1 40  ? 12.268  -11.634 -8.416  1.00 20.12 ? 125  ALA A N   1 
ATOM   249  C CA  . ALA A 1 40  ? 12.372  -12.867 -7.651  1.00 19.93 ? 125  ALA A CA  1 
ATOM   250  C C   . ALA A 1 40  ? 13.490  -13.771 -8.184  1.00 20.10 ? 125  ALA A C   1 
ATOM   251  O O   . ALA A 1 40  ? 14.249  -14.345 -7.395  1.00 20.22 ? 125  ALA A O   1 
ATOM   252  C CB  . ALA A 1 40  ? 11.026  -13.603 -7.630  1.00 19.88 ? 125  ALA A CB  1 
ATOM   253  N N   . ARG A 1 41  ? 13.608  -13.875 -9.510  1.00 19.61 ? 126  ARG A N   1 
ATOM   254  C CA  . ARG A 1 41  ? 14.673  -14.685 -10.118 1.00 19.49 ? 126  ARG A CA  1 
ATOM   255  C C   . ARG A 1 41  ? 16.059  -14.140 -9.771  1.00 19.20 ? 126  ARG A C   1 
ATOM   256  O O   . ARG A 1 41  ? 16.979  -14.905 -9.479  1.00 19.20 ? 126  ARG A O   1 
ATOM   257  C CB  . ARG A 1 41  ? 14.517  -14.798 -11.646 1.00 19.33 ? 126  ARG A CB  1 
ATOM   258  C CG  . ARG A 1 41  ? 13.357  -15.674 -12.119 1.00 19.77 ? 126  ARG A CG  1 
ATOM   259  C CD  . ARG A 1 41  ? 13.581  -16.172 -13.544 1.00 20.52 ? 126  ARG A CD  1 
ATOM   260  N NE  . ARG A 1 41  ? 12.336  -16.301 -14.301 1.00 23.09 ? 126  ARG A NE  1 
ATOM   261  C CZ  . ARG A 1 41  ? 11.537  -17.368 -14.300 1.00 24.71 ? 126  ARG A CZ  1 
ATOM   262  N NH1 . ARG A 1 41  ? 11.825  -18.443 -13.571 1.00 25.09 ? 126  ARG A NH1 1 
ATOM   263  N NH2 . ARG A 1 41  ? 10.432  -17.359 -15.034 1.00 24.82 ? 126  ARG A NH2 1 
ATOM   264  N N   . ALA A 1 42  ? 16.193  -12.817 -9.800  1.00 19.07 ? 127  ALA A N   1 
ATOM   265  C CA  . ALA A 1 42  ? 17.454  -12.156 -9.477  1.00 18.79 ? 127  ALA A CA  1 
ATOM   266  C C   . ALA A 1 42  ? 17.804  -12.318 -7.993  1.00 18.52 ? 127  ALA A C   1 
ATOM   267  O O   . ALA A 1 42  ? 18.944  -12.614 -7.653  1.00 18.79 ? 127  ALA A O   1 
ATOM   268  C CB  . ALA A 1 42  ? 17.388  -10.679 -9.862  1.00 18.52 ? 127  ALA A CB  1 
ATOM   269  N N   . PHE A 1 43  ? 16.816  -12.137 -7.119  1.00 18.38 ? 128  PHE A N   1 
ATOM   270  C CA  . PHE A 1 43  ? 17.024  -12.285 -5.671  1.00 18.03 ? 128  PHE A CA  1 
ATOM   271  C C   . PHE A 1 43  ? 17.348  -13.740 -5.320  1.00 17.63 ? 128  PHE A C   1 
ATOM   272  O O   . PHE A 1 43  ? 18.320  -14.012 -4.621  1.00 17.33 ? 128  PHE A O   1 
ATOM   273  C CB  . PHE A 1 43  ? 15.797  -11.769 -4.899  1.00 17.96 ? 128  PHE A CB  1 
ATOM   274  C CG  . PHE A 1 43  ? 15.844  -12.015 -3.406  1.00 17.64 ? 128  PHE A CG  1 
ATOM   275  C CD1 . PHE A 1 43  ? 16.593  -11.199 -2.570  1.00 17.15 ? 128  PHE A CD1 1 
ATOM   276  C CD2 . PHE A 1 43  ? 15.106  -13.047 -2.836  1.00 17.34 ? 128  PHE A CD2 1 
ATOM   277  C CE1 . PHE A 1 43  ? 16.619  -11.415 -1.189  1.00 16.73 ? 128  PHE A CE1 1 
ATOM   278  C CE2 . PHE A 1 43  ? 15.132  -13.276 -1.460  1.00 16.00 ? 128  PHE A CE2 1 
ATOM   279  C CZ  . PHE A 1 43  ? 15.892  -12.459 -0.640  1.00 16.62 ? 128  PHE A CZ  1 
ATOM   280  N N   . VAL A 1 44  ? 16.537  -14.662 -5.830  1.00 17.67 ? 129  VAL A N   1 
ATOM   281  C CA  . VAL A 1 44  ? 16.701  -16.086 -5.563  1.00 17.68 ? 129  VAL A CA  1 
ATOM   282  C C   . VAL A 1 44  ? 18.016  -16.592 -6.155  1.00 18.23 ? 129  VAL A C   1 
ATOM   283  O O   . VAL A 1 44  ? 18.751  -17.325 -5.494  1.00 18.51 ? 129  VAL A O   1 
ATOM   284  C CB  . VAL A 1 44  ? 15.477  -16.900 -6.071  1.00 17.72 ? 129  VAL A CB  1 
ATOM   285  C CG1 . VAL A 1 44  ? 15.813  -18.375 -6.232  1.00 17.14 ? 129  VAL A CG1 1 
ATOM   286  C CG2 . VAL A 1 44  ? 14.282  -16.717 -5.120  1.00 16.58 ? 129  VAL A CG2 1 
ATOM   287  N N   . GLY A 1 45  ? 18.311  -16.173 -7.386  1.00 18.74 ? 130  GLY A N   1 
ATOM   288  C CA  . GLY A 1 45  ? 19.567  -16.506 -8.062  1.00 19.23 ? 130  GLY A CA  1 
ATOM   289  C C   . GLY A 1 45  ? 20.785  -15.989 -7.320  1.00 19.51 ? 130  GLY A C   1 
ATOM   290  O O   . GLY A 1 45  ? 21.813  -16.671 -7.249  1.00 19.47 ? 130  GLY A O   1 
ATOM   291  N N   . GLY A 1 46  ? 20.665  -14.784 -6.767  1.00 19.80 ? 131  GLY A N   1 
ATOM   292  C CA  . GLY A 1 46  ? 21.702  -14.215 -5.904  1.00 20.33 ? 131  GLY A CA  1 
ATOM   293  C C   . GLY A 1 46  ? 21.967  -15.070 -4.672  1.00 20.87 ? 131  GLY A C   1 
ATOM   294  O O   . GLY A 1 46  ? 23.118  -15.438 -4.397  1.00 20.79 ? 131  GLY A O   1 
ATOM   295  N N   . ARG A 1 47  ? 20.899  -15.401 -3.941  1.00 21.10 ? 132  ARG A N   1 
ATOM   296  C CA  . ARG A 1 47  ? 21.007  -16.192 -2.710  1.00 21.49 ? 132  ARG A CA  1 
ATOM   297  C C   . ARG A 1 47  ? 21.587  -17.585 -2.971  1.00 21.63 ? 132  ARG A C   1 
ATOM   298  O O   . ARG A 1 47  ? 22.466  -18.046 -2.240  1.00 21.62 ? 132  ARG A O   1 
ATOM   299  C CB  . ARG A 1 47  ? 19.652  -16.318 -2.002  1.00 21.30 ? 132  ARG A CB  1 
ATOM   300  C CG  . ARG A 1 47  ? 18.991  -14.997 -1.635  1.00 22.58 ? 132  ARG A CG  1 
ATOM   301  C CD  . ARG A 1 47  ? 19.370  -14.480 -0.253  1.00 23.88 ? 132  ARG A CD  1 
ATOM   302  N NE  . ARG A 1 47  ? 18.473  -14.987 0.781   1.00 25.58 ? 132  ARG A NE  1 
ATOM   303  C CZ  . ARG A 1 47  ? 18.114  -14.317 1.874   1.00 24.90 ? 132  ARG A CZ  1 
ATOM   304  N NH1 . ARG A 1 47  ? 18.557  -13.086 2.097   1.00 24.59 ? 132  ARG A NH1 1 
ATOM   305  N NH2 . ARG A 1 47  ? 17.295  -14.886 2.748   1.00 24.57 ? 132  ARG A NH2 1 
ATOM   306  N N   . ARG A 1 48  ? 21.086  -18.251 -4.008  1.00 21.75 ? 133  ARG A N   1 
ATOM   307  C CA  . ARG A 1 48  ? 21.571  -19.580 -4.371  1.00 22.25 ? 133  ARG A CA  1 
ATOM   308  C C   . ARG A 1 48  ? 23.073  -19.587 -4.663  1.00 22.54 ? 133  ARG A C   1 
ATOM   309  O O   . ARG A 1 48  ? 23.787  -20.475 -4.201  1.00 22.92 ? 133  ARG A O   1 
ATOM   310  C CB  . ARG A 1 48  ? 20.801  -20.121 -5.570  1.00 22.08 ? 133  ARG A CB  1 
ATOM   311  C CG  . ARG A 1 48  ? 19.418  -20.603 -5.235  1.00 21.84 ? 133  ARG A CG  1 
ATOM   312  C CD  . ARG A 1 48  ? 18.737  -21.116 -6.471  1.00 20.45 ? 133  ARG A CD  1 
ATOM   313  N NE  . ARG A 1 48  ? 17.329  -21.387 -6.221  1.00 19.69 ? 133  ARG A NE  1 
ATOM   314  C CZ  . ARG A 1 48  ? 16.436  -21.657 -7.165  1.00 18.39 ? 133  ARG A CZ  1 
ATOM   315  N NH1 . ARG A 1 48  ? 16.795  -21.700 -8.441  1.00 17.57 ? 133  ARG A NH1 1 
ATOM   316  N NH2 . ARG A 1 48  ? 15.180  -21.877 -6.826  1.00 18.51 ? 133  ARG A NH2 1 
ATOM   317  N N   . ALA A 1 49  ? 23.539  -18.579 -5.402  1.00 22.79 ? 134  ALA A N   1 
ATOM   318  C CA  . ALA A 1 49  ? 24.951  -18.435 -5.761  1.00 23.04 ? 134  ALA A CA  1 
ATOM   319  C C   . ALA A 1 49  ? 25.866  -18.185 -4.558  1.00 23.28 ? 134  ALA A C   1 
ATOM   320  O O   . ALA A 1 49  ? 27.069  -18.471 -4.623  1.00 23.61 ? 134  ALA A O   1 
ATOM   321  C CB  . ALA A 1 49  ? 25.126  -17.324 -6.810  1.00 23.12 ? 134  ALA A CB  1 
ATOM   322  N N   . ARG A 1 50  ? 25.307  -17.654 -3.473  1.00 23.16 ? 135  ARG A N   1 
ATOM   323  C CA  . ARG A 1 50  ? 26.076  -17.416 -2.248  1.00 23.39 ? 135  ARG A CA  1 
ATOM   324  C C   . ARG A 1 50  ? 25.789  -18.463 -1.164  1.00 23.40 ? 135  ARG A C   1 
ATOM   325  O O   . ARG A 1 50  ? 26.281  -18.360 -0.038  1.00 23.10 ? 135  ARG A O   1 
ATOM   326  C CB  . ARG A 1 50  ? 25.828  -16.003 -1.707  1.00 23.44 ? 135  ARG A CB  1 
ATOM   327  C CG  . ARG A 1 50  ? 26.336  -14.879 -2.607  1.00 24.44 ? 135  ARG A CG  1 
ATOM   328  C CD  . ARG A 1 50  ? 26.071  -13.498 -1.999  1.00 26.59 ? 135  ARG A CD  1 
ATOM   329  N NE  . ARG A 1 50  ? 24.675  -13.309 -1.588  1.00 27.33 ? 135  ARG A NE  1 
ATOM   330  C CZ  . ARG A 1 50  ? 23.728  -12.744 -2.338  1.00 28.54 ? 135  ARG A CZ  1 
ATOM   331  N NH1 . ARG A 1 50  ? 24.006  -12.301 -3.559  1.00 28.68 ? 135  ARG A NH1 1 
ATOM   332  N NH2 . ARG A 1 50  ? 22.492  -12.620 -1.864  1.00 28.50 ? 135  ARG A NH2 1 
ATOM   333  N N   . GLY A 1 51  ? 24.998  -19.473 -1.514  1.00 23.57 ? 136  GLY A N   1 
ATOM   334  C CA  . GLY A 1 51  ? 24.654  -20.550 -0.589  1.00 24.02 ? 136  GLY A CA  1 
ATOM   335  C C   . GLY A 1 51  ? 23.778  -20.126 0.574   1.00 24.56 ? 136  GLY A C   1 
ATOM   336  O O   . GLY A 1 51  ? 23.838  -20.730 1.649   1.00 24.30 ? 136  GLY A O   1 
ATOM   337  N N   . GLN A 1 52  ? 22.965  -19.090 0.353   1.00 25.17 ? 137  GLN A N   1 
ATOM   338  C CA  . GLN A 1 52  ? 22.042  -18.564 1.361   1.00 25.73 ? 137  GLN A CA  1 
ATOM   339  C C   . GLN A 1 52  ? 20.657  -19.165 1.188   1.00 25.86 ? 137  GLN A C   1 
ATOM   340  O O   . GLN A 1 52  ? 20.136  -19.230 0.071   1.00 26.15 ? 137  GLN A O   1 
ATOM   341  C CB  . GLN A 1 52  ? 21.898  -17.053 1.217   1.00 25.97 ? 137  GLN A CB  1 
ATOM   342  C CG  . GLN A 1 52  ? 23.031  -16.204 1.755   1.00 27.06 ? 137  GLN A CG  1 
ATOM   343  C CD  . GLN A 1 52  ? 22.731  -14.718 1.582   1.00 28.73 ? 137  GLN A CD  1 
ATOM   344  O OE1 . GLN A 1 52  ? 23.277  -14.063 0.690   1.00 29.62 ? 137  GLN A OE1 1 
ATOM   345  N NE2 . GLN A 1 52  ? 21.834  -14.188 2.418   1.00 28.23 ? 137  GLN A NE2 1 
ATOM   346  N N   . ARG A 1 53  ? 20.057  -19.577 2.296   1.00 26.07 ? 138  ARG A N   1 
ATOM   347  C CA  . ARG A 1 53  ? 18.692  -20.089 2.308   1.00 26.24 ? 138  ARG A CA  1 
ATOM   348  C C   . ARG A 1 53  ? 17.701  -18.990 1.920   1.00 25.98 ? 138  ARG A C   1 
ATOM   349  O O   . ARG A 1 53  ? 17.843  -17.833 2.319   1.00 25.62 ? 138  ARG A O   1 
ATOM   350  C CB  . ARG A 1 53  ? 18.345  -20.627 3.699   1.00 26.70 ? 138  ARG A CB  1 
ATOM   351  C CG  . ARG A 1 53  ? 17.276  -21.730 3.717   1.00 28.73 ? 138  ARG A CG  1 
ATOM   352  C CD  . ARG A 1 53  ? 16.509  -21.751 5.043   1.00 31.67 ? 138  ARG A CD  1 
ATOM   353  N NE  . ARG A 1 53  ? 17.385  -21.926 6.203   1.00 33.45 ? 138  ARG A NE  1 
ATOM   354  C CZ  . ARG A 1 53  ? 17.366  -22.986 7.012   1.00 35.16 ? 138  ARG A CZ  1 
ATOM   355  N NH1 . ARG A 1 53  ? 16.502  -23.976 6.802   1.00 35.68 ? 138  ARG A NH1 1 
ATOM   356  N NH2 . ARG A 1 53  ? 18.206  -23.055 8.044   1.00 34.95 ? 138  ARG A NH2 1 
ATOM   357  N N   . VAL A 1 54  ? 16.712  -19.356 1.116   1.00 25.61 ? 139  VAL A N   1 
ATOM   358  C CA  . VAL A 1 54  ? 15.620  -18.457 0.821   1.00 25.27 ? 139  VAL A CA  1 
ATOM   359  C C   . VAL A 1 54  ? 14.474  -18.844 1.745   1.00 24.91 ? 139  VAL A C   1 
ATOM   360  O O   . VAL A 1 54  ? 13.816  -19.861 1.541   1.00 25.19 ? 139  VAL A O   1 
ATOM   361  C CB  . VAL A 1 54  ? 15.195  -18.519 -0.673  1.00 25.46 ? 139  VAL A CB  1 
ATOM   362  C CG1 . VAL A 1 54  ? 14.119  -17.484 -0.965  1.00 25.31 ? 139  VAL A CG1 1 
ATOM   363  C CG2 . VAL A 1 54  ? 16.398  -18.301 -1.583  1.00 25.48 ? 139  VAL A CG2 1 
ATOM   364  N N   . GLU A 1 55  ? 14.262  -18.036 2.777   1.00 24.43 ? 140  GLU A N   1 
ATOM   365  C CA  . GLU A 1 55  ? 13.210  -18.284 3.755   1.00 24.18 ? 140  GLU A CA  1 
ATOM   366  C C   . GLU A 1 55  ? 11.890  -17.646 3.316   1.00 23.34 ? 140  GLU A C   1 
ATOM   367  O O   . GLU A 1 55  ? 11.883  -16.654 2.578   1.00 23.12 ? 140  GLU A O   1 
ATOM   368  C CB  . GLU A 1 55  ? 13.627  -17.743 5.130   1.00 24.63 ? 140  GLU A CB  1 
ATOM   369  C CG  . GLU A 1 55  ? 14.883  -18.405 5.720   1.00 26.31 ? 140  GLU A CG  1 
ATOM   370  C CD  . GLU A 1 55  ? 15.804  -17.417 6.440   1.00 29.12 ? 140  GLU A CD  1 
ATOM   371  O OE1 . GLU A 1 55  ? 15.329  -16.342 6.882   1.00 30.03 ? 140  GLU A OE1 1 
ATOM   372  O OE2 . GLU A 1 55  ? 17.013  -17.720 6.565   1.00 30.61 ? 140  GLU A OE2 1 
ATOM   373  N N   . ARG A 1 56  ? 10.783  -18.235 3.766   1.00 22.47 ? 141  ARG A N   1 
ATOM   374  C CA  . ARG A 1 56  ? 9.439   -17.681 3.578   1.00 21.82 ? 141  ARG A CA  1 
ATOM   375  C C   . ARG A 1 56  ? 9.174   -17.217 2.141   1.00 21.37 ? 141  ARG A C   1 
ATOM   376  O O   . ARG A 1 56  ? 8.973   -16.024 1.875   1.00 21.28 ? 141  ARG A O   1 
ATOM   377  C CB  . ARG A 1 56  ? 9.180   -16.558 4.589   1.00 21.75 ? 141  ARG A CB  1 
ATOM   378  C CG  . ARG A 1 56  ? 8.948   -17.057 6.021   1.00 22.15 ? 141  ARG A CG  1 
ATOM   379  C CD  . ARG A 1 56  ? 7.699   -17.922 6.106   1.00 23.38 ? 141  ARG A CD  1 
ATOM   380  N NE  . ARG A 1 56  ? 6.531   -17.220 5.564   1.00 24.58 ? 141  ARG A NE  1 
ATOM   381  C CZ  . ARG A 1 56  ? 5.435   -17.813 5.090   1.00 25.16 ? 141  ARG A CZ  1 
ATOM   382  N NH1 . ARG A 1 56  ? 5.338   -19.140 5.081   1.00 23.81 ? 141  ARG A NH1 1 
ATOM   383  N NH2 . ARG A 1 56  ? 4.430   -17.071 4.624   1.00 25.19 ? 141  ARG A NH2 1 
ATOM   384  N N   . GLN A 1 57  ? 9.176   -18.184 1.226   1.00 20.48 ? 142  GLN A N   1 
ATOM   385  C CA  . GLN A 1 57  ? 9.001   -17.922 -0.205  1.00 19.98 ? 142  GLN A CA  1 
ATOM   386  C C   . GLN A 1 57  ? 7.721   -17.164 -0.589  1.00 18.91 ? 142  GLN A C   1 
ATOM   387  O O   . GLN A 1 57  ? 7.771   -16.331 -1.491  1.00 19.36 ? 142  GLN A O   1 
ATOM   388  C CB  . GLN A 1 57  ? 9.134   -19.211 -1.021  1.00 20.06 ? 142  GLN A CB  1 
ATOM   389  C CG  . GLN A 1 57  ? 10.455  -19.925 -0.796  1.00 21.43 ? 142  GLN A CG  1 
ATOM   390  C CD  . GLN A 1 57  ? 11.040  -20.493 -2.069  1.00 23.27 ? 142  GLN A CD  1 
ATOM   391  O OE1 . GLN A 1 57  ? 10.827  -19.962 -3.166  1.00 24.67 ? 142  GLN A OE1 1 
ATOM   392  N NE2 . GLN A 1 57  ? 11.792  -21.571 -1.930  1.00 22.23 ? 142  GLN A NE2 1 
ATOM   393  N N   . PRO A 1 58  ? 6.579   -17.447 0.076   1.00 17.85 ? 143  PRO A N   1 
ATOM   394  C CA  . PRO A 1 58  ? 5.393   -16.638 -0.237  1.00 17.02 ? 143  PRO A CA  1 
ATOM   395  C C   . PRO A 1 58  ? 5.571   -15.139 0.098   1.00 16.37 ? 143  PRO A C   1 
ATOM   396  O O   . PRO A 1 58  ? 5.050   -14.272 -0.619  1.00 15.97 ? 143  PRO A O   1 
ATOM   397  C CB  . PRO A 1 58  ? 4.293   -17.270 0.631   1.00 17.02 ? 143  PRO A CB  1 
ATOM   398  C CG  . PRO A 1 58  ? 4.767   -18.666 0.912   1.00 17.15 ? 143  PRO A CG  1 
ATOM   399  C CD  . PRO A 1 58  ? 6.257   -18.570 0.984   1.00 17.66 ? 143  PRO A CD  1 
ATOM   400  N N   . ASP A 1 59  ? 6.307   -14.843 1.169   1.00 15.47 ? 144  ASP A N   1 
ATOM   401  C CA  . ASP A 1 59  ? 6.548   -13.460 1.588   1.00 14.66 ? 144  ASP A CA  1 
ATOM   402  C C   . ASP A 1 59  ? 7.515   -12.757 0.627   1.00 14.33 ? 144  ASP A C   1 
ATOM   403  O O   . ASP A 1 59  ? 7.346   -11.577 0.315   1.00 14.42 ? 144  ASP A O   1 
ATOM   404  C CB  . ASP A 1 59  ? 7.073   -13.412 3.025   1.00 14.35 ? 144  ASP A CB  1 
ATOM   405  C CG  . ASP A 1 59  ? 6.127   -14.063 4.027   1.00 14.89 ? 144  ASP A CG  1 
ATOM   406  O OD1 . ASP A 1 59  ? 4.910   -14.167 3.763   1.00 15.58 ? 144  ASP A OD1 1 
ATOM   407  O OD2 . ASP A 1 59  ? 6.598   -14.463 5.105   1.00 15.77 ? 144  ASP A OD2 1 
ATOM   408  N N   . VAL A 1 60  ? 8.513   -13.495 0.149   1.00 13.79 ? 145  VAL A N   1 
ATOM   409  C CA  . VAL A 1 60  ? 9.445   -12.987 -0.857  1.00 13.51 ? 145  VAL A CA  1 
ATOM   410  C C   . VAL A 1 60  ? 8.685   -12.653 -2.139  1.00 13.60 ? 145  VAL A C   1 
ATOM   411  O O   . VAL A 1 60  ? 8.939   -11.624 -2.773  1.00 13.78 ? 145  VAL A O   1 
ATOM   412  C CB  . VAL A 1 60  ? 10.568  -14.017 -1.159  1.00 13.50 ? 145  VAL A CB  1 
ATOM   413  C CG1 . VAL A 1 60  ? 11.397  -13.596 -2.371  1.00 12.81 ? 145  VAL A CG1 1 
ATOM   414  C CG2 . VAL A 1 60  ? 11.459  -14.203 0.068   1.00 13.00 ? 145  VAL A CG2 1 
ATOM   415  N N   . ALA A 1 61  ? 7.747   -13.527 -2.503  1.00 13.09 ? 146  ALA A N   1 
ATOM   416  C CA  . ALA A 1 61  ? 6.884   -13.306 -3.654  1.00 12.86 ? 146  ALA A CA  1 
ATOM   417  C C   . ALA A 1 61  ? 6.056   -12.028 -3.513  1.00 12.60 ? 146  ALA A C   1 
ATOM   418  O O   . ALA A 1 61  ? 6.047   -11.194 -4.424  1.00 12.58 ? 146  ALA A O   1 
ATOM   419  C CB  . ALA A 1 61  ? 5.980   -14.518 -3.884  1.00 12.78 ? 146  ALA A CB  1 
ATOM   420  N N   . ALA A 1 62  ? 5.367   -11.873 -2.379  1.00 12.14 ? 147  ALA A N   1 
ATOM   421  C CA  . ALA A 1 62  ? 4.575   -10.655 -2.124  1.00 11.81 ? 147  ALA A CA  1 
ATOM   422  C C   . ALA A 1 62  ? 5.430   -9.401  -2.221  1.00 11.73 ? 147  ALA A C   1 
ATOM   423  O O   . ALA A 1 62  ? 5.019   -8.424  -2.836  1.00 12.19 ? 147  ALA A O   1 
ATOM   424  C CB  . ALA A 1 62  ? 3.880   -10.720 -0.772  1.00 11.24 ? 147  ALA A CB  1 
ATOM   425  N N   . ALA A 1 63  ? 6.625   -9.445  -1.633  1.00 11.81 ? 148  ALA A N   1 
ATOM   426  C CA  . ALA A 1 63  ? 7.526   -8.295  -1.591  1.00 12.05 ? 148  ALA A CA  1 
ATOM   427  C C   . ALA A 1 63  ? 8.012   -7.885  -2.976  1.00 12.51 ? 148  ALA A C   1 
ATOM   428  O O   . ALA A 1 63  ? 8.082   -6.688  -3.274  1.00 12.98 ? 148  ALA A O   1 
ATOM   429  C CB  . ALA A 1 63  ? 8.697   -8.563  -0.663  1.00 11.67 ? 148  ALA A CB  1 
ATOM   430  N N   . CYS A 1 64  ? 8.349   -8.873  -3.810  1.00 12.83 ? 149  CYS A N   1 
ATOM   431  C CA  . CYS A 1 64  ? 8.735   -8.638  -5.205  1.00 12.83 ? 149  CYS A CA  1 
ATOM   432  C C   . CYS A 1 64  ? 7.578   -7.990  -5.963  1.00 12.92 ? 149  CYS A C   1 
ATOM   433  O O   . CYS A 1 64  ? 7.767   -7.016  -6.697  1.00 13.03 ? 149  CYS A O   1 
ATOM   434  C CB  . CYS A 1 64  ? 9.150   -9.954  -5.883  1.00 12.75 ? 149  CYS A CB  1 
ATOM   435  S SG  . CYS A 1 64  ? 10.761  -10.579 -5.382  1.00 13.15 ? 149  CYS A SG  1 
ATOM   436  N N   . LEU A 1 65  ? 6.375   -8.522  -5.766  1.00 12.93 ? 150  LEU A N   1 
ATOM   437  C CA  . LEU A 1 65  ? 5.182   -7.956  -6.386  1.00 12.88 ? 150  LEU A CA  1 
ATOM   438  C C   . LEU A 1 65  ? 4.934   -6.497  -5.984  1.00 12.89 ? 150  LEU A C   1 
ATOM   439  O O   . LEU A 1 65  ? 4.586   -5.667  -6.834  1.00 13.13 ? 150  LEU A O   1 
ATOM   440  C CB  . LEU A 1 65  ? 3.956   -8.807  -6.061  1.00 12.83 ? 150  LEU A CB  1 
ATOM   441  C CG  . LEU A 1 65  ? 2.742   -8.583  -6.961  1.00 12.84 ? 150  LEU A CG  1 
ATOM   442  C CD1 . LEU A 1 65  ? 3.090   -8.879  -8.409  1.00 11.78 ? 150  LEU A CD1 1 
ATOM   443  C CD2 . LEU A 1 65  ? 1.582   -9.435  -6.482  1.00 13.38 ? 150  LEU A CD2 1 
ATOM   444  N N   . MET A 1 66  ? 5.125   -6.189  -4.699  1.00 12.33 ? 151  MET A N   1 
ATOM   445  C CA  . MET A 1 66  ? 4.919   -4.834  -4.199  1.00 11.95 ? 151  MET A CA  1 
ATOM   446  C C   . MET A 1 66  ? 5.917   -3.844  -4.790  1.00 11.38 ? 151  MET A C   1 
ATOM   447  O O   . MET A 1 66  ? 5.531   -2.744  -5.168  1.00 11.25 ? 151  MET A O   1 
ATOM   448  C CB  . MET A 1 66  ? 4.961   -4.793  -2.672  1.00 11.99 ? 151  MET A CB  1 
ATOM   449  C CG  . MET A 1 66  ? 3.813   -5.533  -2.030  1.00 12.83 ? 151  MET A CG  1 
ATOM   450  S SD  . MET A 1 66  ? 4.082   -5.861  -0.282  1.00 16.70 ? 151  MET A SD  1 
ATOM   451  C CE  . MET A 1 66  ? 3.766   -4.253  0.444   1.00 14.03 ? 151  MET A CE  1 
ATOM   452  N N   . ILE A 1 67  ? 7.188   -4.235  -4.887  1.00 11.03 ? 152  ILE A N   1 
ATOM   453  C CA  . ILE A 1 67  ? 8.191   -3.376  -5.514  1.00 10.64 ? 152  ILE A CA  1 
ATOM   454  C C   . ILE A 1 67  ? 7.769   -3.111  -6.960  1.00 10.85 ? 152  ILE A C   1 
ATOM   455  O O   . ILE A 1 67  ? 7.749   -1.963  -7.409  1.00 10.88 ? 152  ILE A O   1 
ATOM   456  C CB  . ILE A 1 67  ? 9.619   -4.007  -5.478  1.00 10.81 ? 152  ILE A CB  1 
ATOM   457  C CG1 . ILE A 1 67  ? 10.124  -4.143  -4.035  1.00 9.85  ? 152  ILE A CG1 1 
ATOM   458  C CG2 . ILE A 1 67  ? 10.602  -3.191  -6.327  1.00 8.85  ? 152  ILE A CG2 1 
ATOM   459  C CD1 . ILE A 1 67  ? 11.273  -5.146  -3.895  1.00 10.22 ? 152  ILE A CD1 1 
ATOM   460  N N   . ALA A 1 68  ? 7.404   -4.180  -7.666  1.00 10.76 ? 153  ALA A N   1 
ATOM   461  C CA  . ALA A 1 68  ? 6.942   -4.085  -9.046  1.00 11.27 ? 153  ALA A CA  1 
ATOM   462  C C   . ALA A 1 68  ? 5.745   -3.149  -9.188  1.00 11.39 ? 153  ALA A C   1 
ATOM   463  O O   . ALA A 1 68  ? 5.719   -2.308  -10.085 1.00 11.61 ? 153  ALA A O   1 
ATOM   464  C CB  . ALA A 1 68  ? 6.612   -5.474  -9.616  1.00 10.47 ? 153  ALA A CB  1 
ATOM   465  N N   . ALA A 1 69  ? 4.761   -3.306  -8.308  1.00 11.81 ? 154  ALA A N   1 
ATOM   466  C CA  . ALA A 1 69  ? 3.545   -2.483  -8.339  1.00 12.35 ? 154  ALA A CA  1 
ATOM   467  C C   . ALA A 1 69  ? 3.850   -1.000  -8.090  1.00 12.62 ? 154  ALA A C   1 
ATOM   468  O O   . ALA A 1 69  ? 3.244   -0.112  -8.703  1.00 12.63 ? 154  ALA A O   1 
ATOM   469  C CB  . ALA A 1 69  ? 2.525   -3.001  -7.328  1.00 12.00 ? 154  ALA A CB  1 
ATOM   470  N N   . GLU A 1 70  ? 4.787   -0.734  -7.191  1.00 12.80 ? 155  GLU A N   1 
ATOM   471  C CA  . GLU A 1 70  ? 5.142   0.646   -6.875  1.00 13.40 ? 155  GLU A CA  1 
ATOM   472  C C   . GLU A 1 70  ? 5.896   1.315   -8.025  1.00 13.21 ? 155  GLU A C   1 
ATOM   473  O O   . GLU A 1 70  ? 5.698   2.501   -8.293  1.00 13.05 ? 155  GLU A O   1 
ATOM   474  C CB  . GLU A 1 70  ? 5.942   0.714   -5.580  1.00 13.50 ? 155  GLU A CB  1 
ATOM   475  C CG  . GLU A 1 70  ? 5.107   0.457   -4.343  1.00 14.71 ? 155  GLU A CG  1 
ATOM   476  C CD  . GLU A 1 70  ? 5.912   0.606   -3.068  1.00 17.89 ? 155  GLU A CD  1 
ATOM   477  O OE1 . GLU A 1 70  ? 6.590   1.656   -2.898  1.00 18.63 ? 155  GLU A OE1 1 
ATOM   478  O OE2 . GLU A 1 70  ? 5.869   -0.329  -2.237  1.00 18.56 ? 155  GLU A OE2 1 
ATOM   479  N N   . GLU A 1 71  ? 6.749   0.537   -8.692  1.00 13.13 ? 156  GLU A N   1 
ATOM   480  C CA  . GLU A 1 71  ? 7.467   0.969   -9.885  1.00 13.29 ? 156  GLU A CA  1 
ATOM   481  C C   . GLU A 1 71  ? 6.501   1.373   -10.996 1.00 13.20 ? 156  GLU A C   1 
ATOM   482  O O   . GLU A 1 71  ? 6.777   2.307   -11.745 1.00 13.22 ? 156  GLU A O   1 
ATOM   483  C CB  . GLU A 1 71  ? 8.398   -0.148  -10.402 1.00 13.42 ? 156  GLU A CB  1 
ATOM   484  C CG  . GLU A 1 71  ? 9.645   -0.392  -9.551  1.00 13.57 ? 156  GLU A CG  1 
ATOM   485  C CD  . GLU A 1 71  ? 10.554  -1.479  -10.125 1.00 13.15 ? 156  GLU A CD  1 
ATOM   486  O OE1 . GLU A 1 71  ? 10.163  -2.158  -11.098 1.00 13.82 ? 156  GLU A OE1 1 
ATOM   487  O OE2 . GLU A 1 71  ? 11.665  -1.659  -9.595  1.00 12.26 ? 156  GLU A OE2 1 
ATOM   488  N N   . ALA A 1 72  ? 5.381   0.662   -11.106 1.00 13.12 ? 157  ALA A N   1 
ATOM   489  C CA  . ALA A 1 72  ? 4.344   1.005   -12.090 1.00 12.99 ? 157  ALA A CA  1 
ATOM   490  C C   . ALA A 1 72  ? 3.339   2.012   -11.526 1.00 13.08 ? 157  ALA A C   1 
ATOM   491  O O   . ALA A 1 72  ? 2.305   2.291   -12.146 1.00 13.05 ? 157  ALA A O   1 
ATOM   492  C CB  . ALA A 1 72  ? 3.635   -0.253  -12.573 1.00 12.88 ? 157  ALA A CB  1 
ATOM   493  N N   . GLN A 1 73  ? 3.651   2.548   -10.345 1.00 13.29 ? 158  GLN A N   1 
ATOM   494  C CA  . GLN A 1 73  ? 2.837   3.588   -9.686  1.00 13.51 ? 158  GLN A CA  1 
ATOM   495  C C   . GLN A 1 73  ? 1.408   3.109   -9.467  1.00 13.32 ? 158  GLN A C   1 
ATOM   496  O O   . GLN A 1 73  ? 0.450   3.875   -9.555  1.00 13.08 ? 158  GLN A O   1 
ATOM   497  C CB  . GLN A 1 73  ? 2.883   4.903   -10.478 1.00 13.59 ? 158  GLN A CB  1 
ATOM   498  C CG  . GLN A 1 73  ? 4.291   5.308   -10.929 1.00 14.53 ? 158  GLN A CG  1 
ATOM   499  C CD  . GLN A 1 73  ? 4.428   6.808   -11.102 1.00 16.41 ? 158  GLN A CD  1 
ATOM   500  O OE1 . GLN A 1 73  ? 4.992   7.486   -10.248 1.00 18.28 ? 158  GLN A OE1 1 
ATOM   501  N NE2 . GLN A 1 73  ? 3.896   7.336   -12.197 1.00 16.31 ? 158  GLN A NE2 1 
ATOM   502  N N   . GLN A 1 74  ? 1.293   1.812   -9.201  1.00 13.49 ? 159  GLN A N   1 
ATOM   503  C CA  . GLN A 1 74  ? 0.033   1.167   -8.874  1.00 13.52 ? 159  GLN A CA  1 
ATOM   504  C C   . GLN A 1 74  ? 0.237   0.494   -7.518  1.00 13.24 ? 159  GLN A C   1 
ATOM   505  O O   . GLN A 1 74  ? 0.153   -0.733  -7.418  1.00 13.45 ? 159  GLN A O   1 
ATOM   506  C CB  . GLN A 1 74  ? -0.316  0.125   -9.948  1.00 13.67 ? 159  GLN A CB  1 
ATOM   507  C CG  . GLN A 1 74  ? -0.519  0.672   -11.373 1.00 14.97 ? 159  GLN A CG  1 
ATOM   508  C CD  . GLN A 1 74  ? -1.886  1.329   -11.570 1.00 16.30 ? 159  GLN A CD  1 
ATOM   509  O OE1 . GLN A 1 74  ? -2.793  1.158   -10.753 1.00 18.01 ? 159  GLN A OE1 1 
ATOM   510  N NE2 . GLN A 1 74  ? -2.032  2.090   -12.651 1.00 15.71 ? 159  GLN A NE2 1 
ATOM   511  N N   . PRO A 1 75  ? 0.513   1.288   -6.465  1.00 13.19 ? 160  PRO A N   1 
ATOM   512  C CA  . PRO A 1 75  ? 0.997   0.692   -5.212  1.00 13.22 ? 160  PRO A CA  1 
ATOM   513  C C   . PRO A 1 75  ? 0.038   -0.309  -4.577  1.00 13.16 ? 160  PRO A C   1 
ATOM   514  O O   . PRO A 1 75  ? -1.181  -0.177  -4.683  1.00 12.68 ? 160  PRO A O   1 
ATOM   515  C CB  . PRO A 1 75  ? 1.181   1.896   -4.276  1.00 13.18 ? 160  PRO A CB  1 
ATOM   516  C CG  . PRO A 1 75  ? 1.077   3.090   -5.129  1.00 13.75 ? 160  PRO A CG  1 
ATOM   517  C CD  . PRO A 1 75  ? 0.280   2.734   -6.328  1.00 12.99 ? 160  PRO A CD  1 
ATOM   518  N N   . LEU A 1 76  ? 0.624   -1.290  -3.905  1.00 13.19 ? 161  LEU A N   1 
ATOM   519  C CA  . LEU A 1 76  ? -0.096  -2.361  -3.270  1.00 13.64 ? 161  LEU A CA  1 
ATOM   520  C C   . LEU A 1 76  ? 0.319   -2.341  -1.810  1.00 13.57 ? 161  LEU A C   1 
ATOM   521  O O   . LEU A 1 76  ? 1.328   -2.937  -1.450  1.00 14.13 ? 161  LEU A O   1 
ATOM   522  C CB  . LEU A 1 76  ? 0.271   -3.691  -3.949  1.00 13.60 ? 161  LEU A CB  1 
ATOM   523  C CG  . LEU A 1 76  ? -0.378  -5.000  -3.491  1.00 14.31 ? 161  LEU A CG  1 
ATOM   524  C CD1 . LEU A 1 76  ? -1.869  -4.972  -3.713  1.00 13.79 ? 161  LEU A CD1 1 
ATOM   525  C CD2 . LEU A 1 76  ? 0.235   -6.174  -4.229  1.00 14.13 ? 161  LEU A CD2 1 
ATOM   526  N N   . PRO A 1 77  ? -0.439  -1.624  -0.962  1.00 13.93 ? 162  PRO A N   1 
ATOM   527  C CA  . PRO A 1 77  ? 0.018   -1.475  0.419   1.00 13.95 ? 162  PRO A CA  1 
ATOM   528  C C   . PRO A 1 77  ? -0.042  -2.805  1.151   1.00 14.10 ? 162  PRO A C   1 
ATOM   529  O O   . PRO A 1 77  ? -0.761  -3.718  0.719   1.00 14.26 ? 162  PRO A O   1 
ATOM   530  C CB  . PRO A 1 77  ? -0.983  -0.477  1.021   1.00 13.96 ? 162  PRO A CB  1 
ATOM   531  C CG  . PRO A 1 77  ? -2.191  -0.591  0.195   1.00 13.64 ? 162  PRO A CG  1 
ATOM   532  C CD  . PRO A 1 77  ? -1.725  -0.933  -1.194  1.00 13.95 ? 162  PRO A CD  1 
ATOM   533  N N   . LEU A 1 78  ? 0.706   -2.914  2.246   1.00 14.04 ? 163  LEU A N   1 
ATOM   534  C CA  . LEU A 1 78  ? 0.764   -4.152  3.007   1.00 14.22 ? 163  LEU A CA  1 
ATOM   535  C C   . LEU A 1 78  ? -0.609  -4.566  3.563   1.00 14.19 ? 163  LEU A C   1 
ATOM   536  O O   . LEU A 1 78  ? -0.936  -5.746  3.597   1.00 14.21 ? 163  LEU A O   1 
ATOM   537  C CB  . LEU A 1 78  ? 1.820   -4.055  4.115   1.00 14.38 ? 163  LEU A CB  1 
ATOM   538  C CG  . LEU A 1 78  ? 2.126   -5.321  4.926   1.00 14.19 ? 163  LEU A CG  1 
ATOM   539  C CD1 . LEU A 1 78  ? 2.393   -6.526  4.041   1.00 13.97 ? 163  LEU A CD1 1 
ATOM   540  C CD2 . LEU A 1 78  ? 3.304   -5.061  5.836   1.00 15.34 ? 163  LEU A CD2 1 
ATOM   541  N N   . ALA A 1 79  ? -1.417  -3.591  3.966   1.00 14.35 ? 164  ALA A N   1 
ATOM   542  C CA  . ALA A 1 79  ? -2.749  -3.879  4.505   1.00 14.33 ? 164  ALA A CA  1 
ATOM   543  C C   . ALA A 1 79  ? -3.602  -4.638  3.481   1.00 14.45 ? 164  ALA A C   1 
ATOM   544  O O   . ALA A 1 79  ? -4.324  -5.577  3.837   1.00 14.63 ? 164  ALA A O   1 
ATOM   545  C CB  . ALA A 1 79  ? -3.432  -2.595  4.943   1.00 14.09 ? 164  ALA A CB  1 
ATOM   546  N N   . GLU A 1 80  ? -3.490  -4.246  2.212   1.00 14.23 ? 165  GLU A N   1 
ATOM   547  C CA  . GLU A 1 80  ? -4.181  -4.937  1.126   1.00 14.29 ? 165  GLU A CA  1 
ATOM   548  C C   . GLU A 1 80  ? -3.650  -6.365  0.935   1.00 14.33 ? 165  GLU A C   1 
ATOM   549  O O   . GLU A 1 80  ? -4.439  -7.317  0.813   1.00 14.20 ? 165  GLU A O   1 
ATOM   550  C CB  . GLU A 1 80  ? -4.092  -4.127  -0.172  1.00 14.09 ? 165  GLU A CB  1 
ATOM   551  C CG  . GLU A 1 80  ? -4.836  -4.744  -1.345  1.00 15.12 ? 165  GLU A CG  1 
ATOM   552  C CD  . GLU A 1 80  ? -4.827  -3.869  -2.589  1.00 16.47 ? 165  GLU A CD  1 
ATOM   553  O OE1 . GLU A 1 80  ? -4.226  -2.777  -2.563  1.00 18.37 ? 165  GLU A OE1 1 
ATOM   554  O OE2 . GLU A 1 80  ? -5.422  -4.279  -3.604  1.00 16.76 ? 165  GLU A OE2 1 
ATOM   555  N N   . VAL A 1 81  ? -2.322  -6.507  0.927   1.00 14.42 ? 166  VAL A N   1 
ATOM   556  C CA  . VAL A 1 81  ? -1.666  -7.818  0.809   1.00 14.61 ? 166  VAL A CA  1 
ATOM   557  C C   . VAL A 1 81  ? -2.153  -8.799  1.894   1.00 14.94 ? 166  VAL A C   1 
ATOM   558  O O   . VAL A 1 81  ? -2.489  -9.948  1.593   1.00 14.76 ? 166  VAL A O   1 
ATOM   559  C CB  . VAL A 1 81  ? -0.110  -7.703  0.825   1.00 14.70 ? 166  VAL A CB  1 
ATOM   560  C CG1 . VAL A 1 81  ? 0.545   -9.079  0.698   1.00 15.12 ? 166  VAL A CG1 1 
ATOM   561  C CG2 . VAL A 1 81  ? 0.388   -6.804  -0.305  1.00 13.91 ? 166  VAL A CG2 1 
ATOM   562  N N   . ARG A 1 82  ? -2.219  -8.329  3.139   1.00 15.39 ? 167  ARG A N   1 
ATOM   563  C CA  . ARG A 1 82  ? -2.668  -9.147  4.274   1.00 15.75 ? 167  ARG A CA  1 
ATOM   564  C C   . ARG A 1 82  ? -4.147  -9.521  4.174   1.00 16.44 ? 167  ARG A C   1 
ATOM   565  O O   . ARG A 1 82  ? -4.554  -10.594 4.628   1.00 16.48 ? 167  ARG A O   1 
ATOM   566  C CB  . ARG A 1 82  ? -2.414  -8.423  5.596   1.00 15.98 ? 167  ARG A CB  1 
ATOM   567  C CG  . ARG A 1 82  ? -0.950  -8.182  5.907   1.00 14.82 ? 167  ARG A CG  1 
ATOM   568  C CD  . ARG A 1 82  ? -0.702  -8.229  7.397   1.00 14.66 ? 167  ARG A CD  1 
ATOM   569  N NE  . ARG A 1 82  ? 0.689   -7.936  7.722   1.00 15.05 ? 167  ARG A NE  1 
ATOM   570  C CZ  . ARG A 1 82  ? 1.698   -8.781  7.538   1.00 14.27 ? 167  ARG A CZ  1 
ATOM   571  N NH1 . ARG A 1 82  ? 1.488   -9.988  7.025   1.00 14.53 ? 167  ARG A NH1 1 
ATOM   572  N NH2 . ARG A 1 82  ? 2.924   -8.410  7.859   1.00 14.71 ? 167  ARG A NH2 1 
ATOM   573  N N   . CYS A 1 83  ? -4.941  -8.624  3.585   1.00 16.89 ? 168  CYS A N   1 
ATOM   574  C CA  . CYS A 1 83  ? -6.367  -8.858  3.349   1.00 17.38 ? 168  CYS A CA  1 
ATOM   575  C C   . CYS A 1 83  ? -6.598  -9.830  2.179   1.00 17.42 ? 168  CYS A C   1 
ATOM   576  O O   . CYS A 1 83  ? -7.483  -10.678 2.239   1.00 17.48 ? 168  CYS A O   1 
ATOM   577  C CB  . CYS A 1 83  ? -7.093  -7.525  3.130   1.00 17.22 ? 168  CYS A CB  1 
ATOM   578  S SG  . CYS A 1 83  ? -8.854  -7.657  2.757   1.00 18.75 ? 168  CYS A SG  1 
ATOM   579  N N   . LEU A 1 84  ? -5.782  -9.719  1.134   1.00 17.70 ? 169  LEU A N   1 
ATOM   580  C CA  . LEU A 1 84  ? -5.842  -10.648 0.003   1.00 17.64 ? 169  LEU A CA  1 
ATOM   581  C C   . LEU A 1 84  ? -5.304  -12.053 0.330   1.00 17.93 ? 169  LEU A C   1 
ATOM   582  O O   . LEU A 1 84  ? -5.817  -13.053 -0.175  1.00 18.04 ? 169  LEU A O   1 
ATOM   583  C CB  . LEU A 1 84  ? -5.123  -10.054 -1.214  1.00 17.59 ? 169  LEU A CB  1 
ATOM   584  C CG  . LEU A 1 84  ? -5.812  -8.847  -1.880  1.00 17.49 ? 169  LEU A CG  1 
ATOM   585  C CD1 . LEU A 1 84  ? -4.946  -8.284  -2.985  1.00 17.20 ? 169  LEU A CD1 1 
ATOM   586  C CD2 . LEU A 1 84  ? -7.217  -9.174  -2.403  1.00 16.26 ? 169  LEU A CD2 1 
ATOM   587  N N   . ASP A 1 85  ? -4.280  -12.124 1.174   1.00 17.94 ? 170  ASP A N   1 
ATOM   588  C CA  . ASP A 1 85  ? -3.740  -13.404 1.631   1.00 18.17 ? 170  ASP A CA  1 
ATOM   589  C C   . ASP A 1 85  ? -3.359  -13.292 3.103   1.00 18.01 ? 170  ASP A C   1 
ATOM   590  O O   . ASP A 1 85  ? -2.321  -12.722 3.459   1.00 18.11 ? 170  ASP A O   1 
ATOM   591  C CB  . ASP A 1 85  ? -2.547  -13.834 0.768   1.00 18.40 ? 170  ASP A CB  1 
ATOM   592  C CG  . ASP A 1 85  ? -2.043  -15.238 1.095   1.00 19.44 ? 170  ASP A CG  1 
ATOM   593  O OD1 . ASP A 1 85  ? -2.409  -15.807 2.150   1.00 20.69 ? 170  ASP A OD1 1 
ATOM   594  O OD2 . ASP A 1 85  ? -1.257  -15.775 0.286   1.00 20.18 ? 170  ASP A OD2 1 
ATOM   595  N N   . SER A 1 86  ? -4.209  -13.854 3.951   1.00 17.80 ? 171  SER A N   1 
ATOM   596  C CA  . SER A 1 86  ? -4.092  -13.726 5.396   1.00 17.78 ? 171  SER A CA  1 
ATOM   597  C C   . SER A 1 86  ? -2.950  -14.545 5.989   1.00 17.52 ? 171  SER A C   1 
ATOM   598  O O   . SER A 1 86  ? -2.636  -14.398 7.173   1.00 17.53 ? 171  SER A O   1 
ATOM   599  C CB  . SER A 1 86  ? -5.421  -14.128 6.052   1.00 18.01 ? 171  SER A CB  1 
ATOM   600  O OG  . SER A 1 86  ? -5.751  -13.258 7.122   1.00 18.59 ? 171  SER A OG  1 
ATOM   601  N N   . SER A 1 87  ? -2.332  -15.397 5.169   1.00 17.25 ? 172  SER A N   1 
ATOM   602  C CA  . SER A 1 87  ? -1.263  -16.294 5.624   1.00 17.38 ? 172  SER A CA  1 
ATOM   603  C C   . SER A 1 87  ? 0.146   -15.700 5.533   1.00 17.20 ? 172  SER A C   1 
ATOM   604  O O   . SER A 1 87  ? 1.077   -16.231 6.142   1.00 17.07 ? 172  SER A O   1 
ATOM   605  C CB  . SER A 1 87  ? -1.302  -17.622 4.854   1.00 17.33 ? 172  SER A CB  1 
ATOM   606  O OG  . SER A 1 87  ? -0.691  -17.486 3.580   1.00 17.46 ? 172  SER A OG  1 
ATOM   607  N N   . LEU A 1 88  ? 0.299   -14.616 4.772   1.00 17.07 ? 173  LEU A N   1 
ATOM   608  C CA  . LEU A 1 88  ? 1.614   -14.000 4.549   1.00 17.00 ? 173  LEU A CA  1 
ATOM   609  C C   . LEU A 1 88  ? 2.186   -13.398 5.825   1.00 17.17 ? 173  LEU A C   1 
ATOM   610  O O   . LEU A 1 88  ? 1.461   -12.790 6.612   1.00 17.34 ? 173  LEU A O   1 
ATOM   611  C CB  . LEU A 1 88  ? 1.552   -12.951 3.434   1.00 16.59 ? 173  LEU A CB  1 
ATOM   612  C CG  . LEU A 1 88  ? 1.218   -13.497 2.036   1.00 16.97 ? 173  LEU A CG  1 
ATOM   613  C CD1 . LEU A 1 88  ? 0.835   -12.394 1.077   1.00 15.58 ? 173  LEU A CD1 1 
ATOM   614  C CD2 . LEU A 1 88  ? 2.366   -14.324 1.467   1.00 16.50 ? 173  LEU A CD2 1 
ATOM   615  N N   . GLY A 1 89  ? 3.489   -13.578 6.021   1.00 17.28 ? 174  GLY A N   1 
ATOM   616  C CA  . GLY A 1 89  ? 4.160   -13.140 7.238   1.00 17.22 ? 174  GLY A CA  1 
ATOM   617  C C   . GLY A 1 89  ? 4.839   -11.793 7.106   1.00 17.40 ? 174  GLY A C   1 
ATOM   618  O O   . GLY A 1 89  ? 4.235   -10.817 6.642   1.00 17.32 ? 174  GLY A O   1 
ATOM   619  N N   . ASP A 1 90  ? 6.107   -11.756 7.506   1.00 17.26 ? 175  ASP A N   1 
ATOM   620  C CA  . ASP A 1 90  ? 6.894   -10.531 7.545   1.00 17.40 ? 175  ASP A CA  1 
ATOM   621  C C   . ASP A 1 90  ? 7.373   -10.131 6.155   1.00 17.46 ? 175  ASP A C   1 
ATOM   622  O O   . ASP A 1 90  ? 8.541   -10.319 5.800   1.00 17.64 ? 175  ASP A O   1 
ATOM   623  C CB  . ASP A 1 90  ? 8.081   -10.688 8.504   1.00 17.16 ? 175  ASP A CB  1 
ATOM   624  C CG  . ASP A 1 90  ? 8.650   -9.356  8.950   1.00 17.35 ? 175  ASP A CG  1 
ATOM   625  O OD1 . ASP A 1 90  ? 9.565   -9.363  9.791   1.00 17.77 ? 175  ASP A OD1 1 
ATOM   626  O OD2 . ASP A 1 90  ? 8.184   -8.296  8.465   1.00 17.26 ? 175  ASP A OD2 1 
ATOM   627  N N   . VAL A 1 91  ? 6.453   -9.573  5.378   1.00 17.67 ? 176  VAL A N   1 
ATOM   628  C CA  . VAL A 1 91  ? 6.720   -9.162  4.005   1.00 17.66 ? 176  VAL A CA  1 
ATOM   629  C C   . VAL A 1 91  ? 7.719   -7.990  3.964   1.00 17.95 ? 176  VAL A C   1 
ATOM   630  O O   . VAL A 1 91  ? 8.598   -7.955  3.099   1.00 18.34 ? 176  VAL A O   1 
ATOM   631  C CB  . VAL A 1 91  ? 5.394   -8.822  3.273   1.00 17.60 ? 176  VAL A CB  1 
ATOM   632  C CG1 . VAL A 1 91  ? 5.653   -8.326  1.860   1.00 18.29 ? 176  VAL A CG1 1 
ATOM   633  C CG2 . VAL A 1 91  ? 4.480   -10.043 3.238   1.00 16.83 ? 176  VAL A CG2 1 
ATOM   634  N N   . GLU A 1 92  ? 7.593   -7.058  4.911   1.00 17.92 ? 177  GLU A N   1 
ATOM   635  C CA  . GLU A 1 92  ? 8.493   -5.909  5.025   1.00 18.23 ? 177  GLU A CA  1 
ATOM   636  C C   . GLU A 1 92  ? 9.965   -6.282  5.191   1.00 17.47 ? 177  GLU A C   1 
ATOM   637  O O   . GLU A 1 92  ? 10.826  -5.628  4.618   1.00 17.57 ? 177  GLU A O   1 
ATOM   638  C CB  . GLU A 1 92  ? 8.061   -4.968  6.161   1.00 18.37 ? 177  GLU A CB  1 
ATOM   639  C CG  . GLU A 1 92  ? 7.010   -3.971  5.735   1.00 21.47 ? 177  GLU A CG  1 
ATOM   640  C CD  . GLU A 1 92  ? 6.735   -2.868  6.760   1.00 25.20 ? 177  GLU A CD  1 
ATOM   641  O OE1 . GLU A 1 92  ? 7.397   -2.803  7.827   1.00 27.42 ? 177  GLU A OE1 1 
ATOM   642  O OE2 . GLU A 1 92  ? 5.837   -2.049  6.481   1.00 26.41 ? 177  GLU A OE2 1 
ATOM   643  N N   . LEU A 1 93  ? 10.247  -7.317  5.975   1.00 17.10 ? 178  LEU A N   1 
ATOM   644  C CA  . LEU A 1 93  ? 11.617  -7.802  6.135   1.00 17.05 ? 178  LEU A CA  1 
ATOM   645  C C   . LEU A 1 93  ? 12.177  -8.289  4.796   1.00 17.25 ? 178  LEU A C   1 
ATOM   646  O O   . LEU A 1 93  ? 13.307  -7.947  4.423   1.00 17.39 ? 178  LEU A O   1 
ATOM   647  C CB  . LEU A 1 93  ? 11.692  -8.910  7.197   1.00 17.00 ? 178  LEU A CB  1 
ATOM   648  C CG  . LEU A 1 93  ? 13.033  -9.614  7.464   1.00 16.95 ? 178  LEU A CG  1 
ATOM   649  C CD1 . LEU A 1 93  ? 14.109  -8.642  7.973   1.00 16.05 ? 178  LEU A CD1 1 
ATOM   650  C CD2 . LEU A 1 93  ? 12.849  -10.779 8.438   1.00 16.20 ? 178  LEU A CD2 1 
ATOM   651  N N   . ARG A 1 94  ? 11.374  -9.067  4.073   1.00 17.00 ? 179  ARG A N   1 
ATOM   652  C CA  . ARG A 1 94  ? 11.780  -9.591  2.775   1.00 17.09 ? 179  ARG A CA  1 
ATOM   653  C C   . ARG A 1 94  ? 12.004  -8.464  1.775   1.00 17.12 ? 179  ARG A C   1 
ATOM   654  O O   . ARG A 1 94  ? 12.944  -8.526  0.982   1.00 16.72 ? 179  ARG A O   1 
ATOM   655  C CB  . ARG A 1 94  ? 10.759  -10.601 2.230   1.00 17.04 ? 179  ARG A CB  1 
ATOM   656  C CG  . ARG A 1 94  ? 10.525  -11.838 3.109   1.00 16.92 ? 179  ARG A CG  1 
ATOM   657  C CD  . ARG A 1 94  ? 11.828  -12.502 3.595   1.00 16.71 ? 179  ARG A CD  1 
ATOM   658  N NE  . ARG A 1 94  ? 11.529  -13.353 4.746   1.00 18.21 ? 179  ARG A NE  1 
ATOM   659  C CZ  . ARG A 1 94  ? 12.402  -13.766 5.659   1.00 18.64 ? 179  ARG A CZ  1 
ATOM   660  N NH1 . ARG A 1 94  ? 13.682  -13.415 5.595   1.00 17.85 ? 179  ARG A NH1 1 
ATOM   661  N NH2 . ARG A 1 94  ? 11.978  -14.533 6.657   1.00 19.97 ? 179  ARG A NH2 1 
ATOM   662  N N   . ARG A 1 95  ? 11.158  -7.432  1.825   1.00 17.09 ? 180  ARG A N   1 
ATOM   663  C CA  . ARG A 1 95  ? 11.346  -6.288  0.945   1.00 17.31 ? 180  ARG A CA  1 
ATOM   664  C C   . ARG A 1 95  ? 12.695  -5.629  1.203   1.00 17.29 ? 180  ARG A C   1 
ATOM   665  O O   . ARG A 1 95  ? 13.422  -5.342  0.263   1.00 17.49 ? 180  ARG A O   1 
ATOM   666  C CB  . ARG A 1 95  ? 10.225  -5.256  1.051   1.00 17.56 ? 180  ARG A CB  1 
ATOM   667  C CG  . ARG A 1 95  ? 10.298  -4.228  -0.080  1.00 17.75 ? 180  ARG A CG  1 
ATOM   668  C CD  . ARG A 1 95  ? 9.570   -2.976  0.274   1.00 18.28 ? 180  ARG A CD  1 
ATOM   669  N NE  . ARG A 1 95  ? 9.674   -1.963  -0.775  1.00 18.13 ? 180  ARG A NE  1 
ATOM   670  C CZ  . ARG A 1 95  ? 8.677   -1.604  -1.574  1.00 17.62 ? 180  ARG A CZ  1 
ATOM   671  N NH1 . ARG A 1 95  ? 7.487   -2.185  -1.460  1.00 18.69 ? 180  ARG A NH1 1 
ATOM   672  N NH2 . ARG A 1 95  ? 8.866   -0.663  -2.487  1.00 16.31 ? 180  ARG A NH2 1 
ATOM   673  N N   . ALA A 1 96  ? 13.029  -5.415  2.472   1.00 17.05 ? 181  ALA A N   1 
ATOM   674  C CA  . ALA A 1 96  ? 14.336  -4.882  2.833   1.00 17.09 ? 181  ALA A CA  1 
ATOM   675  C C   . ALA A 1 96  ? 15.486  -5.786  2.350   1.00 17.06 ? 181  ALA A C   1 
ATOM   676  O O   . ALA A 1 96  ? 16.495  -5.291  1.841   1.00 16.92 ? 181  ALA A O   1 
ATOM   677  C CB  . ALA A 1 96  ? 14.418  -4.647  4.333   1.00 16.95 ? 181  ALA A CB  1 
ATOM   678  N N   . ASP A 1 97  ? 15.324  -7.101  2.494   1.00 17.11 ? 182  ASP A N   1 
ATOM   679  C CA  . ASP A 1 97  ? 16.320  -8.065  1.998   1.00 17.30 ? 182  ASP A CA  1 
ATOM   680  C C   . ASP A 1 97  ? 16.534  -7.951  0.479   1.00 17.43 ? 182  ASP A C   1 
ATOM   681  O O   . ASP A 1 97  ? 17.670  -7.948  0.009   1.00 17.59 ? 182  ASP A O   1 
ATOM   682  C CB  . ASP A 1 97  ? 15.931  -9.502  2.364   1.00 17.19 ? 182  ASP A CB  1 
ATOM   683  C CG  . ASP A 1 97  ? 15.987  -9.774  3.862   1.00 17.85 ? 182  ASP A CG  1 
ATOM   684  O OD1 . ASP A 1 97  ? 16.616  -8.996  4.620   1.00 18.93 ? 182  ASP A OD1 1 
ATOM   685  O OD2 . ASP A 1 97  ? 15.398  -10.790 4.283   1.00 18.14 ? 182  ASP A OD2 1 
ATOM   686  N N   . ILE A 1 98  ? 15.444  -7.846  -0.275  1.00 17.48 ? 183  ILE A N   1 
ATOM   687  C CA  . ILE A 1 98  ? 15.519  -7.715  -1.731  1.00 17.49 ? 183  ILE A CA  1 
ATOM   688  C C   . ILE A 1 98  ? 16.199  -6.406  -2.122  1.00 17.90 ? 183  ILE A C   1 
ATOM   689  O O   . ILE A 1 98  ? 17.111  -6.397  -2.959  1.00 17.76 ? 183  ILE A O   1 
ATOM   690  C CB  . ILE A 1 98  ? 14.122  -7.813  -2.384  1.00 17.22 ? 183  ILE A CB  1 
ATOM   691  C CG1 . ILE A 1 98  ? 13.539  -9.210  -2.157  1.00 17.11 ? 183  ILE A CG1 1 
ATOM   692  C CG2 . ILE A 1 98  ? 14.193  -7.492  -3.875  1.00 16.61 ? 183  ILE A CG2 1 
ATOM   693  C CD1 . ILE A 1 98  ? 12.027  -9.255  -2.117  1.00 17.04 ? 183  ILE A CD1 1 
ATOM   694  N N   . VAL A 1 99  ? 15.764  -5.309  -1.504  1.00 18.21 ? 184  VAL A N   1 
ATOM   695  C CA  . VAL A 1 99  ? 16.327  -3.995  -1.792  1.00 18.48 ? 184  VAL A CA  1 
ATOM   696  C C   . VAL A 1 99  ? 17.838  -4.013  -1.577  1.00 18.87 ? 184  VAL A C   1 
ATOM   697  O O   . VAL A 1 99  ? 18.585  -3.578  -2.450  1.00 19.22 ? 184  VAL A O   1 
ATOM   698  C CB  . VAL A 1 99  ? 15.654  -2.859  -0.967  1.00 18.50 ? 184  VAL A CB  1 
ATOM   699  C CG1 . VAL A 1 99  ? 16.390  -1.540  -1.158  1.00 17.81 ? 184  VAL A CG1 1 
ATOM   700  C CG2 . VAL A 1 99  ? 14.176  -2.706  -1.358  1.00 18.76 ? 184  VAL A CG2 1 
ATOM   701  N N   . ARG A 1 100 ? 18.276  -4.536  -0.431  1.00 19.15 ? 185  ARG A N   1 
ATOM   702  C CA  . ARG A 1 100 ? 19.696  -4.589  -0.099  1.00 19.65 ? 185  ARG A CA  1 
ATOM   703  C C   . ARG A 1 100 ? 20.497  -5.491  -1.045  1.00 19.73 ? 185  ARG A C   1 
ATOM   704  O O   . ARG A 1 100 ? 21.546  -5.093  -1.545  1.00 19.93 ? 185  ARG A O   1 
ATOM   705  C CB  . ARG A 1 100 ? 19.903  -5.039  1.348   1.00 19.78 ? 185  ARG A CB  1 
ATOM   706  C CG  . ARG A 1 100 ? 21.357  -4.948  1.835   1.00 21.15 ? 185  ARG A CG  1 
ATOM   707  C CD  . ARG A 1 100 ? 21.608  -5.768  3.105   1.00 23.29 ? 185  ARG A CD  1 
ATOM   708  N NE  . ARG A 1 100 ? 20.543  -5.581  4.092   1.00 25.14 ? 185  ARG A NE  1 
ATOM   709  C CZ  . ARG A 1 100 ? 19.579  -6.466  4.339   1.00 25.21 ? 185  ARG A CZ  1 
ATOM   710  N NH1 . ARG A 1 100 ? 19.540  -7.625  3.687   1.00 25.27 ? 185  ARG A NH1 1 
ATOM   711  N NH2 . ARG A 1 100 ? 18.656  -6.191  5.247   1.00 25.20 ? 185  ARG A NH2 1 
ATOM   712  N N   . GLU A 1 101 ? 20.004  -6.699  -1.291  1.00 19.81 ? 186  GLU A N   1 
ATOM   713  C CA  . GLU A 1 101 ? 20.781  -7.668  -2.059  1.00 19.76 ? 186  GLU A CA  1 
ATOM   714  C C   . GLU A 1 101 ? 20.791  -7.386  -3.553  1.00 19.57 ? 186  GLU A C   1 
ATOM   715  O O   . GLU A 1 101 ? 21.746  -7.736  -4.247  1.00 19.38 ? 186  GLU A O   1 
ATOM   716  C CB  . GLU A 1 101 ? 20.352  -9.094  -1.733  1.00 19.70 ? 186  GLU A CB  1 
ATOM   717  C CG  . GLU A 1 101 ? 20.858  -9.523  -0.356  1.00 20.07 ? 186  GLU A CG  1 
ATOM   718  C CD  . GLU A 1 101 ? 20.180  -10.769 0.168   1.00 20.26 ? 186  GLU A CD  1 
ATOM   719  O OE1 . GLU A 1 101 ? 19.910  -11.682 -0.642  1.00 20.42 ? 186  GLU A OE1 1 
ATOM   720  O OE2 . GLU A 1 101 ? 19.922  -10.830 1.389   1.00 19.34 ? 186  GLU A OE2 1 
ATOM   721  N N   . LEU A 1 102 ? 19.752  -6.717  -4.037  1.00 19.47 ? 187  LEU A N   1 
ATOM   722  C CA  . LEU A 1 102 ? 19.712  -6.299  -5.436  1.00 19.58 ? 187  LEU A CA  1 
ATOM   723  C C   . LEU A 1 102 ? 20.202  -4.860  -5.631  1.00 19.97 ? 187  LEU A C   1 
ATOM   724  O O   . LEU A 1 102 ? 20.222  -4.358  -6.760  1.00 20.02 ? 187  LEU A O   1 
ATOM   725  C CB  . LEU A 1 102 ? 18.319  -6.524  -6.046  1.00 19.48 ? 187  LEU A CB  1 
ATOM   726  C CG  . LEU A 1 102 ? 17.794  -7.971  -6.035  1.00 19.04 ? 187  LEU A CG  1 
ATOM   727  C CD1 . LEU A 1 102 ? 16.538  -8.095  -6.870  1.00 17.86 ? 187  LEU A CD1 1 
ATOM   728  C CD2 . LEU A 1 102 ? 18.857  -8.994  -6.503  1.00 17.49 ? 187  LEU A CD2 1 
ATOM   729  N N   . HIS A 1 103 ? 20.615  -4.220  -4.531  1.00 20.46 ? 188  HIS A N   1 
ATOM   730  C CA  . HIS A 1 103 ? 21.155  -2.846  -4.532  1.00 21.30 ? 188  HIS A CA  1 
ATOM   731  C C   . HIS A 1 103 ? 20.182  -1.798  -5.092  1.00 21.46 ? 188  HIS A C   1 
ATOM   732  O O   . HIS A 1 103 ? 20.569  -0.946  -5.897  1.00 21.45 ? 188  HIS A O   1 
ATOM   733  C CB  . HIS A 1 103 ? 22.497  -2.772  -5.280  1.00 21.51 ? 188  HIS A CB  1 
ATOM   734  C CG  . HIS A 1 103 ? 23.559  -3.661  -4.713  1.00 22.98 ? 188  HIS A CG  1 
ATOM   735  N ND1 . HIS A 1 103 ? 24.509  -3.209  -3.821  1.00 24.56 ? 188  HIS A ND1 1 
ATOM   736  C CD2 . HIS A 1 103 ? 23.825  -4.973  -4.915  1.00 23.46 ? 188  HIS A CD2 1 
ATOM   737  C CE1 . HIS A 1 103 ? 25.315  -4.206  -3.499  1.00 25.31 ? 188  HIS A CE1 1 
ATOM   738  N NE2 . HIS A 1 103 ? 24.921  -5.288  -4.148  1.00 25.10 ? 188  HIS A NE2 1 
ATOM   739  N N   . LEU A 1 104 ? 18.929  -1.861  -4.652  1.00 21.76 ? 189  LEU A N   1 
ATOM   740  C CA  . LEU A 1 104 ? 17.884  -0.977  -5.170  1.00 22.03 ? 189  LEU A CA  1 
ATOM   741  C C   . LEU A 1 104 ? 17.585  0.227   -4.269  1.00 22.17 ? 189  LEU A C   1 
ATOM   742  O O   . LEU A 1 104 ? 16.492  0.788   -4.343  1.00 22.34 ? 189  LEU A O   1 
ATOM   743  C CB  . LEU A 1 104 ? 16.598  -1.779  -5.413  1.00 22.18 ? 189  LEU A CB  1 
ATOM   744  C CG  . LEU A 1 104 ? 16.641  -3.049  -6.271  1.00 22.10 ? 189  LEU A CG  1 
ATOM   745  C CD1 . LEU A 1 104 ? 15.259  -3.686  -6.350  1.00 22.03 ? 189  LEU A CD1 1 
ATOM   746  C CD2 . LEU A 1 104 ? 17.179  -2.767  -7.669  1.00 22.73 ? 189  LEU A CD2 1 
ATOM   747  N N   . GLU A 1 105 ? 18.551  0.632   -3.440  1.00 22.43 ? 190  GLU A N   1 
ATOM   748  C CA  . GLU A 1 105 ? 18.335  1.704   -2.448  1.00 22.77 ? 190  GLU A CA  1 
ATOM   749  C C   . GLU A 1 105 ? 17.887  3.038   -3.045  1.00 22.83 ? 190  GLU A C   1 
ATOM   750  O O   . GLU A 1 105 ? 17.001  3.696   -2.495  1.00 23.08 ? 190  GLU A O   1 
ATOM   751  C CB  . GLU A 1 105 ? 19.569  1.925   -1.566  1.00 22.92 ? 190  GLU A CB  1 
ATOM   752  C CG  . GLU A 1 105 ? 19.874  0.795   -0.579  1.00 23.62 ? 190  GLU A CG  1 
ATOM   753  C CD  . GLU A 1 105 ? 20.785  -0.279  -1.162  1.00 25.31 ? 190  GLU A CD  1 
ATOM   754  O OE1 . GLU A 1 105 ? 20.925  -0.361  -2.404  1.00 26.02 ? 190  GLU A OE1 1 
ATOM   755  O OE2 . GLU A 1 105 ? 21.371  -1.048  -0.371  1.00 26.10 ? 190  GLU A OE2 1 
ATOM   756  N N   . ASP A 1 106 ? 18.494  3.433   -4.160  1.00 22.86 ? 191  ASP A N   1 
ATOM   757  C CA  . ASP A 1 106 ? 18.151  4.693   -4.830  1.00 22.92 ? 191  ASP A CA  1 
ATOM   758  C C   . ASP A 1 106 ? 16.744  4.681   -5.428  1.00 22.74 ? 191  ASP A C   1 
ATOM   759  O O   . ASP A 1 106 ? 16.043  5.692   -5.386  1.00 22.59 ? 191  ASP A O   1 
ATOM   760  C CB  . ASP A 1 106 ? 19.179  5.030   -5.912  1.00 22.90 ? 191  ASP A CB  1 
ATOM   761  C CG  . ASP A 1 106 ? 20.563  5.270   -5.344  1.00 23.85 ? 191  ASP A CG  1 
ATOM   762  O OD1 . ASP A 1 106 ? 20.665  5.868   -4.251  1.00 24.50 ? 191  ASP A OD1 1 
ATOM   763  O OD2 . ASP A 1 106 ? 21.552  4.861   -5.990  1.00 24.61 ? 191  ASP A OD2 1 
ATOM   764  N N   . SER A 1 107 ? 16.351  3.543   -5.997  1.00 22.54 ? 192  SER A N   1 
ATOM   765  C CA  . SER A 1 107 ? 15.007  3.373   -6.531  1.00 22.50 ? 192  SER A CA  1 
ATOM   766  C C   . SER A 1 107 ? 13.984  3.332   -5.395  1.00 22.45 ? 192  SER A C   1 
ATOM   767  O O   . SER A 1 107 ? 12.930  3.957   -5.488  1.00 22.73 ? 192  SER A O   1 
ATOM   768  C CB  . SER A 1 107 ? 14.913  2.106   -7.389  1.00 22.52 ? 192  SER A CB  1 
ATOM   769  O OG  . SER A 1 107 ? 13.620  1.956   -7.951  1.00 22.48 ? 192  SER A OG  1 
ATOM   770  N N   . GLU A 1 108 ? 14.314  2.605   -4.329  1.00 22.26 ? 193  GLU A N   1 
ATOM   771  C CA  . GLU A 1 108 ? 13.432  2.440   -3.171  1.00 21.93 ? 193  GLU A CA  1 
ATOM   772  C C   . GLU A 1 108 ? 13.111  3.766   -2.479  1.00 21.93 ? 193  GLU A C   1 
ATOM   773  O O   . GLU A 1 108 ? 11.991  3.963   -1.994  1.00 21.79 ? 193  GLU A O   1 
ATOM   774  C CB  . GLU A 1 108 ? 14.045  1.455   -2.169  1.00 21.94 ? 193  GLU A CB  1 
ATOM   775  C CG  . GLU A 1 108 ? 13.193  1.177   -0.930  1.00 21.73 ? 193  GLU A CG  1 
ATOM   776  C CD  . GLU A 1 108 ? 12.057  0.184   -1.173  1.00 21.52 ? 193  GLU A CD  1 
ATOM   777  O OE1 . GLU A 1 108 ? 11.634  -0.029  -2.338  1.00 19.77 ? 193  GLU A OE1 1 
ATOM   778  O OE2 . GLU A 1 108 ? 11.590  -0.395  -0.172  1.00 21.10 ? 193  GLU A OE2 1 
ATOM   779  N N   . ARG A 1 109 ? 14.092  4.666   -2.445  1.00 21.63 ? 194  ARG A N   1 
ATOM   780  C CA  . ARG A 1 109 ? 13.907  5.989   -1.871  1.00 21.66 ? 194  ARG A CA  1 
ATOM   781  C C   . ARG A 1 109 ? 12.923  6.816   -2.708  1.00 21.48 ? 194  ARG A C   1 
ATOM   782  O O   . ARG A 1 109 ? 12.115  7.563   -2.157  1.00 21.30 ? 194  ARG A O   1 
ATOM   783  C CB  . ARG A 1 109 ? 15.256  6.714   -1.719  1.00 21.95 ? 194  ARG A CB  1 
ATOM   784  C CG  . ARG A 1 109 ? 15.203  7.954   -0.824  1.00 22.76 ? 194  ARG A CG  1 
ATOM   785  C CD  . ARG A 1 109 ? 16.594  8.473   -0.479  1.00 25.08 ? 194  ARG A CD  1 
ATOM   786  N NE  . ARG A 1 109 ? 16.526  9.721   0.285   1.00 26.38 ? 194  ARG A NE  1 
ATOM   787  C CZ  . ARG A 1 109 ? 17.550  10.547  0.484   1.00 27.17 ? 194  ARG A CZ  1 
ATOM   788  N NH1 . ARG A 1 109 ? 18.748  10.274  -0.021  1.00 27.61 ? 194  ARG A NH1 1 
ATOM   789  N NH2 . ARG A 1 109 ? 17.377  11.656  1.193   1.00 27.50 ? 194  ARG A NH2 1 
ATOM   790  N N   . ARG A 1 110 ? 12.999  6.676   -4.033  1.00 21.28 ? 195  ARG A N   1 
ATOM   791  C CA  . ARG A 1 110 ? 12.051  7.324   -4.945  1.00 20.99 ? 195  ARG A CA  1 
ATOM   792  C C   . ARG A 1 110 ? 10.647  6.736   -4.793  1.00 20.30 ? 195  ARG A C   1 
ATOM   793  O O   . ARG A 1 110 ? 9.663   7.478   -4.743  1.00 20.17 ? 195  ARG A O   1 
ATOM   794  C CB  . ARG A 1 110 ? 12.522  7.219   -6.398  1.00 21.13 ? 195  ARG A CB  1 
ATOM   795  C CG  . ARG A 1 110 ? 13.744  8.065   -6.719  1.00 22.63 ? 195  ARG A CG  1 
ATOM   796  C CD  . ARG A 1 110 ? 14.032  8.102   -8.222  1.00 24.95 ? 195  ARG A CD  1 
ATOM   797  N NE  . ARG A 1 110 ? 14.319  6.773   -8.771  1.00 26.12 ? 195  ARG A NE  1 
ATOM   798  C CZ  . ARG A 1 110 ? 15.542  6.303   -9.019  1.00 26.87 ? 195  ARG A CZ  1 
ATOM   799  N NH1 . ARG A 1 110 ? 16.616  7.049   -8.770  1.00 26.34 ? 195  ARG A NH1 1 
ATOM   800  N NH2 . ARG A 1 110 ? 15.690  5.080   -9.519  1.00 26.02 ? 195  ARG A NH2 1 
ATOM   801  N N   . LEU A 1 111 ? 10.561  5.409   -4.708  1.00 19.46 ? 196  LEU A N   1 
ATOM   802  C CA  . LEU A 1 111 ? 9.278   4.747   -4.466  1.00 18.82 ? 196  LEU A CA  1 
ATOM   803  C C   . LEU A 1 111 ? 8.621   5.255   -3.164  1.00 18.29 ? 196  LEU A C   1 
ATOM   804  O O   . LEU A 1 111 ? 7.438   5.590   -3.173  1.00 18.10 ? 196  LEU A O   1 
ATOM   805  C CB  . LEU A 1 111 ? 9.400   3.211   -4.484  1.00 18.42 ? 196  LEU A CB  1 
ATOM   806  C CG  . LEU A 1 111 ? 9.962   2.489   -5.729  1.00 19.04 ? 196  LEU A CG  1 
ATOM   807  C CD1 . LEU A 1 111 ? 9.876   0.965   -5.574  1.00 17.02 ? 196  LEU A CD1 1 
ATOM   808  C CD2 . LEU A 1 111 ? 9.298   2.934   -7.046  1.00 18.04 ? 196  LEU A CD2 1 
ATOM   809  N N   . ARG A 1 112 ? 9.392   5.338   -2.076  1.00 17.93 ? 197  ARG A N   1 
ATOM   810  C CA  . ARG A 1 112 ? 8.884   5.815   -0.774  1.00 17.98 ? 197  ARG A CA  1 
ATOM   811  C C   . ARG A 1 112 ? 8.349   7.248   -0.823  1.00 17.46 ? 197  ARG A C   1 
ATOM   812  O O   . ARG A 1 112 ? 7.367   7.570   -0.147  1.00 17.16 ? 197  ARG A O   1 
ATOM   813  C CB  . ARG A 1 112 ? 9.954   5.715   0.324   1.00 18.30 ? 197  ARG A CB  1 
ATOM   814  C CG  . ARG A 1 112 ? 10.252  4.302   0.829   1.00 20.17 ? 197  ARG A CG  1 
ATOM   815  C CD  . ARG A 1 112 ? 11.179  4.362   2.043   1.00 23.55 ? 197  ARG A CD  1 
ATOM   816  N NE  . ARG A 1 112 ? 11.969  3.140   2.237   1.00 25.88 ? 197  ARG A NE  1 
ATOM   817  C CZ  . ARG A 1 112 ? 11.772  2.252   3.214   1.00 26.68 ? 197  ARG A CZ  1 
ATOM   818  N NH1 . ARG A 1 112 ? 10.805  2.430   4.108   1.00 26.88 ? 197  ARG A NH1 1 
ATOM   819  N NH2 . ARG A 1 112 ? 12.555  1.181   3.302   1.00 26.89 ? 197  ARG A NH2 1 
ATOM   820  N N   . ASP A 1 113 ? 8.999   8.096   -1.620  1.00 16.92 ? 198  ASP A N   1 
ATOM   821  C CA  . ASP A 1 113 ? 8.602   9.497   -1.773  1.00 16.56 ? 198  ASP A CA  1 
ATOM   822  C C   . ASP A 1 113 ? 7.325   9.678   -2.606  1.00 16.11 ? 198  ASP A C   1 
ATOM   823  O O   . ASP A 1 113 ? 6.641   10.689  -2.476  1.00 16.49 ? 198  ASP A O   1 
ATOM   824  C CB  . ASP A 1 113 ? 9.744   10.323  -2.395  1.00 16.73 ? 198  ASP A CB  1 
ATOM   825  C CG  . ASP A 1 113 ? 10.931  10.522  -1.448  1.00 17.44 ? 198  ASP A CG  1 
ATOM   826  O OD1 . ASP A 1 113 ? 10.792  10.338  -0.216  1.00 18.67 ? 198  ASP A OD1 1 
ATOM   827  O OD2 . ASP A 1 113 ? 12.022  10.875  -1.945  1.00 18.63 ? 198  ASP A OD2 1 
ATOM   828  N N   . THR A 1 114 ? 7.002   8.711   -3.458  1.00 15.26 ? 199  THR A N   1 
ATOM   829  C CA  . THR A 1 114 ? 5.849   8.850   -4.349  1.00 14.61 ? 199  THR A CA  1 
ATOM   830  C C   . THR A 1 114 ? 4.688   7.954   -3.926  1.00 14.28 ? 199  THR A C   1 
ATOM   831  O O   . THR A 1 114 ? 3.606   8.004   -4.524  1.00 14.04 ? 199  THR A O   1 
ATOM   832  C CB  . THR A 1 114 ? 6.212   8.522   -5.819  1.00 14.54 ? 199  THR A CB  1 
ATOM   833  O OG1 . THR A 1 114 ? 6.787   7.211   -5.884  1.00 14.62 ? 199  THR A OG1 1 
ATOM   834  C CG2 . THR A 1 114 ? 7.207   9.534   -6.388  1.00 14.10 ? 199  THR A CG2 1 
ATOM   835  N N   . PHE A 1 115 ? 4.928   7.137   -2.904  1.00 13.62 ? 200  PHE A N   1 
ATOM   836  C CA  . PHE A 1 115 ? 3.983   6.111   -2.474  1.00 13.48 ? 200  PHE A CA  1 
ATOM   837  C C   . PHE A 1 115 ? 2.630   6.708   -2.099  1.00 13.38 ? 200  PHE A C   1 
ATOM   838  O O   . PHE A 1 115 ? 1.585   6.218   -2.537  1.00 13.40 ? 200  PHE A O   1 
ATOM   839  C CB  . PHE A 1 115 ? 4.574   5.312   -1.302  1.00 13.57 ? 200  PHE A CB  1 
ATOM   840  C CG  . PHE A 1 115 ? 3.661   4.250   -0.756  1.00 14.37 ? 200  PHE A CG  1 
ATOM   841  C CD1 . PHE A 1 115 ? 3.615   2.983   -1.334  1.00 14.99 ? 200  PHE A CD1 1 
ATOM   842  C CD2 . PHE A 1 115 ? 2.860   4.507   0.353   1.00 14.58 ? 200  PHE A CD2 1 
ATOM   843  C CE1 . PHE A 1 115 ? 2.774   1.995   -0.829  1.00 14.15 ? 200  PHE A CE1 1 
ATOM   844  C CE2 . PHE A 1 115 ? 2.010   3.526   0.863   1.00 14.61 ? 200  PHE A CE2 1 
ATOM   845  C CZ  . PHE A 1 115 ? 1.972   2.264   0.267   1.00 14.46 ? 200  PHE A CZ  1 
ATOM   846  N N   . ALA A 1 116 ? 2.658   7.776   -1.311  1.00 12.87 ? 201  ALA A N   1 
ATOM   847  C CA  . ALA A 1 116 ? 1.436   8.382   -0.795  1.00 12.96 ? 201  ALA A CA  1 
ATOM   848  C C   . ALA A 1 116 ? 0.552   8.954   -1.914  1.00 12.98 ? 201  ALA A C   1 
ATOM   849  O O   . ALA A 1 116 ? -0.655  8.700   -1.932  1.00 13.06 ? 201  ALA A O   1 
ATOM   850  C CB  . ALA A 1 116 ? 1.762   9.440   0.270   1.00 12.26 ? 201  ALA A CB  1 
ATOM   851  N N   . ASP A 1 117 ? 1.153   9.697   -2.847  1.00 12.75 ? 202  ASP A N   1 
ATOM   852  C CA  . ASP A 1 117 ? 0.414   10.283  -3.970  1.00 12.86 ? 202  ASP A CA  1 
ATOM   853  C C   . ASP A 1 117 ? -0.207  9.214   -4.856  1.00 12.80 ? 202  ASP A C   1 
ATOM   854  O O   . ASP A 1 117 ? -1.377  9.326   -5.249  1.00 12.62 ? 202  ASP A O   1 
ATOM   855  C CB  . ASP A 1 117 ? 1.324   11.164  -4.835  1.00 13.02 ? 202  ASP A CB  1 
ATOM   856  C CG  . ASP A 1 117 ? 1.666   12.484  -4.176  1.00 14.75 ? 202  ASP A CG  1 
ATOM   857  O OD1 . ASP A 1 117 ? 1.386   12.663  -2.970  1.00 15.47 ? 202  ASP A OD1 1 
ATOM   858  O OD2 . ASP A 1 117 ? 2.219   13.356  -4.881  1.00 17.97 ? 202  ASP A OD2 1 
ATOM   859  N N   . ASN A 1 118 ? 0.590   8.188   -5.174  1.00 12.29 ? 203  ASN A N   1 
ATOM   860  C CA  . ASN A 1 118 ? 0.178   7.148   -6.095  1.00 12.03 ? 203  ASN A CA  1 
ATOM   861  C C   . ASN A 1 118 ? -0.923  6.270   -5.523  1.00 11.72 ? 203  ASN A C   1 
ATOM   862  O O   . ASN A 1 118 ? -1.771  5.787   -6.268  1.00 11.60 ? 203  ASN A O   1 
ATOM   863  C CB  . ASN A 1 118 ? 1.385   6.328   -6.570  1.00 12.26 ? 203  ASN A CB  1 
ATOM   864  C CG  . ASN A 1 118 ? 2.311   7.131   -7.480  1.00 13.33 ? 203  ASN A CG  1 
ATOM   865  O OD1 . ASN A 1 118 ? 1.860   8.045   -8.167  1.00 14.43 ? 203  ASN A OD1 1 
ATOM   866  N ND2 . ASN A 1 118 ? 3.603   6.791   -7.490  1.00 12.36 ? 203  ASN A ND2 1 
ATOM   867  N N   . LEU A 1 119 ? -0.918  6.085   -4.201  1.00 11.59 ? 204  LEU A N   1 
ATOM   868  C CA  . LEU A 1 119 ? -1.989  5.369   -3.521  1.00 11.35 ? 204  LEU A CA  1 
ATOM   869  C C   . LEU A 1 119 ? -3.267  6.206   -3.485  1.00 11.71 ? 204  LEU A C   1 
ATOM   870  O O   . LEU A 1 119 ? -4.362  5.681   -3.706  1.00 11.51 ? 204  LEU A O   1 
ATOM   871  C CB  . LEU A 1 119 ? -1.584  4.927   -2.105  1.00 10.78 ? 204  LEU A CB  1 
ATOM   872  C CG  . LEU A 1 119 ? -2.527  3.917   -1.438  1.00 11.25 ? 204  LEU A CG  1 
ATOM   873  C CD1 . LEU A 1 119 ? -2.641  2.606   -2.254  1.00 10.01 ? 204  LEU A CD1 1 
ATOM   874  C CD2 . LEU A 1 119 ? -2.130  3.611   0.027   1.00 10.99 ? 204  LEU A CD2 1 
ATOM   875  N N   . LEU A 1 120 ? -3.127  7.499   -3.201  1.00 12.04 ? 205  LEU A N   1 
ATOM   876  C CA  . LEU A 1 120 ? -4.269  8.422   -3.234  1.00 12.47 ? 205  LEU A CA  1 
ATOM   877  C C   . LEU A 1 120 ? -4.968  8.361   -4.580  1.00 12.52 ? 205  LEU A C   1 
ATOM   878  O O   . LEU A 1 120 ? -6.184  8.184   -4.657  1.00 12.61 ? 205  LEU A O   1 
ATOM   879  C CB  . LEU A 1 120 ? -3.821  9.862   -2.965  1.00 12.34 ? 205  LEU A CB  1 
ATOM   880  C CG  . LEU A 1 120 ? -3.941  10.391  -1.541  1.00 13.19 ? 205  LEU A CG  1 
ATOM   881  C CD1 . LEU A 1 120 ? -3.444  11.836  -1.460  1.00 12.59 ? 205  LEU A CD1 1 
ATOM   882  C CD2 . LEU A 1 120 ? -5.389  10.282  -1.029  1.00 12.86 ? 205  LEU A CD2 1 
ATOM   883  N N   . VAL A 1 121 ? -4.178  8.491   -5.638  1.00 12.48 ? 206  VAL A N   1 
ATOM   884  C CA  . VAL A 1 121 ? -4.698  8.503   -6.990  1.00 12.92 ? 206  VAL A CA  1 
ATOM   885  C C   . VAL A 1 121 ? -5.424  7.193   -7.289  1.00 12.95 ? 206  VAL A C   1 
ATOM   886  O O   . VAL A 1 121 ? -6.530  7.190   -7.836  1.00 13.03 ? 206  VAL A O   1 
ATOM   887  C CB  . VAL A 1 121 ? -3.557  8.798   -8.005  1.00 12.98 ? 206  VAL A CB  1 
ATOM   888  C CG1 . VAL A 1 121 ? -3.913  8.342   -9.415  1.00 13.20 ? 206  VAL A CG1 1 
ATOM   889  C CG2 . VAL A 1 121 ? -3.211  10.278  -7.973  1.00 12.60 ? 206  VAL A CG2 1 
ATOM   890  N N   . LYS A 1 122 ? -4.795  6.089   -6.910  1.00 13.23 ? 207  LYS A N   1 
ATOM   891  C CA  . LYS A 1 122 ? -5.363  4.762   -7.093  1.00 13.58 ? 207  LYS A CA  1 
ATOM   892  C C   . LYS A 1 122 ? -6.749  4.649   -6.440  1.00 13.44 ? 207  LYS A C   1 
ATOM   893  O O   . LYS A 1 122 ? -7.697  4.194   -7.079  1.00 12.98 ? 207  LYS A O   1 
ATOM   894  C CB  . LYS A 1 122 ? -4.408  3.714   -6.522  1.00 13.67 ? 207  LYS A CB  1 
ATOM   895  C CG  . LYS A 1 122 ? -4.880  2.290   -6.635  1.00 15.17 ? 207  LYS A CG  1 
ATOM   896  C CD  . LYS A 1 122 ? -4.047  1.402   -5.716  1.00 18.35 ? 207  LYS A CD  1 
ATOM   897  C CE  . LYS A 1 122 ? -4.252  -0.063  -6.012  1.00 18.99 ? 207  LYS A CE  1 
ATOM   898  N NZ  . LYS A 1 122 ? -3.580  -0.420  -7.283  1.00 20.42 ? 207  LYS A NZ  1 
ATOM   899  N N   . TYR A 1 123 ? -6.855  5.071   -5.178  1.00 13.36 ? 208  TYR A N   1 
ATOM   900  C CA  . TYR A 1 123 ? -8.132  5.018   -4.458  1.00 13.80 ? 208  TYR A CA  1 
ATOM   901  C C   . TYR A 1 123 ? -9.168  5.997   -5.019  1.00 14.04 ? 208  TYR A C   1 
ATOM   902  O O   . TYR A 1 123 ? -10.349 5.658   -5.122  1.00 13.99 ? 208  TYR A O   1 
ATOM   903  C CB  . TYR A 1 123 ? -7.946  5.286   -2.960  1.00 13.72 ? 208  TYR A CB  1 
ATOM   904  C CG  . TYR A 1 123 ? -7.243  4.206   -2.172  1.00 13.25 ? 208  TYR A CG  1 
ATOM   905  C CD1 . TYR A 1 123 ? -7.058  2.919   -2.696  1.00 12.93 ? 208  TYR A CD1 1 
ATOM   906  C CD2 . TYR A 1 123 ? -6.788  4.463   -0.877  1.00 12.19 ? 208  TYR A CD2 1 
ATOM   907  C CE1 . TYR A 1 123 ? -6.412  1.925   -1.955  1.00 12.12 ? 208  TYR A CE1 1 
ATOM   908  C CE2 . TYR A 1 123 ? -6.146  3.477   -0.129  1.00 11.99 ? 208  TYR A CE2 1 
ATOM   909  C CZ  . TYR A 1 123 ? -5.961  2.212   -0.675  1.00 12.08 ? 208  TYR A CZ  1 
ATOM   910  O OH  . TYR A 1 123 ? -5.337  1.234   0.068   1.00 12.44 ? 208  TYR A OH  1 
ATOM   911  N N   . ILE A 1 124 ? -8.726  7.203   -5.371  1.00 14.46 ? 209  ILE A N   1 
ATOM   912  C CA  . ILE A 1 124 ? -9.610  8.198   -5.979  1.00 14.88 ? 209  ILE A CA  1 
ATOM   913  C C   . ILE A 1 124 ? -10.243 7.659   -7.279  1.00 15.50 ? 209  ILE A C   1 
ATOM   914  O O   . ILE A 1 124 ? -11.449 7.807   -7.495  1.00 15.88 ? 209  ILE A O   1 
ATOM   915  C CB  . ILE A 1 124 ? -8.875  9.543   -6.227  1.00 14.84 ? 209  ILE A CB  1 
ATOM   916  C CG1 . ILE A 1 124 ? -8.496  10.196  -4.898  1.00 13.90 ? 209  ILE A CG1 1 
ATOM   917  C CG2 . ILE A 1 124 ? -9.740  10.502  -7.048  1.00 14.51 ? 209  ILE A CG2 1 
ATOM   918  C CD1 . ILE A 1 124 ? -7.423  11.267  -5.025  1.00 13.49 ? 209  ILE A CD1 1 
ATOM   919  N N   . LEU A 1 125 ? -9.432  7.021   -8.124  1.00 15.64 ? 210  LEU A N   1 
ATOM   920  C CA  . LEU A 1 125 ? -9.918  6.439   -9.375  1.00 15.84 ? 210  LEU A CA  1 
ATOM   921  C C   . LEU A 1 125 ? -10.879 5.261   -9.142  1.00 16.17 ? 210  LEU A C   1 
ATOM   922  O O   . LEU A 1 125 ? -11.874 5.116   -9.861  1.00 15.74 ? 210  LEU A O   1 
ATOM   923  C CB  . LEU A 1 125 ? -8.744  6.003   -10.262 1.00 15.68 ? 210  LEU A CB  1 
ATOM   924  C CG  . LEU A 1 125 ? -7.882  7.078   -10.944 1.00 15.33 ? 210  LEU A CG  1 
ATOM   925  C CD1 . LEU A 1 125 ? -6.720  6.429   -11.659 1.00 14.65 ? 210  LEU A CD1 1 
ATOM   926  C CD2 . LEU A 1 125 ? -8.681  7.919   -11.923 1.00 14.71 ? 210  LEU A CD2 1 
ATOM   927  N N   . LYS A 1 126 ? -10.572 4.440   -8.135  1.00 16.53 ? 211  LYS A N   1 
ATOM   928  C CA  . LYS A 1 126 ? -11.384 3.266   -7.781  1.00 17.17 ? 211  LYS A CA  1 
ATOM   929  C C   . LYS A 1 126 ? -12.761 3.643   -7.237  1.00 17.18 ? 211  LYS A C   1 
ATOM   930  O O   . LYS A 1 126 ? -13.724 2.911   -7.434  1.00 17.00 ? 211  LYS A O   1 
ATOM   931  C CB  . LYS A 1 126 ? -10.653 2.376   -6.760  1.00 17.20 ? 211  LYS A CB  1 
ATOM   932  C CG  . LYS A 1 126 ? -9.763  1.293   -7.378  1.00 18.63 ? 211  LYS A CG  1 
ATOM   933  C CD  . LYS A 1 126 ? -9.062  0.452   -6.299  1.00 20.04 ? 211  LYS A CD  1 
ATOM   934  C CE  . LYS A 1 126 ? -8.330  -0.751  -6.891  1.00 21.14 ? 211  LYS A CE  1 
ATOM   935  N NZ  . LYS A 1 126 ? -7.599  -1.568  -5.852  1.00 22.05 ? 211  LYS A NZ  1 
ATOM   936  N N   . LEU A 1 127 ? -12.833 4.784   -6.555  1.00 17.49 ? 212  LEU A N   1 
ATOM   937  C CA  . LEU A 1 127 ? -14.078 5.289   -5.965  1.00 17.83 ? 212  LEU A CA  1 
ATOM   938  C C   . LEU A 1 127 ? -14.933 6.120   -6.927  1.00 17.64 ? 212  LEU A C   1 
ATOM   939  O O   . LEU A 1 127 ? -15.960 6.672   -6.529  1.00 17.59 ? 212  LEU A O   1 
ATOM   940  C CB  . LEU A 1 127 ? -13.763 6.115   -4.712  1.00 18.20 ? 212  LEU A CB  1 
ATOM   941  C CG  . LEU A 1 127 ? -13.920 5.503   -3.314  1.00 19.35 ? 212  LEU A CG  1 
ATOM   942  C CD1 . LEU A 1 127 ? -13.396 4.074   -3.202  1.00 20.62 ? 212  LEU A CD1 1 
ATOM   943  C CD2 . LEU A 1 127 ? -13.252 6.402   -2.298  1.00 19.99 ? 212  LEU A CD2 1 
ATOM   944  N N   . GLY A 1 128 ? -14.511 6.203   -8.188  1.00 17.46 ? 213  GLY A N   1 
ATOM   945  C CA  . GLY A 1 128 ? -15.218 7.001   -9.188  1.00 17.29 ? 213  GLY A CA  1 
ATOM   946  C C   . GLY A 1 128 ? -15.173 8.495   -8.904  1.00 17.22 ? 213  GLY A C   1 
ATOM   947  O O   . GLY A 1 128 ? -16.068 9.234   -9.302  1.00 17.02 ? 213  GLY A O   1 
ATOM   948  N N   . LEU A 1 129 ? -14.125 8.941   -8.217  1.00 17.21 ? 214  LEU A N   1 
ATOM   949  C CA  . LEU A 1 129 ? -13.999 10.350  -7.841  1.00 17.19 ? 214  LEU A CA  1 
ATOM   950  C C   . LEU A 1 129 ? -13.070 11.103  -8.788  1.00 17.01 ? 214  LEU A C   1 
ATOM   951  O O   . LEU A 1 129 ? -12.352 10.496  -9.574  1.00 16.64 ? 214  LEU A O   1 
ATOM   952  C CB  . LEU A 1 129 ? -13.524 10.482  -6.388  1.00 17.13 ? 214  LEU A CB  1 
ATOM   953  C CG  . LEU A 1 129 ? -14.401 9.851   -5.300  1.00 17.47 ? 214  LEU A CG  1 
ATOM   954  C CD1 . LEU A 1 129 ? -13.693 9.874   -3.945  1.00 17.28 ? 214  LEU A CD1 1 
ATOM   955  C CD2 . LEU A 1 129 ? -15.777 10.521  -5.214  1.00 16.82 ? 214  LEU A CD2 1 
ATOM   956  N N   . GLN A 1 130 ? -13.095 12.429  -8.687  1.00 17.29 ? 215  GLN A N   1 
ATOM   957  C CA  . GLN A 1 130 ? -12.355 13.322  -9.574  1.00 17.65 ? 215  GLN A CA  1 
ATOM   958  C C   . GLN A 1 130 ? -10.964 13.656  -9.011  1.00 17.92 ? 215  GLN A C   1 
ATOM   959  O O   . GLN A 1 130 ? -10.846 14.383  -8.016  1.00 17.59 ? 215  GLN A O   1 
ATOM   960  C CB  . GLN A 1 130 ? -13.175 14.603  -9.781  1.00 17.80 ? 215  GLN A CB  1 
ATOM   961  C CG  . GLN A 1 130 ? -12.795 15.425  -11.003 1.00 18.87 ? 215  GLN A CG  1 
ATOM   962  C CD  . GLN A 1 130 ? -13.507 16.774  -11.062 1.00 20.05 ? 215  GLN A CD  1 
ATOM   963  O OE1 . GLN A 1 130 ? -14.667 16.903  -10.656 1.00 20.80 ? 215  GLN A OE1 1 
ATOM   964  N NE2 . GLN A 1 130 ? -12.811 17.787  -11.578 1.00 19.44 ? 215  GLN A NE2 1 
ATOM   965  N N   . VAL A 1 131 ? -9.918  13.125  -9.655  1.00 18.34 ? 216  VAL A N   1 
ATOM   966  C CA  . VAL A 1 131 ? -8.522  13.318  -9.208  1.00 18.67 ? 216  VAL A CA  1 
ATOM   967  C C   . VAL A 1 131 ? -8.116  14.795  -8.997  1.00 19.17 ? 216  VAL A C   1 
ATOM   968  O O   . VAL A 1 131 ? -7.549  15.148  -7.956  1.00 19.44 ? 216  VAL A O   1 
ATOM   969  C CB  . VAL A 1 131 ? -7.499  12.597  -10.137 1.00 18.50 ? 216  VAL A CB  1 
ATOM   970  C CG1 . VAL A 1 131 ? -6.075  12.791  -9.637  1.00 18.27 ? 216  VAL A CG1 1 
ATOM   971  C CG2 . VAL A 1 131 ? -7.807  11.100  -10.223 1.00 17.96 ? 216  VAL A CG2 1 
ATOM   972  N N   . SER A 1 132 ? -8.431  15.655  -9.959  1.00 19.47 ? 217  SER A N   1 
ATOM   973  C CA  . SER A 1 132 ? -8.004  17.062  -9.901  1.00 19.94 ? 217  SER A CA  1 
ATOM   974  C C   . SER A 1 132 ? -8.624  17.843  -8.735  1.00 20.19 ? 217  SER A C   1 
ATOM   975  O O   . SER A 1 132 ? -8.131  18.914  -8.365  1.00 20.22 ? 217  SER A O   1 
ATOM   976  C CB  . SER A 1 132 ? -8.306  17.767  -11.222 1.00 19.68 ? 217  SER A CB  1 
ATOM   977  O OG  . SER A 1 132 ? -9.694  17.735  -11.481 1.00 19.97 ? 217  SER A OG  1 
ATOM   978  N N   . LEU A 1 133 ? -9.709  17.311  -8.177  1.00 20.78 ? 218  LEU A N   1 
ATOM   979  C CA  . LEU A 1 133 ? -10.320 17.882  -6.979  1.00 21.34 ? 218  LEU A CA  1 
ATOM   980  C C   . LEU A 1 133 ? -9.706  17.275  -5.715  1.00 21.59 ? 218  LEU A C   1 
ATOM   981  O O   . LEU A 1 133 ? -9.202  17.998  -4.853  1.00 21.77 ? 218  LEU A O   1 
ATOM   982  C CB  . LEU A 1 133 ? -11.841 17.692  -6.991  1.00 21.21 ? 218  LEU A CB  1 
ATOM   983  C CG  . LEU A 1 133 ? -12.666 18.225  -5.808  1.00 22.17 ? 218  LEU A CG  1 
ATOM   984  C CD1 . LEU A 1 133 ? -12.403 19.710  -5.510  1.00 21.61 ? 218  LEU A CD1 1 
ATOM   985  C CD2 . LEU A 1 133 ? -14.156 17.983  -6.059  1.00 22.74 ? 218  LEU A CD2 1 
ATOM   986  N N   . TYR A 1 134 ? -9.722  15.949  -5.632  1.00 21.76 ? 219  TYR A N   1 
ATOM   987  C CA  . TYR A 1 134 ? -9.358  15.253  -4.406  1.00 21.88 ? 219  TYR A CA  1 
ATOM   988  C C   . TYR A 1 134 ? -7.854  15.159  -4.132  1.00 22.01 ? 219  TYR A C   1 
ATOM   989  O O   . TYR A 1 134 ? -7.434  15.222  -2.972  1.00 21.99 ? 219  TYR A O   1 
ATOM   990  C CB  . TYR A 1 134 ? -10.026 13.873  -4.356  1.00 21.90 ? 219  TYR A CB  1 
ATOM   991  C CG  . TYR A 1 134 ? -11.502 13.952  -4.027  1.00 22.22 ? 219  TYR A CG  1 
ATOM   992  C CD1 . TYR A 1 134 ? -12.457 14.036  -5.040  1.00 22.04 ? 219  TYR A CD1 1 
ATOM   993  C CD2 . TYR A 1 134 ? -11.944 13.974  -2.697  1.00 22.77 ? 219  TYR A CD2 1 
ATOM   994  C CE1 . TYR A 1 134 ? -13.819 14.125  -4.746  1.00 22.17 ? 219  TYR A CE1 1 
ATOM   995  C CE2 . TYR A 1 134 ? -13.305 14.063  -2.390  1.00 22.79 ? 219  TYR A CE2 1 
ATOM   996  C CZ  . TYR A 1 134 ? -14.236 14.143  -3.425  1.00 21.98 ? 219  TYR A CZ  1 
ATOM   997  O OH  . TYR A 1 134 ? -15.576 14.233  -3.142  1.00 20.68 ? 219  TYR A OH  1 
ATOM   998  N N   . LEU A 1 135 ? -7.046  15.025  -5.182  1.00 21.79 ? 220  LEU A N   1 
ATOM   999  C CA  . LEU A 1 135 ? -5.604  14.835  -4.998  1.00 21.68 ? 220  LEU A CA  1 
ATOM   1000 C C   . LEU A 1 135 ? -4.885  15.966  -4.243  1.00 21.72 ? 220  LEU A C   1 
ATOM   1001 O O   . LEU A 1 135 ? -4.270  15.692  -3.212  1.00 21.81 ? 220  LEU A O   1 
ATOM   1002 C CB  . LEU A 1 135 ? -4.887  14.503  -6.312  1.00 21.59 ? 220  LEU A CB  1 
ATOM   1003 C CG  . LEU A 1 135 ? -3.359  14.356  -6.276  1.00 21.07 ? 220  LEU A CG  1 
ATOM   1004 C CD1 . LEU A 1 135 ? -2.903  13.220  -5.360  1.00 19.51 ? 220  LEU A CD1 1 
ATOM   1005 C CD2 . LEU A 1 135 ? -2.815  14.158  -7.679  1.00 19.35 ? 220  LEU A CD2 1 
ATOM   1006 N N   . PRO A 1 136 ? -4.948  17.224  -4.749  1.00 21.74 ? 221  PRO A N   1 
ATOM   1007 C CA  . PRO A 1 136 ? -4.210  18.273  -4.037  1.00 21.42 ? 221  PRO A CA  1 
ATOM   1008 C C   . PRO A 1 136 ? -4.761  18.552  -2.638  1.00 21.29 ? 221  PRO A C   1 
ATOM   1009 O O   . PRO A 1 136 ? -4.001  18.944  -1.746  1.00 21.09 ? 221  PRO A O   1 
ATOM   1010 C CB  . PRO A 1 136 ? -4.342  19.503  -4.951  1.00 21.59 ? 221  PRO A CB  1 
ATOM   1011 C CG  . PRO A 1 136 ? -5.440  19.194  -5.899  1.00 21.36 ? 221  PRO A CG  1 
ATOM   1012 C CD  . PRO A 1 136 ? -5.495  17.715  -6.034  1.00 21.92 ? 221  PRO A CD  1 
ATOM   1013 N N   . HIS A 1 137 ? -6.059  18.324  -2.446  1.00 20.99 ? 222  HIS A N   1 
ATOM   1014 C CA  . HIS A 1 137 ? -6.670  18.487  -1.132  1.00 20.93 ? 222  HIS A CA  1 
ATOM   1015 C C   . HIS A 1 137 ? -6.234  17.384  -0.151  1.00 20.97 ? 222  HIS A C   1 
ATOM   1016 O O   . HIS A 1 137 ? -5.806  17.670  0.966   1.00 20.69 ? 222  HIS A O   1 
ATOM   1017 C CB  . HIS A 1 137 ? -8.199  18.542  -1.243  1.00 20.91 ? 222  HIS A CB  1 
ATOM   1018 C CG  . HIS A 1 137 ? -8.893  18.557  0.084   1.00 20.81 ? 222  HIS A CG  1 
ATOM   1019 N ND1 . HIS A 1 137 ? -8.814  19.625  0.952   1.00 20.91 ? 222  HIS A ND1 1 
ATOM   1020 C CD2 . HIS A 1 137 ? -9.666  17.631  0.698   1.00 20.81 ? 222  HIS A CD2 1 
ATOM   1021 C CE1 . HIS A 1 137 ? -9.510  19.357  2.042   1.00 20.73 ? 222  HIS A CE1 1 
ATOM   1022 N NE2 . HIS A 1 137 ? -10.039 18.154  1.913   1.00 20.43 ? 222  HIS A NE2 1 
ATOM   1023 N N   . CYS A 1 138 ? -6.327  16.128  -0.590  1.00 20.72 ? 223  CYS A N   1 
ATOM   1024 C CA  . CYS A 1 138 ? -5.969  15.000  0.256   1.00 20.72 ? 223  CYS A CA  1 
ATOM   1025 C C   . CYS A 1 138 ? -4.479  14.992  0.562   1.00 20.75 ? 223  CYS A C   1 
ATOM   1026 O O   . CYS A 1 138 ? -4.068  14.533  1.632   1.00 20.33 ? 223  CYS A O   1 
ATOM   1027 C CB  . CYS A 1 138 ? -6.425  13.683  -0.369  1.00 20.59 ? 223  CYS A CB  1 
ATOM   1028 S SG  . CYS A 1 138 ? -8.217  13.530  -0.410  1.00 20.79 ? 223  CYS A SG  1 
ATOM   1029 N N   . LYS A 1 139 ? -3.685  15.528  -0.367  1.00 20.79 ? 224  LYS A N   1 
ATOM   1030 C CA  . LYS A 1 139 ? -2.261  15.752  -0.123  1.00 21.39 ? 224  LYS A CA  1 
ATOM   1031 C C   . LYS A 1 139 ? -2.044  16.678  1.071   1.00 21.63 ? 224  LYS A C   1 
ATOM   1032 O O   . LYS A 1 139 ? -1.178  16.415  1.908   1.00 21.63 ? 224  LYS A O   1 
ATOM   1033 C CB  . LYS A 1 139 ? -1.557  16.315  -1.363  1.00 21.37 ? 224  LYS A CB  1 
ATOM   1034 C CG  . LYS A 1 139 ? -1.028  15.250  -2.319  1.00 21.54 ? 224  LYS A CG  1 
ATOM   1035 C CD  . LYS A 1 139 ? -0.409  15.862  -3.579  1.00 22.05 ? 224  LYS A CD  1 
ATOM   1036 C CE  . LYS A 1 139 ? 0.970   16.462  -3.319  1.00 22.18 ? 224  LYS A CE  1 
ATOM   1037 N NZ  . LYS A 1 139 ? 1.931   15.445  -2.805  1.00 23.85 ? 224  LYS A NZ  1 
ATOM   1038 N N   . ARG A 1 140 ? -2.834  17.751  1.144   1.00 21.96 ? 225  ARG A N   1 
ATOM   1039 C CA  . ARG A 1 140 ? -2.756  18.698  2.261   1.00 22.48 ? 225  ARG A CA  1 
ATOM   1040 C C   . ARG A 1 140 ? -3.280  18.080  3.550   1.00 22.21 ? 225  ARG A C   1 
ATOM   1041 O O   . ARG A 1 140 ? -2.747  18.341  4.624   1.00 22.39 ? 225  ARG A O   1 
ATOM   1042 C CB  . ARG A 1 140 ? -3.502  20.001  1.946   1.00 22.82 ? 225  ARG A CB  1 
ATOM   1043 C CG  . ARG A 1 140 ? -2.784  20.894  0.930   1.00 24.21 ? 225  ARG A CG  1 
ATOM   1044 C CD  . ARG A 1 140 ? -3.446  22.263  0.810   1.00 27.56 ? 225  ARG A CD  1 
ATOM   1045 N NE  . ARG A 1 140 ? -4.596  22.257  -0.098  1.00 30.32 ? 225  ARG A NE  1 
ATOM   1046 C CZ  . ARG A 1 140 ? -4.533  22.491  -1.409  1.00 31.77 ? 225  ARG A CZ  1 
ATOM   1047 N NH1 . ARG A 1 140 ? -3.366  22.752  -1.993  1.00 32.19 ? 225  ARG A NH1 1 
ATOM   1048 N NH2 . ARG A 1 140 ? -5.642  22.461  -2.145  1.00 31.92 ? 225  ARG A NH2 1 
ATOM   1049 N N   . LEU A 1 141 ? -4.322  17.263  3.436   1.00 22.06 ? 226  LEU A N   1 
ATOM   1050 C CA  . LEU A 1 141 ? -4.816  16.500  4.569   1.00 22.33 ? 226  LEU A CA  1 
ATOM   1051 C C   . LEU A 1 141 ? -3.739  15.562  5.099   1.00 22.50 ? 226  LEU A C   1 
ATOM   1052 O O   . LEU A 1 141 ? -3.545  15.466  6.314   1.00 22.56 ? 226  LEU A O   1 
ATOM   1053 C CB  . LEU A 1 141 ? -6.077  15.712  4.205   1.00 22.18 ? 226  LEU A CB  1 
ATOM   1054 C CG  . LEU A 1 141 ? -7.410  16.456  4.138   1.00 22.65 ? 226  LEU A CG  1 
ATOM   1055 C CD1 . LEU A 1 141 ? -8.473  15.529  3.605   1.00 23.50 ? 226  LEU A CD1 1 
ATOM   1056 C CD2 . LEU A 1 141 ? -7.821  17.004  5.503   1.00 22.99 ? 226  LEU A CD2 1 
ATOM   1057 N N   . LEU A 1 142 ? -3.034  14.896  4.187   1.00 22.58 ? 227  LEU A N   1 
ATOM   1058 C CA  . LEU A 1 142 ? -1.918  14.016  4.539   1.00 23.06 ? 227  LEU A CA  1 
ATOM   1059 C C   . LEU A 1 142 ? -0.845  14.684  5.396   1.00 22.97 ? 227  LEU A C   1 
ATOM   1060 O O   . LEU A 1 142 ? -0.406  14.120  6.400   1.00 23.35 ? 227  LEU A O   1 
ATOM   1061 C CB  . LEU A 1 142 ? -1.258  13.442  3.281   1.00 23.36 ? 227  LEU A CB  1 
ATOM   1062 C CG  . LEU A 1 142 ? -1.865  12.243  2.563   1.00 23.87 ? 227  LEU A CG  1 
ATOM   1063 C CD1 . LEU A 1 142 ? -0.835  11.730  1.571   1.00 24.86 ? 227  LEU A CD1 1 
ATOM   1064 C CD2 . LEU A 1 142 ? -2.235  11.152  3.535   1.00 24.55 ? 227  LEU A CD2 1 
ATOM   1065 N N   . THR A 1 143 ? -0.418  15.873  4.985   1.00 22.63 ? 228  THR A N   1 
ATOM   1066 C CA  . THR A 1 143 ? 0.566   16.644  5.734   1.00 22.54 ? 228  THR A CA  1 
ATOM   1067 C C   . THR A 1 143 ? 0.022   16.986  7.125   1.00 22.36 ? 228  THR A C   1 
ATOM   1068 O O   . THR A 1 143 ? 0.728   16.844  8.119   1.00 22.68 ? 228  THR A O   1 
ATOM   1069 C CB  . THR A 1 143 ? 0.993   17.919  4.960   1.00 22.57 ? 228  THR A CB  1 
ATOM   1070 O OG1 . THR A 1 143 ? 1.510   17.544  3.678   1.00 21.94 ? 228  THR A OG1 1 
ATOM   1071 C CG2 . THR A 1 143 ? 2.068   18.704  5.715   1.00 22.93 ? 228  THR A CG2 1 
ATOM   1072 N N   . ALA A 1 144 ? -1.241  17.403  7.191   1.00 22.16 ? 229  ALA A N   1 
ATOM   1073 C CA  . ALA A 1 144 ? -1.879  17.725  8.470   1.00 21.90 ? 229  ALA A CA  1 
ATOM   1074 C C   . ALA A 1 144 ? -1.861  16.544  9.446   1.00 21.84 ? 229  ALA A C   1 
ATOM   1075 O O   . ALA A 1 144 ? -1.540  16.721  10.624  1.00 21.88 ? 229  ALA A O   1 
ATOM   1076 C CB  . ALA A 1 144 ? -3.306  18.222  8.248   1.00 21.85 ? 229  ALA A CB  1 
ATOM   1077 N N   . LEU A 1 145 ? -2.188  15.353  8.939   1.00 21.64 ? 230  LEU A N   1 
ATOM   1078 C CA  . LEU A 1 145 ? -2.286  14.129  9.736   1.00 21.60 ? 230  LEU A CA  1 
ATOM   1079 C C   . LEU A 1 145 ? -0.965  13.762  10.408  1.00 21.95 ? 230  LEU A C   1 
ATOM   1080 O O   . LEU A 1 145 ? -0.959  13.283  11.544  1.00 21.86 ? 230  LEU A O   1 
ATOM   1081 C CB  . LEU A 1 145 ? -2.787  12.954  8.880   1.00 21.44 ? 230  LEU A CB  1 
ATOM   1082 C CG  . LEU A 1 145 ? -4.171  13.035  8.213   1.00 21.06 ? 230  LEU A CG  1 
ATOM   1083 C CD1 . LEU A 1 145 ? -4.393  11.845  7.284   1.00 19.51 ? 230  LEU A CD1 1 
ATOM   1084 C CD2 . LEU A 1 145 ? -5.317  13.134  9.228   1.00 20.67 ? 230  LEU A CD2 1 
ATOM   1085 N N   . GLY A 1 146 ? 0.147   13.998  9.709   1.00 22.12 ? 231  GLY A N   1 
ATOM   1086 C CA  . GLY A 1 146 ? 1.481   13.748  10.253  1.00 22.31 ? 231  GLY A CA  1 
ATOM   1087 C C   . GLY A 1 146 ? 1.911   14.685  11.376  1.00 22.66 ? 231  GLY A C   1 
ATOM   1088 O O   . GLY A 1 146 ? 2.868   14.392  12.093  1.00 22.75 ? 231  GLY A O   1 
ATOM   1089 N N   . ARG A 1 147 ? 1.213   15.811  11.526  1.00 22.74 ? 232  ARG A N   1 
ATOM   1090 C CA  . ARG A 1 147 ? 1.509   16.792  12.581  1.00 22.86 ? 232  ARG A CA  1 
ATOM   1091 C C   . ARG A 1 147 ? 0.547   16.664  13.768  1.00 22.61 ? 232  ARG A C   1 
ATOM   1092 O O   . ARG A 1 147 ? 0.556   17.494  14.679  1.00 22.47 ? 232  ARG A O   1 
ATOM   1093 C CB  . ARG A 1 147 ? 1.476   18.221  12.016  1.00 22.99 ? 232  ARG A CB  1 
ATOM   1094 C CG  . ARG A 1 147 ? 2.400   18.419  10.833  1.00 24.64 ? 232  ARG A CG  1 
ATOM   1095 C CD  . ARG A 1 147 ? 2.283   19.800  10.183  1.00 27.64 ? 232  ARG A CD  1 
ATOM   1096 N NE  . ARG A 1 147 ? 3.216   19.907  9.054   1.00 29.96 ? 232  ARG A NE  1 
ATOM   1097 C CZ  . ARG A 1 147 ? 3.334   20.958  8.241   1.00 30.52 ? 232  ARG A CZ  1 
ATOM   1098 N NH1 . ARG A 1 147 ? 2.575   22.034  8.407   1.00 30.75 ? 232  ARG A NH1 1 
ATOM   1099 N NH2 . ARG A 1 147 ? 4.219   20.927  7.253   1.00 30.35 ? 232  ARG A NH2 1 
ATOM   1100 N N   . VAL A 1 148 ? -0.283  15.620  13.745  1.00 22.49 ? 233  VAL A N   1 
ATOM   1101 C CA  . VAL A 1 148 ? -1.232  15.337  14.823  1.00 22.16 ? 233  VAL A CA  1 
ATOM   1102 C C   . VAL A 1 148 ? -0.679  14.224  15.717  1.00 22.34 ? 233  VAL A C   1 
ATOM   1103 O O   . VAL A 1 148 ? -0.596  13.055  15.308  1.00 22.30 ? 233  VAL A O   1 
ATOM   1104 C CB  . VAL A 1 148 ? -2.640  14.969  14.274  1.00 22.23 ? 233  VAL A CB  1 
ATOM   1105 C CG1 . VAL A 1 148 ? -3.577  14.533  15.407  1.00 21.77 ? 233  VAL A CG1 1 
ATOM   1106 C CG2 . VAL A 1 148 ? -3.235  16.147  13.519  1.00 21.82 ? 233  VAL A CG2 1 
ATOM   1107 N N   . GLU A 1 149 ? -0.304  14.612  16.935  1.00 21.99 ? 234  GLU A N   1 
ATOM   1108 C CA  . GLU A 1 149 ? 0.343   13.731  17.907  1.00 22.03 ? 234  GLU A CA  1 
ATOM   1109 C C   . GLU A 1 149 ? -0.431  12.426  18.143  1.00 21.76 ? 234  GLU A C   1 
ATOM   1110 O O   . GLU A 1 149 ? 0.161   11.345  18.175  1.00 21.21 ? 234  GLU A O   1 
ATOM   1111 C CB  . GLU A 1 149 ? 0.534   14.488  19.225  1.00 22.01 ? 234  GLU A CB  1 
ATOM   1112 C CG  . GLU A 1 149 ? 1.445   13.815  20.242  1.00 23.28 ? 234  GLU A CG  1 
ATOM   1113 C CD  . GLU A 1 149 ? 1.459   14.526  21.600  1.00 24.34 ? 234  GLU A CD  1 
ATOM   1114 O OE1 . GLU A 1 149 ? 1.144   15.734  21.663  1.00 24.63 ? 234  GLU A OE1 1 
ATOM   1115 O OE2 . GLU A 1 149 ? 1.784   13.869  22.610  1.00 24.50 ? 234  GLU A OE2 1 
ATOM   1116 N N   . ALA A 1 150 ? -1.750  12.538  18.285  1.00 21.58 ? 235  ALA A N   1 
ATOM   1117 C CA  . ALA A 1 150 ? -2.609  11.392  18.568  1.00 21.61 ? 235  ALA A CA  1 
ATOM   1118 C C   . ALA A 1 150 ? -2.626  10.372  17.433  1.00 21.95 ? 235  ALA A C   1 
ATOM   1119 O O   . ALA A 1 150 ? -3.017  9.225   17.639  1.00 22.21 ? 235  ALA A O   1 
ATOM   1120 C CB  . ALA A 1 150 ? -4.020  11.856  18.887  1.00 21.60 ? 235  ALA A CB  1 
ATOM   1121 N N   . LEU A 1 151 ? -2.192  10.790  16.241  1.00 22.12 ? 236  LEU A N   1 
ATOM   1122 C CA  . LEU A 1 151 ? -2.196  9.915   15.067  1.00 22.15 ? 236  LEU A CA  1 
ATOM   1123 C C   . LEU A 1 151 ? -0.829  9.313   14.704  1.00 22.25 ? 236  LEU A C   1 
ATOM   1124 O O   . LEU A 1 151 ? -0.697  8.647   13.670  1.00 22.39 ? 236  LEU A O   1 
ATOM   1125 C CB  . LEU A 1 151 ? -2.803  10.635  13.853  1.00 22.20 ? 236  LEU A CB  1 
ATOM   1126 C CG  . LEU A 1 151 ? -4.258  11.120  13.952  1.00 22.12 ? 236  LEU A CG  1 
ATOM   1127 C CD1 . LEU A 1 151 ? -4.635  11.942  12.734  1.00 22.37 ? 236  LEU A CD1 1 
ATOM   1128 C CD2 . LEU A 1 151 ? -5.237  9.972   14.142  1.00 22.80 ? 236  LEU A CD2 1 
ATOM   1129 N N   . ALA A 1 152 ? 0.185   9.553   15.536  1.00 22.06 ? 237  ALA A N   1 
ATOM   1130 C CA  . ALA A 1 152 ? 1.492   8.941   15.315  1.00 22.28 ? 237  ALA A CA  1 
ATOM   1131 C C   . ALA A 1 152 ? 1.315   7.422   15.389  1.00 22.03 ? 237  ALA A C   1 
ATOM   1132 O O   . ALA A 1 152 ? 0.493   6.918   16.147  1.00 22.66 ? 237  ALA A O   1 
ATOM   1133 C CB  . ALA A 1 152 ? 2.514   9.434   16.348  1.00 22.32 ? 237  ALA A CB  1 
ATOM   1134 N N   . GLY A 1 153 ? 2.046   6.682   14.580  1.00 21.52 ? 238  GLY A N   1 
ATOM   1135 C CA  . GLY A 1 153 ? 1.820   5.249   14.567  1.00 20.71 ? 238  GLY A CA  1 
ATOM   1136 C C   . GLY A 1 153 ? 0.957   4.780   13.417  1.00 20.22 ? 238  GLY A C   1 
ATOM   1137 O O   . GLY A 1 153 ? 1.075   3.626   13.011  1.00 19.84 ? 238  GLY A O   1 
ATOM   1138 N N   . LEU A 1 154 ? 0.089   5.654   12.892  1.00 19.70 ? 239  LEU A N   1 
ATOM   1139 C CA  . LEU A 1 154 ? -0.605  5.359   11.634  1.00 19.47 ? 239  LEU A CA  1 
ATOM   1140 C C   . LEU A 1 154 ? 0.425   5.170   10.527  1.00 19.30 ? 239  LEU A C   1 
ATOM   1141 O O   . LEU A 1 154 ? 1.409   5.918   10.458  1.00 19.56 ? 239  LEU A O   1 
ATOM   1142 C CB  . LEU A 1 154 ? -1.571  6.479   11.232  1.00 19.65 ? 239  LEU A CB  1 
ATOM   1143 C CG  . LEU A 1 154 ? -2.896  6.730   11.966  1.00 19.90 ? 239  LEU A CG  1 
ATOM   1144 C CD1 . LEU A 1 154 ? -3.754  7.694   11.148  1.00 19.78 ? 239  LEU A CD1 1 
ATOM   1145 C CD2 . LEU A 1 154 ? -3.662  5.451   12.252  1.00 19.50 ? 239  LEU A CD2 1 
ATOM   1146 N N   . THR A 1 155 ? 0.218   4.162   9.682   1.00 18.74 ? 240  THR A N   1 
ATOM   1147 C CA  . THR A 1 155 ? 1.087   3.941   8.520   1.00 18.30 ? 240  THR A CA  1 
ATOM   1148 C C   . THR A 1 155 ? 0.725   4.947   7.433   1.00 18.31 ? 240  THR A C   1 
ATOM   1149 O O   . THR A 1 155 ? -0.333  5.583   7.499   1.00 18.02 ? 240  THR A O   1 
ATOM   1150 C CB  . THR A 1 155 ? 0.956   2.503   7.934   1.00 18.47 ? 240  THR A CB  1 
ATOM   1151 O OG1 . THR A 1 155 ? -0.371  2.297   7.421   1.00 17.48 ? 240  THR A OG1 1 
ATOM   1152 C CG2 . THR A 1 155 ? 1.282   1.426   8.988   1.00 18.04 ? 240  THR A CG2 1 
ATOM   1153 N N   . VAL A 1 156 ? 1.599   5.083   6.437   1.00 18.20 ? 241  VAL A N   1 
ATOM   1154 C CA  . VAL A 1 156 ? 1.337   5.927   5.278   1.00 18.32 ? 241  VAL A CA  1 
ATOM   1155 C C   . VAL A 1 156 ? 0.000   5.538   4.636   1.00 18.13 ? 241  VAL A C   1 
ATOM   1156 O O   . VAL A 1 156 ? -0.842  6.399   4.384   1.00 18.63 ? 241  VAL A O   1 
ATOM   1157 C CB  . VAL A 1 156 ? 2.502   5.869   4.249   1.00 18.69 ? 241  VAL A CB  1 
ATOM   1158 C CG1 . VAL A 1 156 ? 2.206   6.747   3.034   1.00 18.04 ? 241  VAL A CG1 1 
ATOM   1159 C CG2 . VAL A 1 156 ? 3.820   6.298   4.914   1.00 19.56 ? 241  VAL A CG2 1 
ATOM   1160 N N   . ALA A 1 157 ? -0.200  4.243   4.411   1.00 17.59 ? 242  ALA A N   1 
ATOM   1161 C CA  . ALA A 1 157 ? -1.462  3.721   3.890   1.00 17.20 ? 242  ALA A CA  1 
ATOM   1162 C C   . ALA A 1 157 ? -2.677  4.061   4.768   1.00 16.88 ? 242  ALA A C   1 
ATOM   1163 O O   . ALA A 1 157 ? -3.751  4.338   4.239   1.00 17.06 ? 242  ALA A O   1 
ATOM   1164 C CB  . ALA A 1 157 ? -1.360  2.212   3.670   1.00 17.01 ? 242  ALA A CB  1 
ATOM   1165 N N   . ASP A 1 158 ? -2.515  4.022   6.094   1.00 16.37 ? 243  ASP A N   1 
ATOM   1166 C CA  . ASP A 1 158 ? -3.580  4.430   7.016   1.00 16.37 ? 243  ASP A CA  1 
ATOM   1167 C C   . ASP A 1 158 ? -3.922  5.910   6.850   1.00 15.86 ? 243  ASP A C   1 
ATOM   1168 O O   . ASP A 1 158 ? -5.088  6.279   6.910   1.00 15.92 ? 243  ASP A O   1 
ATOM   1169 C CB  . ASP A 1 158 ? -3.205  4.176   8.481   1.00 16.61 ? 243  ASP A CB  1 
ATOM   1170 C CG  . ASP A 1 158 ? -3.145  2.700   8.841   1.00 17.88 ? 243  ASP A CG  1 
ATOM   1171 O OD1 . ASP A 1 158 ? -3.847  1.875   8.216   1.00 20.74 ? 243  ASP A OD1 1 
ATOM   1172 O OD2 . ASP A 1 158 ? -2.387  2.367   9.773   1.00 18.02 ? 243  ASP A OD2 1 
ATOM   1173 N N   . ARG A 1 159 ? -2.903  6.744   6.644   1.00 15.45 ? 244  ARG A N   1 
ATOM   1174 C CA  . ARG A 1 159 ? -3.095  8.185   6.465   1.00 15.14 ? 244  ARG A CA  1 
ATOM   1175 C C   . ARG A 1 159 ? -3.746  8.507   5.117   1.00 14.69 ? 244  ARG A C   1 
ATOM   1176 O O   . ARG A 1 159 ? -4.573  9.412   5.030   1.00 14.53 ? 244  ARG A O   1 
ATOM   1177 C CB  . ARG A 1 159 ? -1.767  8.943   6.612   1.00 15.23 ? 244  ARG A CB  1 
ATOM   1178 C CG  . ARG A 1 159 ? -1.229  8.984   8.030   1.00 15.57 ? 244  ARG A CG  1 
ATOM   1179 C CD  . ARG A 1 159 ? 0.211   9.484   8.074   1.00 17.94 ? 244  ARG A CD  1 
ATOM   1180 N NE  . ARG A 1 159 ? 0.945   8.785   9.121   1.00 19.32 ? 244  ARG A NE  1 
ATOM   1181 C CZ  . ARG A 1 159 ? 1.093   9.237   10.361  1.00 19.76 ? 244  ARG A CZ  1 
ATOM   1182 N NH1 . ARG A 1 159 ? 0.586   10.412  10.712  1.00 20.55 ? 244  ARG A NH1 1 
ATOM   1183 N NH2 . ARG A 1 159 ? 1.751   8.513   11.250  1.00 19.55 ? 244  ARG A NH2 1 
ATOM   1184 N N   . VAL A 1 160 ? -3.368  7.760   4.076   1.00 13.99 ? 245  VAL A N   1 
ATOM   1185 C CA  . VAL A 1 160 ? -3.986  7.885   2.757   1.00 13.54 ? 245  VAL A CA  1 
ATOM   1186 C C   . VAL A 1 160 ? -5.472  7.543   2.824   1.00 13.71 ? 245  VAL A C   1 
ATOM   1187 O O   . VAL A 1 160 ? -6.306  8.287   2.309   1.00 13.81 ? 245  VAL A O   1 
ATOM   1188 C CB  . VAL A 1 160 ? -3.265  7.015   1.687   1.00 13.52 ? 245  VAL A CB  1 
ATOM   1189 C CG1 . VAL A 1 160 ? -4.078  6.949   0.381   1.00 12.60 ? 245  VAL A CG1 1 
ATOM   1190 C CG2 . VAL A 1 160 ? -1.877  7.559   1.416   1.00 12.66 ? 245  VAL A CG2 1 
ATOM   1191 N N   . THR A 1 161 ? -5.787  6.415   3.457   1.00 13.92 ? 246  THR A N   1 
ATOM   1192 C CA  . THR A 1 161 ? -7.166  5.996   3.691   1.00 14.35 ? 246  THR A CA  1 
ATOM   1193 C C   . THR A 1 161 ? -7.945  7.062   4.457   1.00 14.75 ? 246  THR A C   1 
ATOM   1194 O O   . THR A 1 161 ? -9.080  7.394   4.095   1.00 14.92 ? 246  THR A O   1 
ATOM   1195 C CB  . THR A 1 161 ? -7.208  4.665   4.480   1.00 14.17 ? 246  THR A CB  1 
ATOM   1196 O OG1 . THR A 1 161 ? -6.612  3.635   3.691   1.00 15.07 ? 246  THR A OG1 1 
ATOM   1197 C CG2 . THR A 1 161 ? -8.615  4.262   4.797   1.00 13.34 ? 246  THR A CG2 1 
ATOM   1198 N N   . THR A 1 162 ? -7.323  7.602   5.503   1.00 14.97 ? 247  THR A N   1 
ATOM   1199 C CA  . THR A 1 162 ? -7.968  8.588   6.356   1.00 14.99 ? 247  THR A CA  1 
ATOM   1200 C C   . THR A 1 162 ? -8.217  9.890   5.606   1.00 15.44 ? 247  THR A C   1 
ATOM   1201 O O   . THR A 1 162 ? -9.323  10.429  5.648   1.00 15.64 ? 247  THR A O   1 
ATOM   1202 C CB  . THR A 1 162 ? -7.141  8.875   7.629   1.00 15.01 ? 247  THR A CB  1 
ATOM   1203 O OG1 . THR A 1 162 ? -6.874  7.645   8.313   1.00 13.70 ? 247  THR A OG1 1 
ATOM   1204 C CG2 . THR A 1 162 ? -7.903  9.813   8.557   1.00 14.54 ? 247  THR A CG2 1 
ATOM   1205 N N   . ALA A 1 163 ? -7.192  10.382  4.915   1.00 15.88 ? 248  ALA A N   1 
ATOM   1206 C CA  . ALA A 1 163 ? -7.317  11.615  4.144   1.00 16.22 ? 248  ALA A CA  1 
ATOM   1207 C C   . ALA A 1 163 ? -8.432  11.515  3.097   1.00 16.29 ? 248  ALA A C   1 
ATOM   1208 O O   . ALA A 1 163 ? -9.244  12.434  2.973   1.00 16.37 ? 248  ALA A O   1 
ATOM   1209 C CB  . ALA A 1 163 ? -5.985  12.001  3.501   1.00 16.11 ? 248  ALA A CB  1 
ATOM   1210 N N   . LEU A 1 164 ? -8.491  10.397  2.370   1.00 16.32 ? 249  LEU A N   1 
ATOM   1211 C CA  . LEU A 1 164 ? -9.537  10.229  1.351   1.00 16.28 ? 249  LEU A CA  1 
ATOM   1212 C C   . LEU A 1 164 ? -10.935 10.115  1.957   1.00 16.19 ? 249  LEU A C   1 
ATOM   1213 O O   . LEU A 1 164 ? -11.863 10.776  1.504   1.00 16.08 ? 249  LEU A O   1 
ATOM   1214 C CB  . LEU A 1 164 ? -9.265  9.038   0.422   1.00 16.27 ? 249  LEU A CB  1 
ATOM   1215 C CG  . LEU A 1 164 ? -10.287 8.842   -0.710  1.00 16.32 ? 249  LEU A CG  1 
ATOM   1216 C CD1 . LEU A 1 164 ? -10.468 10.103  -1.579  1.00 15.76 ? 249  LEU A CD1 1 
ATOM   1217 C CD2 . LEU A 1 164 ? -9.912  7.661   -1.570  1.00 16.16 ? 249  LEU A CD2 1 
ATOM   1218 N N   . LEU A 1 165 ? -11.089 9.272   2.968   1.00 16.28 ? 250  LEU A N   1 
ATOM   1219 C CA  . LEU A 1 165 ? -12.401 9.097   3.588   1.00 16.07 ? 250  LEU A CA  1 
ATOM   1220 C C   . LEU A 1 165 ? -12.875 10.355  4.344   1.00 16.01 ? 250  LEU A C   1 
ATOM   1221 O O   . LEU A 1 165 ? -14.061 10.656  4.359   1.00 15.48 ? 250  LEU A O   1 
ATOM   1222 C CB  . LEU A 1 165 ? -12.443 7.840   4.459   1.00 15.65 ? 250  LEU A CB  1 
ATOM   1223 C CG  . LEU A 1 165 ? -12.447 6.504   3.715   1.00 15.66 ? 250  LEU A CG  1 
ATOM   1224 C CD1 . LEU A 1 165 ? -12.567 5.360   4.703   1.00 15.49 ? 250  LEU A CD1 1 
ATOM   1225 C CD2 . LEU A 1 165 ? -13.576 6.411   2.679   1.00 15.61 ? 250  LEU A CD2 1 
ATOM   1226 N N   . LEU A 1 166 ? -11.943 11.097  4.939   1.00 16.49 ? 251  LEU A N   1 
ATOM   1227 C CA  . LEU A 1 166 ? -12.278 12.403  5.515   1.00 16.97 ? 251  LEU A CA  1 
ATOM   1228 C C   . LEU A 1 166 ? -12.746 13.395  4.445   1.00 17.12 ? 251  LEU A C   1 
ATOM   1229 O O   . LEU A 1 166 ? -13.716 14.122  4.652   1.00 17.28 ? 251  LEU A O   1 
ATOM   1230 C CB  . LEU A 1 166 ? -11.112 12.997  6.324   1.00 16.88 ? 251  LEU A CB  1 
ATOM   1231 C CG  . LEU A 1 166 ? -10.818 12.473  7.739   1.00 17.12 ? 251  LEU A CG  1 
ATOM   1232 C CD1 . LEU A 1 166 ? -9.632  13.214  8.337   1.00 16.44 ? 251  LEU A CD1 1 
ATOM   1233 C CD2 . LEU A 1 166 ? -12.021 12.552  8.676   1.00 16.74 ? 251  LEU A CD2 1 
ATOM   1234 N N   . ALA A 1 167 ? -12.065 13.414  3.304   1.00 17.42 ? 252  ALA A N   1 
ATOM   1235 C CA  . ALA A 1 167 ? -12.428 14.327  2.219   1.00 17.97 ? 252  ALA A CA  1 
ATOM   1236 C C   . ALA A 1 167 ? -13.780 13.969  1.625   1.00 18.41 ? 252  ALA A C   1 
ATOM   1237 O O   . ALA A 1 167 ? -14.497 14.833  1.120   1.00 18.55 ? 252  ALA A O   1 
ATOM   1238 C CB  . ALA A 1 167 ? -11.360 14.327  1.137   1.00 17.90 ? 252  ALA A CB  1 
ATOM   1239 N N   . ARG A 1 168 ? -14.118 12.687  1.702   1.00 18.95 ? 253  ARG A N   1 
ATOM   1240 C CA  . ARG A 1 168 ? -15.345 12.162  1.124   1.00 19.70 ? 253  ARG A CA  1 
ATOM   1241 C C   . ARG A 1 168 ? -16.528 12.264  2.084   1.00 19.88 ? 253  ARG A C   1 
ATOM   1242 O O   . ARG A 1 168 ? -17.662 12.427  1.639   1.00 20.23 ? 253  ARG A O   1 
ATOM   1243 C CB  . ARG A 1 168 ? -15.124 10.704  0.663   1.00 19.68 ? 253  ARG A CB  1 
ATOM   1244 C CG  . ARG A 1 168 ? -16.324 10.004  0.032   1.00 20.56 ? 253  ARG A CG  1 
ATOM   1245 C CD  . ARG A 1 168 ? -16.755 10.665  -1.273  1.00 22.01 ? 253  ARG A CD  1 
ATOM   1246 N NE  . ARG A 1 168 ? -17.714 9.852   -2.025  1.00 23.37 ? 253  ARG A NE  1 
ATOM   1247 C CZ  . ARG A 1 168 ? -19.006 9.723   -1.726  1.00 24.05 ? 253  ARG A CZ  1 
ATOM   1248 N NH1 . ARG A 1 168 ? -19.524 10.340  -0.669  1.00 25.11 ? 253  ARG A NH1 1 
ATOM   1249 N NH2 . ARG A 1 168 ? -19.785 8.962   -2.483  1.00 23.74 ? 253  ARG A NH2 1 
ATOM   1250 N N   . THR A 1 169 ? -16.269 12.177  3.391   1.00 20.27 ? 254  THR A N   1 
ATOM   1251 C CA  . THR A 1 169 ? -17.354 12.091  4.387   1.00 20.61 ? 254  THR A CA  1 
ATOM   1252 C C   . THR A 1 169 ? -17.400 13.173  5.475   1.00 20.76 ? 254  THR A C   1 
ATOM   1253 O O   . THR A 1 169 ? -18.411 13.297  6.166   1.00 20.71 ? 254  THR A O   1 
ATOM   1254 C CB  . THR A 1 169 ? -17.347 10.733  5.126   1.00 20.76 ? 254  THR A CB  1 
ATOM   1255 O OG1 . THR A 1 169 ? -16.159 10.629  5.924   1.00 20.78 ? 254  THR A OG1 1 
ATOM   1256 C CG2 . THR A 1 169 ? -17.443 9.551   4.144   1.00 20.61 ? 254  THR A CG2 1 
ATOM   1257 N N   . ALA A 1 170 ? -16.321 13.932  5.654   1.00 20.78 ? 255  ALA A N   1 
ATOM   1258 C CA  . ALA A 1 170 ? -16.259 14.890  6.766   1.00 20.93 ? 255  ALA A CA  1 
ATOM   1259 C C   . ALA A 1 170 ? -16.259 16.354  6.327   1.00 21.05 ? 255  ALA A C   1 
ATOM   1260 O O   . ALA A 1 170 ? -15.958 17.240  7.121   1.00 21.09 ? 255  ALA A O   1 
ATOM   1261 C CB  . ALA A 1 170 ? -15.056 14.592  7.664   1.00 20.71 ? 255  ALA A CB  1 
ATOM   1262 N N   . GLN A 1 171 ? -16.598 16.595  5.061   1.00 21.47 ? 256  GLN A N   1 
ATOM   1263 C CA  . GLN A 1 171 ? -16.668 17.946  4.481   1.00 21.97 ? 256  GLN A CA  1 
ATOM   1264 C C   . GLN A 1 171 ? -15.398 18.780  4.724   1.00 21.82 ? 256  GLN A C   1 
ATOM   1265 O O   . GLN A 1 171 ? -15.483 19.988  4.981   1.00 21.76 ? 256  GLN A O   1 
ATOM   1266 C CB  . GLN A 1 171 ? -17.919 18.704  4.966   1.00 22.12 ? 256  GLN A CB  1 
ATOM   1267 C CG  . GLN A 1 171 ? -19.271 18.056  4.618   1.00 23.99 ? 256  GLN A CG  1 
ATOM   1268 C CD  . GLN A 1 171 ? -19.540 16.761  5.394   1.00 26.33 ? 256  GLN A CD  1 
ATOM   1269 O OE1 . GLN A 1 171 ? -19.535 16.744  6.631   1.00 27.15 ? 256  GLN A OE1 1 
ATOM   1270 N NE2 . GLN A 1 171 ? -19.772 15.671  4.663   1.00 26.78 ? 256  GLN A NE2 1 
ATOM   1271 N N   . THR A 1 172 ? -14.231 18.135  4.630   1.00 21.41 ? 257  THR A N   1 
ATOM   1272 C CA  . THR A 1 172 ? -12.945 18.810  4.875   1.00 21.12 ? 257  THR A CA  1 
ATOM   1273 C C   . THR A 1 172 ? -12.567 19.787  3.763   1.00 21.05 ? 257  THR A C   1 
ATOM   1274 O O   . THR A 1 172 ? -11.708 20.650  3.953   1.00 20.85 ? 257  THR A O   1 
ATOM   1275 C CB  . THR A 1 172 ? -11.778 17.812  5.078   1.00 21.10 ? 257  THR A CB  1 
ATOM   1276 O OG1 . THR A 1 172 ? -11.627 17.001  3.907   1.00 20.08 ? 257  THR A OG1 1 
ATOM   1277 C CG2 . THR A 1 172 ? -12.022 16.928  6.294   1.00 21.13 ? 257  THR A CG2 1 
ATOM   1278 N N   . LEU A 1 173 ? -13.209 19.646  2.606   1.00 21.11 ? 258  LEU A N   1 
ATOM   1279 C CA  . LEU A 1 173 ? -13.007 20.574  1.492   1.00 21.33 ? 258  LEU A CA  1 
ATOM   1280 C C   . LEU A 1 173 ? -13.431 22.010  1.816   1.00 21.23 ? 258  LEU A C   1 
ATOM   1281 O O   . LEU A 1 173 ? -12.929 22.948  1.204   1.00 21.13 ? 258  LEU A O   1 
ATOM   1282 C CB  . LEU A 1 173 ? -13.699 20.071  0.221   1.00 21.39 ? 258  LEU A CB  1 
ATOM   1283 C CG  . LEU A 1 173 ? -12.866 19.106  -0.636  1.00 21.83 ? 258  LEU A CG  1 
ATOM   1284 C CD1 . LEU A 1 173 ? -13.759 18.187  -1.463  1.00 21.78 ? 258  LEU A CD1 1 
ATOM   1285 C CD2 . LEU A 1 173 ? -11.894 19.875  -1.533  1.00 22.09 ? 258  LEU A CD2 1 
ATOM   1286 N N   . SER A 1 174 ? -14.335 22.174  2.785   1.00 21.18 ? 259  SER A N   1 
ATOM   1287 C CA  . SER A 1 174 ? -14.739 23.507  3.244   1.00 21.42 ? 259  SER A CA  1 
ATOM   1288 C C   . SER A 1 174 ? -13.759 24.125  4.258   1.00 21.52 ? 259  SER A C   1 
ATOM   1289 O O   . SER A 1 174 ? -13.979 25.240  4.728   1.00 21.35 ? 259  SER A O   1 
ATOM   1290 C CB  . SER A 1 174 ? -16.178 23.503  3.787   1.00 21.32 ? 259  SER A CB  1 
ATOM   1291 O OG  . SER A 1 174 ? -16.303 22.686  4.936   1.00 21.27 ? 259  SER A OG  1 
ATOM   1292 N N   . TRP A 1 175 ? -12.678 23.406  4.573   1.00 21.71 ? 260  TRP A N   1 
ATOM   1293 C CA  . TRP A 1 175 ? -11.601 23.933  5.425   1.00 21.77 ? 260  TRP A CA  1 
ATOM   1294 C C   . TRP A 1 175 ? -10.738 24.973  4.705   1.00 22.27 ? 260  TRP A C   1 
ATOM   1295 O O   . TRP A 1 175 ? -10.037 25.762  5.350   1.00 22.28 ? 260  TRP A O   1 
ATOM   1296 C CB  . TRP A 1 175 ? -10.701 22.807  5.953   1.00 21.33 ? 260  TRP A CB  1 
ATOM   1297 C CG  . TRP A 1 175 ? -11.343 21.911  6.971   1.00 20.04 ? 260  TRP A CG  1 
ATOM   1298 C CD1 . TRP A 1 175 ? -12.572 22.070  7.554   1.00 19.48 ? 260  TRP A CD1 1 
ATOM   1299 C CD2 . TRP A 1 175 ? -10.770 20.737  7.562   1.00 18.75 ? 260  TRP A CD2 1 
ATOM   1300 N NE1 . TRP A 1 175 ? -12.806 21.055  8.450   1.00 19.05 ? 260  TRP A NE1 1 
ATOM   1301 C CE2 . TRP A 1 175 ? -11.716 20.224  8.476   1.00 18.55 ? 260  TRP A CE2 1 
ATOM   1302 C CE3 . TRP A 1 175 ? -9.551  20.062  7.400   1.00 18.08 ? 260  TRP A CE3 1 
ATOM   1303 C CZ2 . TRP A 1 175 ? -11.482 19.065  9.227   1.00 17.99 ? 260  TRP A CZ2 1 
ATOM   1304 C CZ3 . TRP A 1 175 ? -9.319  18.907  8.149   1.00 16.97 ? 260  TRP A CZ3 1 
ATOM   1305 C CH2 . TRP A 1 175 ? -10.279 18.423  9.048   1.00 16.94 ? 260  TRP A CH2 1 
ATOM   1306 N N   . GLU A 1 176 ? -10.784 24.956  3.374   1.00 22.75 ? 261  GLU A N   1 
ATOM   1307 C CA  . GLU A 1 176 ? -10.061 25.928  2.550   1.00 23.23 ? 261  GLU A CA  1 
ATOM   1308 C C   . GLU A 1 176 ? -10.910 27.159  2.229   1.00 23.20 ? 261  GLU A C   1 
ATOM   1309 O O   . GLU A 1 176 ? -12.118 27.180  2.474   1.00 23.23 ? 261  GLU A O   1 
ATOM   1310 C CB  . GLU A 1 176 ? -9.575  25.273  1.260   1.00 23.36 ? 261  GLU A CB  1 
ATOM   1311 C CG  . GLU A 1 176 ? -8.436  24.289  1.462   1.00 24.17 ? 261  GLU A CG  1 
ATOM   1312 C CD  . GLU A 1 176 ? -8.100  23.506  0.206   1.00 25.70 ? 261  GLU A CD  1 
ATOM   1313 O OE1 . GLU A 1 176 ? -8.642  23.842  -0.874  1.00 26.42 ? 261  GLU A OE1 1 
ATOM   1314 O OE2 . GLU A 1 176 ? -7.294  22.547  0.303   1.00 26.17 ? 261  GLU A OE2 1 
ATOM   1315 N N   . GLY A 1 190 ? -25.260 6.243   3.287   1.00 23.85 ? 275  GLY A N   1 
ATOM   1316 C CA  . GLY A 1 190 ? -24.965 5.769   4.634   1.00 24.26 ? 275  GLY A CA  1 
ATOM   1317 C C   . GLY A 1 190 ? -23.472 5.749   4.922   1.00 24.53 ? 275  GLY A C   1 
ATOM   1318 O O   . GLY A 1 190 ? -22.663 5.444   4.039   1.00 24.37 ? 275  GLY A O   1 
ATOM   1319 N N   . MET A 1 191 ? -23.108 6.066   6.163   1.00 24.69 ? 276  MET A N   1 
ATOM   1320 C CA  . MET A 1 191 ? -21.701 6.198   6.554   1.00 24.88 ? 276  MET A CA  1 
ATOM   1321 C C   . MET A 1 191 ? -20.958 4.862   6.582   1.00 24.59 ? 276  MET A C   1 
ATOM   1322 O O   . MET A 1 191 ? -19.869 4.748   6.016   1.00 24.52 ? 276  MET A O   1 
ATOM   1323 C CB  . MET A 1 191 ? -21.585 6.915   7.903   1.00 25.11 ? 276  MET A CB  1 
ATOM   1324 C CG  . MET A 1 191 ? -20.179 7.394   8.259   1.00 26.26 ? 276  MET A CG  1 
ATOM   1325 S SD  . MET A 1 191 ? -19.393 8.511   7.073   1.00 28.56 ? 276  MET A SD  1 
ATOM   1326 C CE  . MET A 1 191 ? -20.731 9.601   6.604   1.00 27.03 ? 276  MET A CE  1 
ATOM   1327 N N   . GLU A 1 192 ? -21.556 3.863   7.235   1.00 24.43 ? 277  GLU A N   1 
ATOM   1328 C CA  . GLU A 1 192 ? -20.998 2.509   7.288   1.00 24.19 ? 277  GLU A CA  1 
ATOM   1329 C C   . GLU A 1 192 ? -20.929 1.902   5.886   1.00 23.71 ? 277  GLU A C   1 
ATOM   1330 O O   . GLU A 1 192 ? -20.017 1.134   5.581   1.00 23.56 ? 277  GLU A O   1 
ATOM   1331 C CB  . GLU A 1 192 ? -21.825 1.608   8.220   1.00 24.35 ? 277  GLU A CB  1 
ATOM   1332 C CG  . GLU A 1 192 ? -21.157 0.265   8.564   1.00 24.90 ? 277  GLU A CG  1 
ATOM   1333 C CD  . GLU A 1 192 ? -22.072 -0.704  9.314   1.00 26.12 ? 277  GLU A CD  1 
ATOM   1334 O OE1 . GLU A 1 192 ? -23.172 -0.295  9.755   1.00 25.61 ? 277  GLU A OE1 1 
ATOM   1335 O OE2 . GLU A 1 192 ? -21.685 -1.888  9.462   1.00 26.26 ? 277  GLU A OE2 1 
ATOM   1336 N N   . ALA A 1 193 ? -21.904 2.261   5.049   1.00 23.15 ? 278  ALA A N   1 
ATOM   1337 C CA  . ALA A 1 193 ? -21.967 1.812   3.661   1.00 22.52 ? 278  ALA A CA  1 
ATOM   1338 C C   . ALA A 1 193 ? -20.882 2.435   2.778   1.00 22.09 ? 278  ALA A C   1 
ATOM   1339 O O   . ALA A 1 193 ? -20.420 1.796   1.832   1.00 22.15 ? 278  ALA A O   1 
ATOM   1340 C CB  . ALA A 1 193 ? -23.351 2.072   3.079   1.00 22.58 ? 278  ALA A CB  1 
ATOM   1341 N N   . ILE A 1 194 ? -20.479 3.672   3.078   1.00 21.44 ? 279  ILE A N   1 
ATOM   1342 C CA  . ILE A 1 194 ? -19.381 4.313   2.339   1.00 20.88 ? 279  ILE A CA  1 
ATOM   1343 C C   . ILE A 1 194 ? -18.041 3.661   2.691   1.00 20.46 ? 279  ILE A C   1 
ATOM   1344 O O   . ILE A 1 194 ? -17.246 3.363   1.803   1.00 20.34 ? 279  ILE A O   1 
ATOM   1345 C CB  . ILE A 1 194 ? -19.306 5.851   2.557   1.00 20.82 ? 279  ILE A CB  1 
ATOM   1346 C CG1 . ILE A 1 194 ? -20.490 6.551   1.888   1.00 20.81 ? 279  ILE A CG1 1 
ATOM   1347 C CG2 . ILE A 1 194 ? -17.990 6.419   1.991   1.00 20.52 ? 279  ILE A CG2 1 
ATOM   1348 C CD1 . ILE A 1 194 ? -20.718 7.989   2.366   1.00 20.46 ? 279  ILE A CD1 1 
ATOM   1349 N N   . TYR A 1 195 ? -17.807 3.441   3.984   1.00 20.20 ? 280  TYR A N   1 
ATOM   1350 C CA  . TYR A 1 195 ? -16.585 2.787   4.460   1.00 19.85 ? 280  TYR A CA  1 
ATOM   1351 C C   . TYR A 1 195 ? -16.508 1.355   3.933   1.00 19.61 ? 280  TYR A C   1 
ATOM   1352 O O   . TYR A 1 195 ? -15.433 0.898   3.544   1.00 19.57 ? 280  TYR A O   1 
ATOM   1353 C CB  . TYR A 1 195 ? -16.531 2.752   5.990   1.00 19.92 ? 280  TYR A CB  1 
ATOM   1354 C CG  . TYR A 1 195 ? -16.278 4.064   6.713   1.00 20.06 ? 280  TYR A CG  1 
ATOM   1355 C CD1 . TYR A 1 195 ? -16.172 5.278   6.032   1.00 19.83 ? 280  TYR A CD1 1 
ATOM   1356 C CD2 . TYR A 1 195 ? -16.188 4.083   8.102   1.00 20.62 ? 280  TYR A CD2 1 
ATOM   1357 C CE1 . TYR A 1 195 ? -15.958 6.472   6.722   1.00 19.68 ? 280  TYR A CE1 1 
ATOM   1358 C CE2 . TYR A 1 195 ? -15.983 5.267   8.799   1.00 20.75 ? 280  TYR A CE2 1 
ATOM   1359 C CZ  . TYR A 1 195 ? -15.864 6.457   8.105   1.00 20.20 ? 280  TYR A CZ  1 
ATOM   1360 O OH  . TYR A 1 195 ? -15.666 7.622   8.817   1.00 20.53 ? 280  TYR A OH  1 
ATOM   1361 N N   . ALA A 1 196 ? -17.648 0.657   3.932   1.00 19.24 ? 281  ALA A N   1 
ATOM   1362 C CA  . ALA A 1 196 ? -17.723 -0.728  3.454   1.00 19.06 ? 281  ALA A CA  1 
ATOM   1363 C C   . ALA A 1 196 ? -17.449 -0.835  1.957   1.00 18.94 ? 281  ALA A C   1 
ATOM   1364 O O   . ALA A 1 196 ? -16.792 -1.776  1.513   1.00 18.67 ? 281  ALA A O   1 
ATOM   1365 C CB  . ALA A 1 196 ? -19.080 -1.358  3.796   1.00 18.95 ? 281  ALA A CB  1 
ATOM   1366 N N   . ASN A 1 197 ? -17.970 0.124   1.191   1.00 19.13 ? 282  ASN A N   1 
ATOM   1367 C CA  . ASN A 1 197 ? -17.762 0.175   -0.253  1.00 19.30 ? 282  ASN A CA  1 
ATOM   1368 C C   . ASN A 1 197 ? -16.302 0.477   -0.563  1.00 19.05 ? 282  ASN A C   1 
ATOM   1369 O O   . ASN A 1 197 ? -15.688 -0.188  -1.399  1.00 18.85 ? 282  ASN A O   1 
ATOM   1370 C CB  . ASN A 1 197 ? -18.688 1.210   -0.908  1.00 19.53 ? 282  ASN A CB  1 
ATOM   1371 C CG  . ASN A 1 197 ? -18.344 1.471   -2.375  1.00 20.89 ? 282  ASN A CG  1 
ATOM   1372 O OD1 . ASN A 1 197 ? -17.680 2.456   -2.694  1.00 21.79 ? 282  ASN A OD1 1 
ATOM   1373 N ND2 . ASN A 1 197 ? -18.791 0.583   -3.269  1.00 21.85 ? 282  ASN A ND2 1 
ATOM   1374 N N   . PHE A 1 198 ? -15.751 1.474   0.127   1.00 18.86 ? 283  PHE A N   1 
ATOM   1375 C CA  . PHE A 1 198 ? -14.338 1.789   0.003   1.00 18.64 ? 283  PHE A CA  1 
ATOM   1376 C C   . PHE A 1 198 ? -13.486 0.563   0.327   1.00 18.28 ? 283  PHE A C   1 
ATOM   1377 O O   . PHE A 1 198 ? -12.559 0.238   -0.411  1.00 18.02 ? 283  PHE A O   1 
ATOM   1378 C CB  . PHE A 1 198 ? -13.933 2.972   0.895   1.00 18.90 ? 283  PHE A CB  1 
ATOM   1379 C CG  . PHE A 1 198 ? -12.450 3.208   0.928   1.00 19.44 ? 283  PHE A CG  1 
ATOM   1380 C CD1 . PHE A 1 198 ? -11.814 3.857   -0.122  1.00 20.16 ? 283  PHE A CD1 1 
ATOM   1381 C CD2 . PHE A 1 198 ? -11.685 2.742   1.988   1.00 20.52 ? 283  PHE A CD2 1 
ATOM   1382 C CE1 . PHE A 1 198 ? -10.435 4.049   -0.114  1.00 21.50 ? 283  PHE A CE1 1 
ATOM   1383 C CE2 . PHE A 1 198 ? -10.299 2.928   2.007   1.00 21.33 ? 283  PHE A CE2 1 
ATOM   1384 C CZ  . PHE A 1 198 ? -9.675  3.585   0.959   1.00 21.14 ? 283  PHE A CZ  1 
ATOM   1385 N N   . SER A 1 199 ? -13.811 -0.110  1.426   1.00 18.24 ? 284  SER A N   1 
ATOM   1386 C CA  . SER A 1 199 ? -13.051 -1.271  1.881   1.00 18.60 ? 284  SER A CA  1 
ATOM   1387 C C   . SER A 1 199 ? -13.034 -2.427  0.878   1.00 18.55 ? 284  SER A C   1 
ATOM   1388 O O   . SER A 1 199 ? -11.979 -3.025  0.656   1.00 18.44 ? 284  SER A O   1 
ATOM   1389 C CB  . SER A 1 199 ? -13.553 -1.743  3.248   1.00 18.66 ? 284  SER A CB  1 
ATOM   1390 O OG  . SER A 1 199 ? -13.128 -0.850  4.263   1.00 19.46 ? 284  SER A OG  1 
ATOM   1391 N N   . SER A 1 200 ? -14.191 -2.729  0.279   1.00 18.38 ? 285  SER A N   1 
ATOM   1392 C CA  . SER A 1 200 ? -14.283 -3.744  -0.783  1.00 18.67 ? 285  SER A CA  1 
ATOM   1393 C C   . SER A 1 200 ? -13.460 -3.368  -2.007  1.00 18.34 ? 285  SER A C   1 
ATOM   1394 O O   . SER A 1 200 ? -12.676 -4.177  -2.501  1.00 18.27 ? 285  SER A O   1 
ATOM   1395 C CB  . SER A 1 200 ? -15.733 -3.958  -1.220  1.00 18.65 ? 285  SER A CB  1 
ATOM   1396 O OG  . SER A 1 200 ? -16.532 -4.376  -0.138  1.00 20.63 ? 285  SER A OG  1 
ATOM   1397 N N   . LYS A 1 201 ? -13.656 -2.141  -2.490  1.00 18.30 ? 286  LYS A N   1 
ATOM   1398 C CA  . LYS A 1 201 ? -12.959 -1.624  -3.670  1.00 18.24 ? 286  LYS A CA  1 
ATOM   1399 C C   . LYS A 1 201 ? -11.444 -1.545  -3.470  1.00 17.83 ? 286  LYS A C   1 
ATOM   1400 O O   . LYS A 1 201 ? -10.687 -1.741  -4.420  1.00 18.09 ? 286  LYS A O   1 
ATOM   1401 C CB  . LYS A 1 201 ? -13.497 -0.240  -4.064  1.00 18.50 ? 286  LYS A CB  1 
ATOM   1402 C CG  . LYS A 1 201 ? -14.955 -0.201  -4.538  1.00 19.26 ? 286  LYS A CG  1 
ATOM   1403 C CD  . LYS A 1 201 ? -15.141 -0.816  -5.915  1.00 21.12 ? 286  LYS A CD  1 
ATOM   1404 C CE  . LYS A 1 201 ? -16.525 -0.509  -6.478  1.00 21.40 ? 286  LYS A CE  1 
ATOM   1405 N NZ  . LYS A 1 201 ? -16.736 -1.172  -7.798  1.00 21.90 ? 286  LYS A NZ  1 
ATOM   1406 N N   . ALA A 1 202 ? -11.016 -1.266  -2.238  1.00 17.10 ? 287  ALA A N   1 
ATOM   1407 C CA  . ALA A 1 202 ? -9.589  -1.170  -1.898  1.00 16.42 ? 287  ALA A CA  1 
ATOM   1408 C C   . ALA A 1 202 ? -8.970  -2.507  -1.455  1.00 16.11 ? 287  ALA A C   1 
ATOM   1409 O O   . ALA A 1 202 ? -7.748  -2.609  -1.305  1.00 15.66 ? 287  ALA A O   1 
ATOM   1410 C CB  . ALA A 1 202 ? -9.371  -0.102  -0.826  1.00 15.94 ? 287  ALA A CB  1 
ATOM   1411 N N   . HIS A 1 203 ? -9.818  -3.520  -1.266  1.00 15.94 ? 288  HIS A N   1 
ATOM   1412 C CA  . HIS A 1 203 ? -9.419  -4.826  -0.713  1.00 16.08 ? 288  HIS A CA  1 
ATOM   1413 C C   . HIS A 1 203 ? -8.782  -4.655  0.668   1.00 15.93 ? 288  HIS A C   1 
ATOM   1414 O O   . HIS A 1 203 ? -7.684  -5.165  0.931   1.00 15.61 ? 288  HIS A O   1 
ATOM   1415 C CB  . HIS A 1 203 ? -8.469  -5.603  -1.650  1.00 16.13 ? 288  HIS A CB  1 
ATOM   1416 C CG  . HIS A 1 203 ? -8.869  -5.575  -3.092  1.00 16.61 ? 288  HIS A CG  1 
ATOM   1417 N ND1 . HIS A 1 203 ? -8.060  -5.045  -4.073  1.00 17.09 ? 288  HIS A ND1 1 
ATOM   1418 C CD2 . HIS A 1 203 ? -9.988  -6.010  -3.720  1.00 16.92 ? 288  HIS A CD2 1 
ATOM   1419 C CE1 . HIS A 1 203 ? -8.661  -5.157  -5.246  1.00 17.54 ? 288  HIS A CE1 1 
ATOM   1420 N NE2 . HIS A 1 203 ? -9.834  -5.735  -5.059  1.00 17.61 ? 288  HIS A NE2 1 
ATOM   1421 N N   . LEU A 1 204 ? -9.475  -3.918  1.532   1.00 15.59 ? 289  LEU A N   1 
ATOM   1422 C CA  . LEU A 1 204 ? -9.015  -3.672  2.892   1.00 15.83 ? 289  LEU A CA  1 
ATOM   1423 C C   . LEU A 1 204 ? -10.029 -4.240  3.883   1.00 16.18 ? 289  LEU A C   1 
ATOM   1424 O O   . LEU A 1 204 ? -11.179 -4.479  3.532   1.00 16.07 ? 289  LEU A O   1 
ATOM   1425 C CB  . LEU A 1 204 ? -8.787  -2.165  3.126   1.00 15.43 ? 289  LEU A CB  1 
ATOM   1426 C CG  . LEU A 1 204 ? -7.714  -1.461  2.265   1.00 15.37 ? 289  LEU A CG  1 
ATOM   1427 C CD1 . LEU A 1 204 ? -7.703  0.047   2.489   1.00 15.27 ? 289  LEU A CD1 1 
ATOM   1428 C CD2 . LEU A 1 204 ? -6.313  -2.026  2.485   1.00 14.46 ? 289  LEU A CD2 1 
ATOM   1429 N N   . GLU A 1 205 ? -9.587  -4.474  5.116   1.00 16.76 ? 290  GLU A N   1 
ATOM   1430 C CA  . GLU A 1 205 ? -10.448 -4.998  6.172   1.00 16.99 ? 290  GLU A CA  1 
ATOM   1431 C C   . GLU A 1 205 ? -11.331 -3.875  6.697   1.00 16.91 ? 290  GLU A C   1 
ATOM   1432 O O   . GLU A 1 205 ? -10.825 -2.870  7.196   1.00 16.68 ? 290  GLU A O   1 
ATOM   1433 C CB  . GLU A 1 205 ? -9.603  -5.554  7.319   1.00 16.88 ? 290  GLU A CB  1 
ATOM   1434 C CG  . GLU A 1 205 ? -8.722  -6.728  6.949   1.00 18.37 ? 290  GLU A CG  1 
ATOM   1435 C CD  . GLU A 1 205 ? -9.496  -8.029  6.800   1.00 19.12 ? 290  GLU A CD  1 
ATOM   1436 O OE1 . GLU A 1 205 ? -10.717 -8.055  7.088   1.00 19.26 ? 290  GLU A OE1 1 
ATOM   1437 O OE2 . GLU A 1 205 ? -8.870  -9.027  6.394   1.00 20.23 ? 290  GLU A OE2 1 
ATOM   1438 N N   . VAL A 1 206 ? -12.644 -4.052  6.606   1.00 17.18 ? 291  VAL A N   1 
ATOM   1439 C CA  . VAL A 1 206 ? -13.560 -2.983  6.992   1.00 17.65 ? 291  VAL A CA  1 
ATOM   1440 C C   . VAL A 1 206 ? -13.389 -2.591  8.473   1.00 17.77 ? 291  VAL A C   1 
ATOM   1441 O O   . VAL A 1 206 ? -13.432 -1.409  8.804   1.00 17.51 ? 291  VAL A O   1 
ATOM   1442 C CB  . VAL A 1 206 ? -15.045 -3.258  6.573   1.00 17.72 ? 291  VAL A CB  1 
ATOM   1443 C CG1 . VAL A 1 206 ? -15.674 -4.421  7.360   1.00 17.45 ? 291  VAL A CG1 1 
ATOM   1444 C CG2 . VAL A 1 206 ? -15.881 -1.978  6.696   1.00 18.15 ? 291  VAL A CG2 1 
ATOM   1445 N N   . THR A 1 207 ? -13.132 -3.579  9.332   1.00 17.96 ? 292  THR A N   1 
ATOM   1446 C CA  . THR A 1 207 ? -12.927 -3.329  10.762  1.00 18.31 ? 292  THR A CA  1 
ATOM   1447 C C   . THR A 1 207 ? -11.690 -2.469  11.065  1.00 18.65 ? 292  THR A C   1 
ATOM   1448 O O   . THR A 1 207 ? -11.707 -1.667  12.007  1.00 18.86 ? 292  THR A O   1 
ATOM   1449 C CB  . THR A 1 207 ? -12.892 -4.635  11.587  1.00 18.41 ? 292  THR A CB  1 
ATOM   1450 O OG1 . THR A 1 207 ? -11.908 -5.525  11.045  1.00 18.41 ? 292  THR A OG1 1 
ATOM   1451 C CG2 . THR A 1 207 ? -14.272 -5.322  11.579  1.00 18.11 ? 292  THR A CG2 1 
ATOM   1452 N N   . LYS A 1 208 ? -10.631 -2.626  10.273  1.00 18.73 ? 293  LYS A N   1 
ATOM   1453 C CA  . LYS A 1 208 ? -9.427  -1.808  10.443  1.00 19.12 ? 293  LYS A CA  1 
ATOM   1454 C C   . LYS A 1 208 ? -9.670  -0.374  9.996   1.00 19.04 ? 293  LYS A C   1 
ATOM   1455 O O   . LYS A 1 208 ? -9.194  0.566   10.628  1.00 19.49 ? 293  LYS A O   1 
ATOM   1456 C CB  . LYS A 1 208 ? -8.223  -2.409  9.709   1.00 19.22 ? 293  LYS A CB  1 
ATOM   1457 C CG  . LYS A 1 208 ? -7.655  -3.648  10.392  1.00 20.59 ? 293  LYS A CG  1 
ATOM   1458 C CD  . LYS A 1 208 ? -6.313  -4.062  9.801   1.00 21.97 ? 293  LYS A CD  1 
ATOM   1459 C CE  . LYS A 1 208 ? -5.873  -5.407  10.353  1.00 23.33 ? 293  LYS A CE  1 
ATOM   1460 N NZ  . LYS A 1 208 ? -4.413  -5.646  10.164  1.00 24.59 ? 293  LYS A NZ  1 
ATOM   1461 N N   . VAL A 1 209 ? -10.418 -0.214  8.910   1.00 18.94 ? 294  VAL A N   1 
ATOM   1462 C CA  . VAL A 1 209 ? -10.814 1.098   8.420   1.00 18.96 ? 294  VAL A CA  1 
ATOM   1463 C C   . VAL A 1 209 ? -11.723 1.829   9.423   1.00 19.27 ? 294  VAL A C   1 
ATOM   1464 O O   . VAL A 1 209 ? -11.478 2.993   9.734   1.00 19.57 ? 294  VAL A O   1 
ATOM   1465 C CB  . VAL A 1 209 ? -11.486 0.994   7.038   1.00 19.04 ? 294  VAL A CB  1 
ATOM   1466 C CG1 . VAL A 1 209 ? -12.025 2.351   6.596   1.00 18.29 ? 294  VAL A CG1 1 
ATOM   1467 C CG2 . VAL A 1 209 ? -10.494 0.425   6.005   1.00 18.26 ? 294  VAL A CG2 1 
ATOM   1468 N N   . ASN A 1 210 ? -12.753 1.148   9.931   1.00 19.42 ? 295  ASN A N   1 
ATOM   1469 C CA  . ASN A 1 210 ? -13.573 1.677   11.033  1.00 19.76 ? 295  ASN A CA  1 
ATOM   1470 C C   . ASN A 1 210 ? -12.728 2.226   12.188  1.00 19.70 ? 295  ASN A C   1 
ATOM   1471 O O   . ASN A 1 210 ? -12.930 3.358   12.628  1.00 19.73 ? 295  ASN A O   1 
ATOM   1472 C CB  . ASN A 1 210 ? -14.536 0.611   11.570  1.00 19.65 ? 295  ASN A CB  1 
ATOM   1473 C CG  . ASN A 1 210 ? -15.653 0.274   10.594  1.00 20.75 ? 295  ASN A CG  1 
ATOM   1474 O OD1 . ASN A 1 210 ? -15.878 0.985   9.617   1.00 21.01 ? 295  ASN A OD1 1 
ATOM   1475 N ND2 . ASN A 1 210 ? -16.367 -0.821  10.863  1.00 20.97 ? 295  ASN A ND2 1 
ATOM   1476 N N   . LYS A 1 211 ? -11.775 1.417   12.653  1.00 19.79 ? 296  LYS A N   1 
ATOM   1477 C CA  . LYS A 1 211 ? -10.904 1.773   13.771  1.00 20.17 ? 296  LYS A CA  1 
ATOM   1478 C C   . LYS A 1 211 ? -10.079 3.037   13.489  1.00 20.07 ? 296  LYS A C   1 
ATOM   1479 O O   . LYS A 1 211 ? -10.076 3.963   14.302  1.00 19.44 ? 296  LYS A O   1 
ATOM   1480 C CB  . LYS A 1 211 ? -10.001 0.587   14.135  1.00 20.35 ? 296  LYS A CB  1 
ATOM   1481 C CG  . LYS A 1 211 ? -9.218  0.748   15.425  1.00 21.89 ? 296  LYS A CG  1 
ATOM   1482 C CD  . LYS A 1 211 ? -8.446  -0.535  15.795  1.00 25.47 ? 296  LYS A CD  1 
ATOM   1483 C CE  . LYS A 1 211 ? -9.316  -1.543  16.565  1.00 26.65 ? 296  LYS A CE  1 
ATOM   1484 N NZ  . LYS A 1 211 ? -8.581  -2.800  16.904  1.00 26.79 ? 296  LYS A NZ  1 
ATOM   1485 N N   . ILE A 1 212 ? -9.407  3.079   12.335  1.00 20.35 ? 297  ILE A N   1 
ATOM   1486 C CA  . ILE A 1 212 ? -8.594  4.249   11.957  1.00 20.99 ? 297  ILE A CA  1 
ATOM   1487 C C   . ILE A 1 212 ? -9.450  5.509   11.833  1.00 20.70 ? 297  ILE A C   1 
ATOM   1488 O O   . ILE A 1 212 ? -9.040  6.589   12.263  1.00 20.45 ? 297  ILE A O   1 
ATOM   1489 C CB  . ILE A 1 212 ? -7.734  4.035   10.667  1.00 20.94 ? 297  ILE A CB  1 
ATOM   1490 C CG1 . ILE A 1 212 ? -8.616  3.781   9.447   1.00 22.67 ? 297  ILE A CG1 1 
ATOM   1491 C CG2 . ILE A 1 212 ? -6.729  2.890   10.868  1.00 22.20 ? 297  ILE A CG2 1 
ATOM   1492 C CD1 . ILE A 1 212 ? -7.865  3.829   8.125   1.00 25.56 ? 297  ILE A CD1 1 
ATOM   1493 N N   . MET A 1 213 ? -10.644 5.362   11.267  1.00 20.64 ? 298  MET A N   1 
ATOM   1494 C CA  . MET A 1 213 ? -11.525 6.501   11.071  1.00 20.82 ? 298  MET A CA  1 
ATOM   1495 C C   . MET A 1 213 ? -12.095 7.021   12.399  1.00 20.95 ? 298  MET A C   1 
ATOM   1496 O O   . MET A 1 213 ? -12.098 8.232   12.640  1.00 20.85 ? 298  MET A O   1 
ATOM   1497 C CB  . MET A 1 213 ? -12.623 6.173   10.056  1.00 20.87 ? 298  MET A CB  1 
ATOM   1498 C CG  . MET A 1 213 ? -12.085 5.948   8.638   1.00 20.38 ? 298  MET A CG  1 
ATOM   1499 S SD  . MET A 1 213 ? -11.091 7.333   8.046   1.00 20.34 ? 298  MET A SD  1 
ATOM   1500 C CE  . MET A 1 213 ? -12.374 8.601   7.967   1.00 18.44 ? 298  MET A CE  1 
ATOM   1501 N N   . HIS A 1 214 ? -12.532 6.110   13.268  1.00 20.94 ? 299  HIS A N   1 
ATOM   1502 C CA  . HIS A 1 214 ? -13.012 6.484   14.606  1.00 21.29 ? 299  HIS A CA  1 
ATOM   1503 C C   . HIS A 1 214 ? -11.948 7.263   15.395  1.00 20.97 ? 299  HIS A C   1 
ATOM   1504 O O   . HIS A 1 214 ? -12.259 8.244   16.077  1.00 20.78 ? 299  HIS A O   1 
ATOM   1505 C CB  . HIS A 1 214 ? -13.480 5.254   15.396  1.00 21.40 ? 299  HIS A CB  1 
ATOM   1506 C CG  . HIS A 1 214 ? -13.995 5.579   16.764  1.00 23.52 ? 299  HIS A CG  1 
ATOM   1507 N ND1 . HIS A 1 214 ? -15.186 6.246   16.975  1.00 24.73 ? 299  HIS A ND1 1 
ATOM   1508 C CD2 . HIS A 1 214 ? -13.476 5.340   17.992  1.00 25.03 ? 299  HIS A CD2 1 
ATOM   1509 C CE1 . HIS A 1 214 ? -15.380 6.395   18.273  1.00 25.41 ? 299  HIS A CE1 1 
ATOM   1510 N NE2 . HIS A 1 214 ? -14.357 5.856   18.912  1.00 25.31 ? 299  HIS A NE2 1 
ATOM   1511 N N   . LEU A 1 215 ? -10.695 6.828   15.282  1.00 20.76 ? 300  LEU A N   1 
ATOM   1512 C CA  . LEU A 1 215 ? -9.578  7.552   15.878  1.00 20.87 ? 300  LEU A CA  1 
ATOM   1513 C C   . LEU A 1 215 ? -9.406  8.955   15.273  1.00 20.48 ? 300  LEU A C   1 
ATOM   1514 O O   . LEU A 1 215 ? -9.228  9.922   16.006  1.00 20.43 ? 300  LEU A O   1 
ATOM   1515 C CB  . LEU A 1 215 ? -8.286  6.743   15.750  1.00 21.22 ? 300  LEU A CB  1 
ATOM   1516 C CG  . LEU A 1 215 ? -6.961  7.295   16.281  1.00 22.15 ? 300  LEU A CG  1 
ATOM   1517 C CD1 . LEU A 1 215 ? -7.059  7.811   17.729  1.00 23.15 ? 300  LEU A CD1 1 
ATOM   1518 C CD2 . LEU A 1 215 ? -5.890  6.203   16.173  1.00 23.86 ? 300  LEU A CD2 1 
ATOM   1519 N N   . ALA A 1 216 ? -9.472  9.058   13.948  1.00 19.76 ? 301  ALA A N   1 
ATOM   1520 C CA  . ALA A 1 216 ? -9.289  10.342  13.268  1.00 19.56 ? 301  ALA A CA  1 
ATOM   1521 C C   . ALA A 1 216 ? -10.453 11.308  13.515  1.00 19.27 ? 301  ALA A C   1 
ATOM   1522 O O   . ALA A 1 216 ? -10.250 12.506  13.672  1.00 19.04 ? 301  ALA A O   1 
ATOM   1523 C CB  . ALA A 1 216 ? -9.081  10.133  11.778  1.00 19.19 ? 301  ALA A CB  1 
ATOM   1524 N N   . VAL A 1 217 ? -11.664 10.762  13.542  1.00 19.14 ? 302  VAL A N   1 
ATOM   1525 C CA  . VAL A 1 217 ? -12.886 11.531  13.742  1.00 18.83 ? 302  VAL A CA  1 
ATOM   1526 C C   . VAL A 1 217 ? -12.952 12.098  15.161  1.00 18.53 ? 302  VAL A C   1 
ATOM   1527 O O   . VAL A 1 217 ? -13.373 13.233  15.362  1.00 18.40 ? 302  VAL A O   1 
ATOM   1528 C CB  . VAL A 1 217 ? -14.133 10.667  13.364  1.00 19.26 ? 302  VAL A CB  1 
ATOM   1529 C CG1 . VAL A 1 217 ? -15.367 11.041  14.155  1.00 18.95 ? 302  VAL A CG1 1 
ATOM   1530 C CG2 . VAL A 1 217 ? -14.386 10.750  11.862  1.00 19.24 ? 302  VAL A CG2 1 
ATOM   1531 N N   . ASP A 1 218 ? -12.493 11.315  16.132  1.00 18.29 ? 303  ASP A N   1 
ATOM   1532 C CA  . ASP A 1 218 ? -12.398 11.777  17.505  1.00 17.84 ? 303  ASP A CA  1 
ATOM   1533 C C   . ASP A 1 218 ? -11.522 13.011  17.643  1.00 17.52 ? 303  ASP A C   1 
ATOM   1534 O O   . ASP A 1 218 ? -11.862 13.924  18.399  1.00 17.55 ? 303  ASP A O   1 
ATOM   1535 C CB  . ASP A 1 218 ? -11.883 10.664  18.411  1.00 18.22 ? 303  ASP A CB  1 
ATOM   1536 C CG  . ASP A 1 218 ? -12.984 9.714   18.854  1.00 19.22 ? 303  ASP A CG  1 
ATOM   1537 O OD1 . ASP A 1 218 ? -14.180 10.020  18.635  1.00 19.91 ? 303  ASP A OD1 1 
ATOM   1538 O OD2 . ASP A 1 218 ? -12.645 8.656   19.431  1.00 20.51 ? 303  ASP A OD2 1 
ATOM   1539 N N   . VAL A 1 219 ? -10.404 13.043  16.920  1.00 16.95 ? 304  VAL A N   1 
ATOM   1540 C CA  . VAL A 1 219 ? -9.474  14.177  16.996  1.00 16.33 ? 304  VAL A CA  1 
ATOM   1541 C C   . VAL A 1 219 ? -9.638  15.164  15.833  1.00 16.23 ? 304  VAL A C   1 
ATOM   1542 O O   . VAL A 1 219 ? -8.712  15.914  15.514  1.00 15.87 ? 304  VAL A O   1 
ATOM   1543 C CB  . VAL A 1 219 ? -7.989  13.724  17.123  1.00 16.38 ? 304  VAL A CB  1 
ATOM   1544 C CG1 . VAL A 1 219 ? -7.765  12.976  18.431  1.00 16.02 ? 304  VAL A CG1 1 
ATOM   1545 C CG2 . VAL A 1 219 ? -7.544  12.883  15.906  1.00 16.17 ? 304  VAL A CG2 1 
ATOM   1546 N N   . LEU A 1 220 ? -10.825 15.172  15.220  1.00 16.06 ? 305  LEU A N   1 
ATOM   1547 C CA  . LEU A 1 220 ? -11.105 16.019  14.045  1.00 15.92 ? 305  LEU A CA  1 
ATOM   1548 C C   . LEU A 1 220 ? -10.618 17.479  14.132  1.00 15.64 ? 305  LEU A C   1 
ATOM   1549 O O   . LEU A 1 220 ? -9.982  17.961  13.197  1.00 15.58 ? 305  LEU A O   1 
ATOM   1550 C CB  . LEU A 1 220 ? -12.591 15.961  13.649  1.00 16.01 ? 305  LEU A CB  1 
ATOM   1551 C CG  . LEU A 1 220 ? -12.913 16.312  12.192  1.00 16.62 ? 305  LEU A CG  1 
ATOM   1552 C CD1 . LEU A 1 220 ? -12.267 15.309  11.256  1.00 18.25 ? 305  LEU A CD1 1 
ATOM   1553 C CD2 . LEU A 1 220 ? -14.422 16.375  11.945  1.00 17.71 ? 305  LEU A CD2 1 
ATOM   1554 N N   . PRO A 1 221 ? -10.912 18.188  15.247  1.00 15.76 ? 306  PRO A N   1 
ATOM   1555 C CA  . PRO A 1 221 ? -10.470 19.585  15.346  1.00 15.96 ? 306  PRO A CA  1 
ATOM   1556 C C   . PRO A 1 221 ? -8.946  19.764  15.343  1.00 16.25 ? 306  PRO A C   1 
ATOM   1557 O O   . PRO A 1 221 ? -8.458  20.817  14.934  1.00 15.95 ? 306  PRO A O   1 
ATOM   1558 C CB  . PRO A 1 221 ? -11.059 20.048  16.685  1.00 15.95 ? 306  PRO A CB  1 
ATOM   1559 C CG  . PRO A 1 221 ? -12.213 19.152  16.907  1.00 15.74 ? 306  PRO A CG  1 
ATOM   1560 C CD  . PRO A 1 221 ? -11.725 17.816  16.415  1.00 15.56 ? 306  PRO A CD  1 
ATOM   1561 N N   . LEU A 1 222 ? -8.210  18.741  15.781  1.00 16.64 ? 307  LEU A N   1 
ATOM   1562 C CA  . LEU A 1 222 ? -6.748  18.776  15.749  1.00 17.12 ? 307  LEU A CA  1 
ATOM   1563 C C   . LEU A 1 222 ? -6.212  18.634  14.323  1.00 17.14 ? 307  LEU A C   1 
ATOM   1564 O O   . LEU A 1 222 ? -5.245  19.299  13.952  1.00 17.19 ? 307  LEU A O   1 
ATOM   1565 C CB  . LEU A 1 222 ? -6.142  17.732  16.699  1.00 16.95 ? 307  LEU A CB  1 
ATOM   1566 C CG  . LEU A 1 222 ? -6.455  18.010  18.181  1.00 18.17 ? 307  LEU A CG  1 
ATOM   1567 C CD1 . LEU A 1 222 ? -6.122  16.815  19.067  1.00 18.53 ? 307  LEU A CD1 1 
ATOM   1568 C CD2 . LEU A 1 222 ? -5.745  19.271  18.680  1.00 17.96 ? 307  LEU A CD2 1 
ATOM   1569 N N   . ILE A 1 223 ? -6.858  17.791  13.524  1.00 17.53 ? 308  ILE A N   1 
ATOM   1570 C CA  . ILE A 1 223 ? -6.511  17.649  12.107  1.00 17.54 ? 308  ILE A CA  1 
ATOM   1571 C C   . ILE A 1 223 ? -6.743  18.978  11.383  1.00 18.01 ? 308  ILE A C   1 
ATOM   1572 O O   . ILE A 1 223 ? -5.910  19.400  10.578  1.00 18.00 ? 308  ILE A O   1 
ATOM   1573 C CB  . ILE A 1 223 ? -7.303  16.508  11.421  1.00 17.27 ? 308  ILE A CB  1 
ATOM   1574 C CG1 . ILE A 1 223 ? -7.054  15.174  12.146  1.00 17.18 ? 308  ILE A CG1 1 
ATOM   1575 C CG2 . ILE A 1 223 ? -6.937  16.417  9.923   1.00 16.15 ? 308  ILE A CG2 1 
ATOM   1576 C CD1 . ILE A 1 223 ? -7.984  14.023  11.743  1.00 15.21 ? 308  ILE A CD1 1 
ATOM   1577 N N   . GLN A 1 224 ? -7.859  19.636  11.708  1.00 18.35 ? 309  GLN A N   1 
ATOM   1578 C CA  . GLN A 1 224 ? -8.242  20.908  11.090  1.00 18.96 ? 309  GLN A CA  1 
ATOM   1579 C C   . GLN A 1 224 ? -7.234  22.023  11.388  1.00 19.38 ? 309  GLN A C   1 
ATOM   1580 O O   . GLN A 1 224 ? -6.807  22.742  10.481  1.00 19.27 ? 309  GLN A O   1 
ATOM   1581 C CB  . GLN A 1 224 ? -9.649  21.328  11.538  1.00 18.76 ? 309  GLN A CB  1 
ATOM   1582 C CG  . GLN A 1 224 ? -10.118 22.654  10.945  1.00 19.13 ? 309  GLN A CG  1 
ATOM   1583 C CD  . GLN A 1 224 ? -11.540 23.033  11.341  1.00 20.26 ? 309  GLN A CD  1 
ATOM   1584 O OE1 . GLN A 1 224 ? -12.148 22.420  12.223  1.00 20.55 ? 309  GLN A OE1 1 
ATOM   1585 N NE2 . GLN A 1 224 ? -12.074 24.061  10.689  1.00 20.29 ? 309  GLN A NE2 1 
ATOM   1586 N N   . ALA A 1 225 ? -6.865  22.153  12.659  1.00 19.80 ? 310  ALA A N   1 
ATOM   1587 C CA  . ALA A 1 225 ? -5.886  23.144  13.082  1.00 20.51 ? 310  ALA A CA  1 
ATOM   1588 C C   . ALA A 1 225 ? -4.534  22.902  12.410  1.00 21.02 ? 310  ALA A C   1 
ATOM   1589 O O   . ALA A 1 225 ? -3.847  23.849  12.033  1.00 21.30 ? 310  ALA A O   1 
ATOM   1590 C CB  . ALA A 1 225 ? -5.750  23.143  14.600  1.00 20.50 ? 310  ALA A CB  1 
ATOM   1591 N N   . ALA A 1 226 ? -4.163  21.635  12.245  1.00 21.42 ? 311  ALA A N   1 
ATOM   1592 C CA  . ALA A 1 226 ? -2.950  21.296  11.511  1.00 21.91 ? 311  ALA A CA  1 
ATOM   1593 C C   . ALA A 1 226 ? -3.102  21.664  10.033  1.00 22.17 ? 311  ALA A C   1 
ATOM   1594 O O   . ALA A 1 226 ? -2.162  22.170  9.415   1.00 22.18 ? 311  ALA A O   1 
ATOM   1595 C CB  . ALA A 1 226 ? -2.619  19.824  11.672  1.00 21.91 ? 311  ALA A CB  1 
ATOM   1596 N N   . PHE A 1 227 ? -4.296  21.430  9.490   1.00 22.41 ? 312  PHE A N   1 
ATOM   1597 C CA  . PHE A 1 227 ? -4.612  21.750  8.098   1.00 22.85 ? 312  PHE A CA  1 
ATOM   1598 C C   . PHE A 1 227 ? -4.634  23.261  7.849   1.00 23.25 ? 312  PHE A C   1 
ATOM   1599 O O   . PHE A 1 227 ? -4.145  23.728  6.820   1.00 23.53 ? 312  PHE A O   1 
ATOM   1600 C CB  . PHE A 1 227 ? -5.954  21.113  7.700   1.00 22.80 ? 312  PHE A CB  1 
ATOM   1601 C CG  . PHE A 1 227 ? -6.309  21.275  6.244   1.00 22.77 ? 312  PHE A CG  1 
ATOM   1602 C CD1 . PHE A 1 227 ? -6.067  20.251  5.338   1.00 22.66 ? 312  PHE A CD1 1 
ATOM   1603 C CD2 . PHE A 1 227 ? -6.903  22.445  5.781   1.00 22.80 ? 312  PHE A CD2 1 
ATOM   1604 C CE1 . PHE A 1 227 ? -6.404  20.389  3.997   1.00 22.70 ? 312  PHE A CE1 1 
ATOM   1605 C CE2 . PHE A 1 227 ? -7.235  22.594  4.441   1.00 22.46 ? 312  PHE A CE2 1 
ATOM   1606 C CZ  . PHE A 1 227 ? -6.986  21.562  3.547   1.00 22.61 ? 312  PHE A CZ  1 
ATOM   1607 N N   . GLN A 1 228 ? -5.205  24.014  8.790   1.00 23.52 ? 313  GLN A N   1 
ATOM   1608 C CA  . GLN A 1 228 ? -5.332  25.471  8.674   1.00 23.69 ? 313  GLN A CA  1 
ATOM   1609 C C   . GLN A 1 228 ? -4.238  26.179  9.470   1.00 23.62 ? 313  GLN A C   1 
ATOM   1610 O O   . GLN A 1 228 ? -3.472  26.970  8.924   1.00 23.40 ? 313  GLN A O   1 
ATOM   1611 C CB  . GLN A 1 228 ? -6.713  25.940  9.155   1.00 23.70 ? 313  GLN A CB  1 
ATOM   1612 C CG  . GLN A 1 228 ? -7.884  25.556  8.239   1.00 24.67 ? 313  GLN A CG  1 
ATOM   1613 C CD  . GLN A 1 228 ? -9.236  26.048  8.756   1.00 26.46 ? 313  GLN A CD  1 
ATOM   1614 O OE1 . GLN A 1 228 ? -9.647  25.727  9.871   1.00 27.20 ? 313  GLN A OE1 1 
ATOM   1615 N NE2 . GLN A 1 228 ? -9.931  26.828  7.939   1.00 26.99 ? 313  GLN A NE2 1 
HETATM 1616 C C1  . EDO B 2 .   ? -6.647  -0.246  6.410   1.00 22.83 ? 1000 EDO A C1  1 
HETATM 1617 O O1  . EDO B 2 .   ? -5.760  -0.922  7.303   1.00 21.88 ? 1000 EDO A O1  1 
HETATM 1618 C C2  . EDO B 2 .   ? -6.036  1.067   5.916   1.00 23.03 ? 1000 EDO A C2  1 
HETATM 1619 O O2  . EDO B 2 .   ? -4.606  0.989   5.826   1.00 23.41 ? 1000 EDO A O2  1 
HETATM 1620 O O   . HOH C 3 .   ? 4.206   3.955   -6.659  1.00 14.12 ? 1    HOH A O   1 
HETATM 1621 O O   . HOH C 3 .   ? 12.221  -20.071 -5.462  1.00 15.38 ? 2    HOH A O   1 
HETATM 1622 O O   . HOH C 3 .   ? 8.805   -2.047  -13.330 1.00 13.84 ? 3    HOH A O   1 
HETATM 1623 O O   . HOH C 3 .   ? 10.292  -20.678 -12.904 1.00 12.73 ? 4    HOH A O   1 
HETATM 1624 O O   . HOH C 3 .   ? -12.297 -6.752  8.432   1.00 19.93 ? 5    HOH A O   1 
HETATM 1625 O O   . HOH C 3 .   ? 8.898   -13.449 6.092   1.00 19.40 ? 6    HOH A O   1 
HETATM 1626 O O   . HOH C 3 .   ? 1.774   1.256   4.112   1.00 12.78 ? 7    HOH A O   1 
HETATM 1627 O O   . HOH C 3 .   ? -6.966  -3.636  5.908   1.00 24.40 ? 8    HOH A O   1 
HETATM 1628 O O   . HOH C 3 .   ? -15.753 13.570  -7.756  1.00 11.22 ? 9    HOH A O   1 
HETATM 1629 O O   . HOH C 3 .   ? 3.642   10.769  -2.204  1.00 25.17 ? 10   HOH A O   1 
HETATM 1630 O O   . HOH C 3 .   ? -2.855  15.272  19.011  1.00 13.70 ? 11   HOH A O   1 
HETATM 1631 O O   . HOH C 3 .   ? -0.218  -5.093  8.336   1.00 18.19 ? 12   HOH A O   1 
HETATM 1632 O O   . HOH C 3 .   ? 15.751  -11.580 -13.292 1.00 17.23 ? 13   HOH A O   1 
HETATM 1633 O O   . HOH C 3 .   ? 1.155   15.464  0.794   1.00 20.75 ? 14   HOH A O   1 
HETATM 1634 O O   . HOH C 3 .   ? 6.879   -4.491  0.066   1.00 22.91 ? 15   HOH A O   1 
HETATM 1635 O O   . HOH C 3 .   ? -4.589  3.889   -12.602 0.50 14.82 ? 16   HOH A O   1 
HETATM 1636 O O   . HOH C 3 .   ? 5.728   3.962   -4.220  1.00 17.20 ? 17   HOH A O   1 
HETATM 1637 O O   . HOH C 3 .   ? -1.983  5.080   -8.878  1.00 11.71 ? 18   HOH A O   1 
HETATM 1638 O O   . HOH C 3 .   ? 10.965  -2.773  3.835   1.00 12.42 ? 19   HOH A O   1 
HETATM 1639 O O   . HOH C 3 .   ? -0.319  -1.047  4.906   1.00 26.66 ? 20   HOH A O   1 
HETATM 1640 O O   . HOH C 3 .   ? 20.051  -11.929 -3.467  1.00 32.13 ? 21   HOH A O   1 
HETATM 1641 O O   . HOH C 3 .   ? 5.774   -7.268  7.220   1.00 10.41 ? 22   HOH A O   1 
HETATM 1642 O O   . HOH C 3 .   ? -5.583  -1.126  -1.012  1.00 18.27 ? 23   HOH A O   1 
HETATM 1643 O O   . HOH C 3 .   ? -4.051  3.683   -10.110 1.00 17.06 ? 24   HOH A O   1 
HETATM 1644 O O   . HOH C 3 .   ? 6.357   -2.912  -12.792 1.00 14.65 ? 25   HOH A O   1 
HETATM 1645 O O   . HOH C 3 .   ? -5.324  -5.710  6.286   1.00 18.40 ? 26   HOH A O   1 
HETATM 1646 O O   . HOH C 3 .   ? -15.338 -2.329  13.510  1.00 25.21 ? 27   HOH A O   1 
HETATM 1647 O O   . HOH C 3 .   ? -9.836  -4.758  13.323  1.00 39.94 ? 28   HOH A O   1 
HETATM 1648 O O   . HOH C 3 .   ? 7.163   -5.571  -16.759 1.00 29.73 ? 29   HOH A O   1 
HETATM 1649 O O   . HOH C 3 .   ? 1.338   11.966  13.640  1.00 29.34 ? 30   HOH A O   1 
HETATM 1650 O O   . HOH C 3 .   ? 6.351   -18.540 -15.345 1.00 43.64 ? 31   HOH A O   1 
HETATM 1651 O O   . HOH C 3 .   ? 16.544  -21.260 -3.511  1.00 30.07 ? 32   HOH A O   1 
HETATM 1652 O O   . HOH C 3 .   ? 2.509   -0.600  2.628   1.00 15.53 ? 33   HOH A O   1 
HETATM 1653 O O   . HOH C 3 .   ? -7.275  2.556   -9.542  1.00 42.70 ? 34   HOH A O   1 
HETATM 1654 O O   . HOH C 3 .   ? 14.023  -12.675 -15.608 1.00 17.46 ? 35   HOH A O   1 
HETATM 1655 O O   . HOH C 3 .   ? 23.277  -22.767 -3.426  1.00 14.31 ? 36   HOH A O   1 
HETATM 1656 O O   . HOH C 3 .   ? -3.494  -14.819 -2.645  1.00 56.06 ? 37   HOH A O   1 
HETATM 1657 O O   . HOH C 3 .   ? 7.373   2.799   -0.651  1.00 13.71 ? 38   HOH A O   1 
HETATM 1658 O O   . HOH C 3 .   ? -1.787  20.963  5.183   1.00 14.91 ? 39   HOH A O   1 
HETATM 1659 O O   . HOH C 3 .   ? 18.175  1.800   -7.251  1.00 30.69 ? 40   HOH A O   1 
HETATM 1660 O O   . HOH C 3 .   ? -5.025  -3.547  -5.981  1.00 57.52 ? 41   HOH A O   1 
HETATM 1661 O O   . HOH C 3 .   ? 4.872   -2.629  -14.741 1.00 13.56 ? 42   HOH A O   1 
HETATM 1662 O O   . HOH C 3 .   ? 1.766   10.483  20.098  1.00 27.65 ? 43   HOH A O   1 
HETATM 1663 O O   . HOH C 3 .   ? -0.877  -11.686 6.165   1.00 15.23 ? 44   HOH A O   1 
HETATM 1664 O O   . HOH C 3 .   ? -8.509  21.494  -7.432  1.00 21.77 ? 45   HOH A O   1 
HETATM 1665 O O   . HOH C 3 .   ? 10.954  -20.923 5.334   1.00 17.63 ? 46   HOH A O   1 
HETATM 1666 O O   . HOH C 3 .   ? 2.129   -1.701  -15.448 1.00 19.68 ? 47   HOH A O   1 
HETATM 1667 O O   . HOH C 3 .   ? -3.239  -7.196  -17.074 1.00 18.16 ? 48   HOH A O   1 
HETATM 1668 O O   . HOH C 3 .   ? 12.981  -0.924  -4.525  1.00 14.70 ? 49   HOH A O   1 
HETATM 1669 O O   . HOH C 3 .   ? 17.370  -2.849  2.438   1.00 21.65 ? 50   HOH A O   1 
HETATM 1670 O O   . HOH C 3 .   ? -1.571  0.067   6.748   1.00 14.71 ? 51   HOH A O   1 
HETATM 1671 O O   . HOH C 3 .   ? -15.028 17.467  1.653   1.00 28.04 ? 52   HOH A O   1 
HETATM 1672 O O   . HOH C 3 .   ? -9.325  14.583  -12.351 1.00 17.69 ? 53   HOH A O   1 
HETATM 1673 O O   . HOH C 3 .   ? 3.189   -1.873  -3.267  1.00 20.96 ? 54   HOH A O   1 
HETATM 1674 O O   . HOH C 3 .   ? -2.429  -12.883 -12.004 1.00 29.73 ? 55   HOH A O   1 
HETATM 1675 O O   . HOH C 3 .   ? -11.227 -7.170  13.504  1.00 21.06 ? 56   HOH A O   1 
# 
